data_2D99
#
_entry.id   2D99
#
_entity_poly.entity_id   1
_entity_poly.type   'polypeptide(L)'
_entity_poly.pdbx_seq_one_letter_code
;GSSGSSGLRKMVEEVFDVLYSEALGRASVVPLPYERLLREPGLLAVQGLPEGLAFRRPAEYDPKALMAILEHSHRIRFKL
KRPSSGPSSG
;
_entity_poly.pdbx_strand_id   A
#
# COMPACT_ATOMS: atom_id res chain seq x y z
N GLY A 1 -20.63 -11.50 4.61
CA GLY A 1 -20.22 -11.49 6.01
C GLY A 1 -19.87 -10.06 6.47
N SER A 2 -18.80 -9.98 7.24
CA SER A 2 -18.34 -8.70 7.75
C SER A 2 -16.84 -8.53 7.50
N SER A 3 -16.40 -7.29 7.57
CA SER A 3 -14.99 -6.99 7.36
C SER A 3 -14.68 -5.57 7.84
N GLY A 4 -13.92 -5.51 8.92
CA GLY A 4 -13.55 -4.22 9.49
C GLY A 4 -14.78 -3.37 9.80
N SER A 5 -14.54 -2.24 10.44
CA SER A 5 -15.62 -1.34 10.80
C SER A 5 -15.05 -0.02 11.34
N SER A 6 -14.61 0.82 10.42
CA SER A 6 -14.04 2.11 10.79
C SER A 6 -12.78 1.90 11.63
N GLY A 7 -11.64 2.10 10.99
CA GLY A 7 -10.36 1.93 11.65
C GLY A 7 -9.23 2.59 10.86
N LEU A 8 -8.44 3.38 11.57
CA LEU A 8 -7.33 4.07 10.94
C LEU A 8 -6.48 3.06 10.16
N ARG A 9 -6.04 2.03 10.86
CA ARG A 9 -5.23 1.00 10.25
C ARG A 9 -6.06 0.18 9.27
N LYS A 10 -7.31 -0.05 9.65
CA LYS A 10 -8.22 -0.81 8.81
C LYS A 10 -8.50 -0.04 7.53
N MET A 11 -8.25 1.26 7.59
CA MET A 11 -8.48 2.13 6.45
C MET A 11 -7.31 2.04 5.46
N VAL A 12 -6.13 1.83 6.01
CA VAL A 12 -4.94 1.72 5.18
C VAL A 12 -4.68 0.25 4.85
N GLU A 13 -5.26 -0.62 5.68
CA GLU A 13 -5.10 -2.05 5.48
C GLU A 13 -5.56 -2.45 4.08
N GLU A 14 -6.51 -1.68 3.57
CA GLU A 14 -7.04 -1.94 2.23
C GLU A 14 -6.28 -1.12 1.19
N VAL A 15 -5.93 0.10 1.58
CA VAL A 15 -5.21 0.99 0.68
C VAL A 15 -4.03 0.23 0.07
N PHE A 16 -3.02 -0.01 0.89
CA PHE A 16 -1.83 -0.71 0.43
C PHE A 16 -2.22 -1.93 -0.42
N ASP A 17 -3.26 -2.62 0.02
CA ASP A 17 -3.73 -3.79 -0.69
C ASP A 17 -4.24 -3.38 -2.07
N VAL A 18 -5.11 -2.39 -2.07
CA VAL A 18 -5.68 -1.89 -3.32
C VAL A 18 -4.54 -1.46 -4.25
N LEU A 19 -3.80 -0.47 -3.79
CA LEU A 19 -2.69 0.05 -4.57
C LEU A 19 -1.88 -1.11 -5.15
N TYR A 20 -1.50 -2.02 -4.26
CA TYR A 20 -0.73 -3.19 -4.65
C TYR A 20 -1.43 -3.95 -5.79
N SER A 21 -2.69 -4.27 -5.53
CA SER A 21 -3.48 -4.99 -6.51
C SER A 21 -3.58 -4.19 -7.81
N GLU A 22 -3.63 -2.87 -7.65
CA GLU A 22 -3.72 -1.98 -8.79
C GLU A 22 -2.47 -2.09 -9.66
N ALA A 23 -1.32 -2.07 -9.00
CA ALA A 23 -0.06 -2.18 -9.69
C ALA A 23 0.12 -3.60 -10.22
N LEU A 24 -0.49 -4.54 -9.52
CA LEU A 24 -0.42 -5.94 -9.91
C LEU A 24 -1.36 -6.19 -11.09
N GLY A 25 -2.36 -5.33 -11.19
CA GLY A 25 -3.34 -5.45 -12.26
C GLY A 25 -4.20 -6.71 -12.09
N ARG A 26 -4.63 -6.93 -10.85
CA ARG A 26 -5.45 -8.08 -10.54
C ARG A 26 -6.92 -7.68 -10.52
N ALA A 27 -7.78 -8.70 -10.40
CA ALA A 27 -9.21 -8.47 -10.38
C ALA A 27 -9.67 -8.31 -8.93
N SER A 28 -9.20 -9.22 -8.08
CA SER A 28 -9.55 -9.19 -6.68
C SER A 28 -8.47 -8.45 -5.89
N VAL A 29 -8.87 -7.93 -4.73
CA VAL A 29 -7.96 -7.20 -3.88
C VAL A 29 -7.15 -8.19 -3.04
N VAL A 30 -5.88 -8.29 -3.36
CA VAL A 30 -4.99 -9.19 -2.65
C VAL A 30 -4.30 -8.43 -1.51
N PRO A 31 -3.86 -9.21 -0.49
CA PRO A 31 -3.20 -8.63 0.67
C PRO A 31 -1.76 -8.23 0.32
N LEU A 32 -1.12 -7.55 1.26
CA LEU A 32 0.24 -7.11 1.07
C LEU A 32 1.16 -7.83 2.07
N PRO A 33 1.88 -8.85 1.56
CA PRO A 33 2.79 -9.62 2.38
C PRO A 33 4.06 -8.83 2.69
N TYR A 34 3.93 -7.88 3.62
CA TYR A 34 5.05 -7.06 4.01
C TYR A 34 6.27 -7.91 4.38
N GLU A 35 6.03 -8.84 5.30
CA GLU A 35 7.09 -9.73 5.74
C GLU A 35 7.98 -10.14 4.56
N ARG A 36 7.37 -10.20 3.39
CA ARG A 36 8.08 -10.57 2.19
C ARG A 36 8.58 -9.33 1.47
N LEU A 37 7.63 -8.56 0.94
CA LEU A 37 7.97 -7.35 0.21
C LEU A 37 9.06 -6.59 0.97
N LEU A 38 9.00 -6.70 2.29
CA LEU A 38 9.97 -6.03 3.14
C LEU A 38 11.36 -6.63 2.89
N ARG A 39 11.41 -7.95 2.91
CA ARG A 39 12.66 -8.65 2.69
C ARG A 39 13.32 -8.17 1.40
N GLU A 40 12.52 -8.14 0.33
CA GLU A 40 13.02 -7.70 -0.95
C GLU A 40 12.32 -6.40 -1.37
N PRO A 41 13.05 -5.27 -1.22
CA PRO A 41 12.52 -3.97 -1.58
C PRO A 41 12.49 -3.78 -3.10
N GLY A 42 13.40 -4.48 -3.76
CA GLY A 42 13.50 -4.40 -5.21
C GLY A 42 12.28 -5.05 -5.87
N LEU A 43 11.71 -6.02 -5.16
CA LEU A 43 10.56 -6.73 -5.66
C LEU A 43 9.39 -5.75 -5.81
N LEU A 44 9.24 -4.90 -4.80
CA LEU A 44 8.17 -3.91 -4.81
C LEU A 44 8.57 -2.73 -3.91
N ALA A 45 8.78 -1.59 -4.55
CA ALA A 45 9.16 -0.39 -3.84
C ALA A 45 7.93 0.50 -3.64
N VAL A 46 7.80 1.01 -2.42
CA VAL A 46 6.67 1.87 -2.10
C VAL A 46 7.10 3.33 -2.21
N GLN A 47 6.40 4.05 -3.08
CA GLN A 47 6.70 5.46 -3.30
C GLN A 47 5.48 6.33 -2.97
N GLY A 48 5.72 7.62 -2.86
CA GLY A 48 4.66 8.56 -2.54
C GLY A 48 4.14 8.34 -1.13
N LEU A 49 5.04 7.87 -0.27
CA LEU A 49 4.69 7.62 1.12
C LEU A 49 4.60 8.95 1.87
N PRO A 50 3.97 8.89 3.08
CA PRO A 50 3.82 10.08 3.90
C PRO A 50 5.14 10.47 4.56
N GLU A 51 5.70 11.57 4.08
CA GLU A 51 6.96 12.06 4.61
C GLU A 51 7.04 11.79 6.12
N GLY A 52 8.24 11.47 6.57
CA GLY A 52 8.47 11.18 7.97
C GLY A 52 7.83 9.85 8.37
N LEU A 53 8.21 8.80 7.64
CA LEU A 53 7.68 7.48 7.91
C LEU A 53 8.58 6.44 7.25
N ALA A 54 8.09 5.20 7.24
CA ALA A 54 8.84 4.11 6.64
C ALA A 54 7.87 3.01 6.20
N PHE A 55 8.16 2.43 5.04
CA PHE A 55 7.32 1.37 4.50
C PHE A 55 7.23 0.20 5.47
N ARG A 56 6.06 0.04 6.06
CA ARG A 56 5.82 -1.03 7.01
C ARG A 56 4.32 -1.23 7.22
N ARG A 57 3.99 -2.37 7.80
CA ARG A 57 2.59 -2.70 8.07
C ARG A 57 1.83 -1.44 8.50
N PRO A 58 0.49 -1.49 8.28
CA PRO A 58 -0.37 -0.37 8.64
C PRO A 58 -0.58 -0.31 10.15
N ALA A 59 -0.38 -1.46 10.80
CA ALA A 59 -0.55 -1.55 12.24
C ALA A 59 0.72 -1.02 12.93
N GLU A 60 1.85 -1.56 12.51
CA GLU A 60 3.13 -1.16 13.07
C GLU A 60 3.26 0.36 13.07
N TYR A 61 2.76 0.97 12.00
CA TYR A 61 2.80 2.42 11.87
C TYR A 61 2.25 3.10 13.12
N ASP A 62 2.42 4.41 13.15
CA ASP A 62 1.94 5.19 14.29
C ASP A 62 0.47 5.56 14.06
N PRO A 63 -0.08 6.34 15.04
CA PRO A 63 -1.47 6.76 14.95
C PRO A 63 -1.64 7.88 13.93
N LYS A 64 -0.88 8.95 14.13
CA LYS A 64 -0.94 10.09 13.23
C LYS A 64 -0.44 9.67 11.85
N ALA A 65 0.34 8.60 11.84
CA ALA A 65 0.89 8.09 10.59
C ALA A 65 -0.26 7.63 9.69
N LEU A 66 -1.00 6.64 10.17
CA LEU A 66 -2.12 6.11 9.42
C LEU A 66 -2.94 7.27 8.85
N MET A 67 -3.18 8.26 9.69
CA MET A 67 -3.94 9.42 9.27
C MET A 67 -3.22 10.20 8.18
N ALA A 68 -1.90 10.15 8.24
CA ALA A 68 -1.08 10.85 7.25
C ALA A 68 -0.96 9.98 6.00
N ILE A 69 -1.23 8.68 6.18
CA ILE A 69 -1.15 7.74 5.08
C ILE A 69 -2.44 7.83 4.25
N LEU A 70 -3.56 7.89 4.95
CA LEU A 70 -4.85 7.97 4.31
C LEU A 70 -5.00 9.36 3.67
N GLU A 71 -4.23 10.31 4.19
CA GLU A 71 -4.27 11.67 3.68
C GLU A 71 -3.26 11.84 2.56
N HIS A 72 -2.09 11.24 2.75
CA HIS A 72 -1.03 11.33 1.77
C HIS A 72 -1.21 10.22 0.72
N SER A 73 -2.12 9.31 1.03
CA SER A 73 -2.40 8.20 0.13
C SER A 73 -2.42 8.69 -1.32
N HIS A 74 -3.12 9.80 -1.53
CA HIS A 74 -3.23 10.37 -2.85
C HIS A 74 -1.87 10.31 -3.56
N ARG A 75 -0.82 10.31 -2.75
CA ARG A 75 0.53 10.26 -3.27
C ARG A 75 1.04 8.81 -3.27
N ILE A 76 0.76 8.12 -2.17
CA ILE A 76 1.18 6.74 -2.03
C ILE A 76 1.03 6.02 -3.38
N ARG A 77 2.13 5.46 -3.84
CA ARG A 77 2.13 4.74 -5.11
C ARG A 77 3.09 3.56 -5.04
N PHE A 78 2.59 2.41 -5.50
CA PHE A 78 3.40 1.21 -5.50
C PHE A 78 4.21 1.09 -6.79
N LYS A 79 5.34 0.39 -6.67
CA LYS A 79 6.22 0.20 -7.82
C LYS A 79 6.70 -1.25 -7.85
N LEU A 80 6.31 -1.94 -8.92
CA LEU A 80 6.70 -3.33 -9.09
C LEU A 80 8.02 -3.40 -9.85
N LYS A 81 8.75 -4.48 -9.59
CA LYS A 81 10.04 -4.68 -10.23
C LYS A 81 9.87 -4.56 -11.74
N ARG A 82 8.66 -4.85 -12.19
CA ARG A 82 8.35 -4.79 -13.61
C ARG A 82 7.83 -3.40 -13.98
N PRO A 83 8.29 -2.91 -15.16
CA PRO A 83 7.88 -1.61 -15.64
C PRO A 83 6.45 -1.63 -16.16
N SER A 84 5.87 -0.45 -16.31
CA SER A 84 4.51 -0.32 -16.80
C SER A 84 3.52 -0.71 -15.70
N SER A 85 3.26 0.26 -14.82
CA SER A 85 2.35 0.05 -13.72
C SER A 85 0.93 0.45 -14.13
N GLY A 86 -0.03 -0.40 -13.76
CA GLY A 86 -1.42 -0.14 -14.09
C GLY A 86 -1.92 1.12 -13.38
N PRO A 87 -2.20 2.17 -14.20
CA PRO A 87 -2.69 3.42 -13.67
C PRO A 87 -4.16 3.32 -13.26
N SER A 88 -4.49 4.05 -12.20
CA SER A 88 -5.86 4.04 -11.70
C SER A 88 -6.83 4.46 -12.81
N SER A 89 -6.62 5.67 -13.31
CA SER A 89 -7.45 6.21 -14.37
C SER A 89 -6.81 7.44 -14.98
N GLY A 90 -6.54 8.43 -14.13
CA GLY A 90 -5.93 9.66 -14.58
C GLY A 90 -4.85 9.38 -15.63
N GLY A 1 -12.23 -8.80 -0.98
CA GLY A 1 -11.99 -7.63 -0.15
C GLY A 1 -13.20 -6.70 -0.15
N SER A 2 -12.92 -5.41 -0.20
CA SER A 2 -13.98 -4.41 -0.20
C SER A 2 -14.81 -4.53 1.08
N SER A 3 -14.49 -3.66 2.03
CA SER A 3 -15.19 -3.66 3.30
C SER A 3 -14.54 -2.64 4.25
N GLY A 4 -15.35 -1.67 4.66
CA GLY A 4 -14.87 -0.64 5.57
C GLY A 4 -16.01 -0.11 6.45
N SER A 5 -15.69 0.09 7.71
CA SER A 5 -16.67 0.60 8.66
C SER A 5 -16.06 1.73 9.49
N SER A 6 -15.01 1.39 10.22
CA SER A 6 -14.33 2.36 11.06
C SER A 6 -13.03 1.77 11.62
N GLY A 7 -11.93 2.31 11.14
CA GLY A 7 -10.62 1.84 11.57
C GLY A 7 -9.50 2.48 10.73
N LEU A 8 -8.61 3.17 11.42
CA LEU A 8 -7.50 3.82 10.75
C LEU A 8 -6.59 2.76 10.14
N ARG A 9 -6.06 1.90 10.99
CA ARG A 9 -5.18 0.84 10.54
C ARG A 9 -5.90 -0.06 9.53
N LYS A 10 -7.21 -0.19 9.72
CA LYS A 10 -8.01 -1.00 8.84
C LYS A 10 -8.18 -0.30 7.50
N MET A 11 -8.25 1.03 7.56
CA MET A 11 -8.40 1.83 6.37
C MET A 11 -7.18 1.70 5.45
N VAL A 12 -6.02 2.02 6.01
CA VAL A 12 -4.78 1.93 5.25
C VAL A 12 -4.55 0.49 4.81
N GLU A 13 -4.94 -0.43 5.67
CA GLU A 13 -4.80 -1.85 5.38
C GLU A 13 -5.25 -2.14 3.95
N GLU A 14 -6.44 -1.64 3.62
CA GLU A 14 -6.99 -1.84 2.30
C GLU A 14 -6.24 -1.01 1.27
N VAL A 15 -5.92 0.21 1.65
CA VAL A 15 -5.18 1.12 0.78
C VAL A 15 -4.00 0.37 0.16
N PHE A 16 -3.05 0.03 1.01
CA PHE A 16 -1.87 -0.68 0.56
C PHE A 16 -2.24 -1.90 -0.28
N ASP A 17 -3.34 -2.53 0.10
CA ASP A 17 -3.83 -3.69 -0.60
C ASP A 17 -4.28 -3.29 -2.00
N VAL A 18 -5.24 -2.37 -2.03
CA VAL A 18 -5.77 -1.89 -3.30
C VAL A 18 -4.61 -1.49 -4.21
N LEU A 19 -3.89 -0.45 -3.79
CA LEU A 19 -2.76 0.02 -4.56
C LEU A 19 -1.98 -1.16 -5.13
N TYR A 20 -1.50 -1.99 -4.22
CA TYR A 20 -0.74 -3.17 -4.62
C TYR A 20 -1.47 -3.95 -5.73
N SER A 21 -2.73 -4.25 -5.46
CA SER A 21 -3.54 -4.98 -6.41
C SER A 21 -3.63 -4.21 -7.73
N GLU A 22 -3.68 -2.89 -7.61
CA GLU A 22 -3.76 -2.04 -8.77
C GLU A 22 -2.49 -2.14 -9.60
N ALA A 23 -1.36 -2.13 -8.89
CA ALA A 23 -0.06 -2.21 -9.55
C ALA A 23 0.14 -3.64 -10.07
N LEU A 24 -0.48 -4.59 -9.37
CA LEU A 24 -0.37 -5.98 -9.74
C LEU A 24 -1.22 -6.24 -10.98
N GLY A 25 -2.21 -5.38 -11.16
CA GLY A 25 -3.12 -5.51 -12.30
C GLY A 25 -3.97 -6.76 -12.18
N ARG A 26 -4.35 -7.07 -10.94
CA ARG A 26 -5.17 -8.24 -10.68
C ARG A 26 -6.66 -7.87 -10.77
N ALA A 27 -7.50 -8.88 -10.56
CA ALA A 27 -8.94 -8.68 -10.61
C ALA A 27 -9.46 -8.45 -9.19
N SER A 28 -9.04 -9.32 -8.29
CA SER A 28 -9.46 -9.22 -6.90
C SER A 28 -8.40 -8.47 -6.09
N VAL A 29 -8.83 -8.01 -4.92
CA VAL A 29 -7.93 -7.27 -4.05
C VAL A 29 -7.13 -8.27 -3.19
N VAL A 30 -5.83 -8.28 -3.41
CA VAL A 30 -4.95 -9.17 -2.68
C VAL A 30 -4.29 -8.40 -1.54
N PRO A 31 -3.86 -9.15 -0.49
CA PRO A 31 -3.21 -8.56 0.65
C PRO A 31 -1.77 -8.16 0.32
N LEU A 32 -1.15 -7.47 1.26
CA LEU A 32 0.23 -7.02 1.08
C LEU A 32 1.12 -7.72 2.12
N PRO A 33 1.82 -8.78 1.65
CA PRO A 33 2.71 -9.54 2.52
C PRO A 33 4.00 -8.76 2.79
N TYR A 34 3.87 -7.72 3.60
CA TYR A 34 5.01 -6.89 3.94
C TYR A 34 6.21 -7.75 4.34
N GLU A 35 5.98 -8.60 5.34
CA GLU A 35 7.03 -9.48 5.82
C GLU A 35 7.89 -9.98 4.66
N ARG A 36 7.26 -10.12 3.50
CA ARG A 36 7.94 -10.58 2.31
C ARG A 36 8.47 -9.38 1.51
N LEU A 37 7.54 -8.62 0.96
CA LEU A 37 7.88 -7.46 0.17
C LEU A 37 9.03 -6.70 0.86
N LEU A 38 8.97 -6.70 2.18
CA LEU A 38 9.99 -6.02 2.97
C LEU A 38 11.36 -6.66 2.69
N ARG A 39 11.40 -7.98 2.80
CA ARG A 39 12.62 -8.72 2.56
C ARG A 39 13.34 -8.16 1.33
N GLU A 40 12.58 -8.02 0.25
CA GLU A 40 13.13 -7.51 -0.99
C GLU A 40 12.42 -6.22 -1.39
N PRO A 41 13.13 -5.08 -1.17
CA PRO A 41 12.59 -3.77 -1.50
C PRO A 41 12.60 -3.54 -3.02
N GLY A 42 13.44 -4.31 -3.68
CA GLY A 42 13.57 -4.20 -5.13
C GLY A 42 12.40 -4.88 -5.84
N LEU A 43 11.81 -5.84 -5.15
CA LEU A 43 10.68 -6.58 -5.69
C LEU A 43 9.49 -5.63 -5.83
N LEU A 44 9.30 -4.80 -4.81
CA LEU A 44 8.20 -3.85 -4.81
C LEU A 44 8.56 -2.67 -3.90
N ALA A 45 8.78 -1.53 -4.53
CA ALA A 45 9.12 -0.32 -3.79
C ALA A 45 7.87 0.53 -3.59
N VAL A 46 7.73 1.06 -2.38
CA VAL A 46 6.59 1.89 -2.05
C VAL A 46 6.99 3.36 -2.13
N GLN A 47 6.39 4.06 -3.07
CA GLN A 47 6.68 5.47 -3.27
C GLN A 47 5.44 6.32 -2.93
N GLY A 48 5.69 7.62 -2.76
CA GLY A 48 4.61 8.53 -2.44
C GLY A 48 4.09 8.30 -1.01
N LEU A 49 5.00 7.83 -0.16
CA LEU A 49 4.65 7.56 1.22
C LEU A 49 4.55 8.89 1.98
N PRO A 50 3.92 8.81 3.19
CA PRO A 50 3.75 9.98 4.03
C PRO A 50 5.07 10.38 4.69
N GLU A 51 5.69 11.40 4.13
CA GLU A 51 6.96 11.90 4.66
C GLU A 51 7.01 11.70 6.17
N GLY A 52 8.22 11.43 6.66
CA GLY A 52 8.42 11.21 8.08
C GLY A 52 7.84 9.86 8.52
N LEU A 53 8.10 8.85 7.69
CA LEU A 53 7.62 7.51 7.99
C LEU A 53 8.51 6.49 7.28
N ALA A 54 8.06 5.24 7.29
CA ALA A 54 8.81 4.17 6.66
C ALA A 54 7.83 3.07 6.23
N PHE A 55 8.11 2.49 5.07
CA PHE A 55 7.28 1.44 4.54
C PHE A 55 7.27 0.22 5.48
N ARG A 56 6.11 0.01 6.09
CA ARG A 56 5.95 -1.11 7.02
C ARG A 56 4.47 -1.36 7.27
N ARG A 57 4.19 -2.51 7.86
CA ARG A 57 2.83 -2.90 8.17
C ARG A 57 2.04 -1.69 8.69
N PRO A 58 0.71 -1.72 8.45
CA PRO A 58 -0.16 -0.65 8.90
C PRO A 58 -0.41 -0.72 10.40
N ALA A 59 -0.18 -1.91 10.95
CA ALA A 59 -0.37 -2.12 12.37
C ALA A 59 0.89 -1.68 13.12
N GLU A 60 1.98 -1.61 12.38
CA GLU A 60 3.25 -1.20 12.96
C GLU A 60 3.38 0.32 12.93
N TYR A 61 2.56 0.94 12.11
CA TYR A 61 2.58 2.39 11.98
C TYR A 61 1.94 3.05 13.21
N ASP A 62 2.16 4.36 13.31
CA ASP A 62 1.61 5.11 14.42
C ASP A 62 0.17 5.51 14.10
N PRO A 63 -0.45 6.26 15.07
CA PRO A 63 -1.81 6.71 14.90
C PRO A 63 -1.90 7.86 13.89
N LYS A 64 -1.05 8.86 14.12
CA LYS A 64 -1.02 10.03 13.25
C LYS A 64 -0.48 9.62 11.88
N ALA A 65 0.25 8.51 11.87
CA ALA A 65 0.82 7.99 10.63
C ALA A 65 -0.29 7.52 9.72
N LEU A 66 -1.07 6.57 10.22
CA LEU A 66 -2.17 6.02 9.45
C LEU A 66 -2.98 7.16 8.83
N MET A 67 -3.17 8.21 9.62
CA MET A 67 -3.91 9.36 9.17
C MET A 67 -3.15 10.10 8.06
N ALA A 68 -1.84 10.12 8.20
CA ALA A 68 -0.98 10.78 7.23
C ALA A 68 -0.90 9.92 5.96
N ILE A 69 -1.22 8.64 6.13
CA ILE A 69 -1.18 7.71 5.01
C ILE A 69 -2.44 7.88 4.17
N LEU A 70 -3.56 8.01 4.85
CA LEU A 70 -4.84 8.18 4.17
C LEU A 70 -4.87 9.54 3.47
N GLU A 71 -4.05 10.45 4.00
CA GLU A 71 -3.97 11.79 3.44
C GLU A 71 -2.93 11.84 2.33
N HIS A 72 -1.81 11.18 2.58
CA HIS A 72 -0.72 11.15 1.60
C HIS A 72 -1.01 10.06 0.56
N SER A 73 -2.01 9.24 0.87
CA SER A 73 -2.39 8.17 -0.02
C SER A 73 -2.45 8.68 -1.47
N HIS A 74 -3.04 9.85 -1.62
CA HIS A 74 -3.17 10.46 -2.94
C HIS A 74 -1.83 10.40 -3.66
N ARG A 75 -0.77 10.32 -2.86
CA ARG A 75 0.57 10.26 -3.42
C ARG A 75 1.10 8.83 -3.38
N ILE A 76 0.76 8.14 -2.30
CA ILE A 76 1.19 6.76 -2.12
C ILE A 76 1.01 6.00 -3.45
N ARG A 77 2.12 5.51 -3.97
CA ARG A 77 2.11 4.77 -5.22
C ARG A 77 3.07 3.58 -5.14
N PHE A 78 2.55 2.42 -5.54
CA PHE A 78 3.34 1.21 -5.51
C PHE A 78 4.18 1.08 -6.79
N LYS A 79 5.34 0.45 -6.64
CA LYS A 79 6.23 0.25 -7.77
C LYS A 79 6.72 -1.20 -7.79
N LEU A 80 6.34 -1.90 -8.84
CA LEU A 80 6.74 -3.30 -8.98
C LEU A 80 8.04 -3.38 -9.77
N LYS A 81 8.76 -4.46 -9.55
CA LYS A 81 10.03 -4.67 -10.22
C LYS A 81 9.82 -4.58 -11.74
N ARG A 82 8.60 -4.86 -12.16
CA ARG A 82 8.25 -4.82 -13.56
C ARG A 82 7.38 -3.59 -13.86
N PRO A 83 7.78 -2.84 -14.91
CA PRO A 83 7.03 -1.65 -15.31
C PRO A 83 5.73 -2.02 -16.01
N SER A 84 4.64 -1.99 -15.25
CA SER A 84 3.34 -2.32 -15.78
C SER A 84 2.25 -1.87 -14.81
N SER A 85 1.51 -0.85 -15.23
CA SER A 85 0.44 -0.32 -14.40
C SER A 85 -0.56 0.45 -15.27
N GLY A 86 -1.82 0.37 -14.88
CA GLY A 86 -2.88 1.05 -15.61
C GLY A 86 -3.62 2.04 -14.72
N PRO A 87 -4.25 3.06 -15.37
CA PRO A 87 -4.99 4.07 -14.65
C PRO A 87 -6.33 3.52 -14.16
N SER A 88 -6.91 4.24 -13.20
CA SER A 88 -8.20 3.83 -12.65
C SER A 88 -8.77 4.96 -11.79
N SER A 89 -8.05 5.28 -10.72
CA SER A 89 -8.47 6.34 -9.82
C SER A 89 -9.91 6.08 -9.36
N GLY A 90 -10.01 5.58 -8.13
CA GLY A 90 -11.32 5.29 -7.56
C GLY A 90 -11.74 3.84 -7.86
N GLY A 1 -16.32 -12.61 3.10
CA GLY A 1 -16.35 -11.27 2.52
C GLY A 1 -16.75 -10.24 3.56
N SER A 2 -16.66 -8.98 3.16
CA SER A 2 -17.01 -7.87 4.06
C SER A 2 -17.20 -6.59 3.25
N SER A 3 -18.21 -5.83 3.63
CA SER A 3 -18.51 -4.58 2.96
C SER A 3 -18.78 -3.48 3.99
N GLY A 4 -17.71 -2.76 4.34
CA GLY A 4 -17.81 -1.68 5.30
C GLY A 4 -17.01 -2.01 6.56
N SER A 5 -16.04 -1.14 6.85
CA SER A 5 -15.19 -1.32 8.01
C SER A 5 -14.62 0.03 8.46
N SER A 6 -14.68 0.26 9.76
CA SER A 6 -14.18 1.50 10.32
C SER A 6 -12.81 1.27 10.97
N GLY A 7 -12.08 2.36 11.18
CA GLY A 7 -10.77 2.28 11.79
C GLY A 7 -9.73 3.02 10.94
N LEU A 8 -8.55 3.17 11.53
CA LEU A 8 -7.47 3.85 10.84
C LEU A 8 -6.59 2.82 10.13
N ARG A 9 -6.09 1.87 10.92
CA ARG A 9 -5.24 0.82 10.39
C ARG A 9 -6.00 -0.03 9.39
N LYS A 10 -7.30 -0.19 9.66
CA LYS A 10 -8.15 -0.98 8.80
C LYS A 10 -8.31 -0.26 7.46
N MET A 11 -8.35 1.06 7.52
CA MET A 11 -8.50 1.86 6.33
C MET A 11 -7.28 1.72 5.41
N VAL A 12 -6.11 2.03 5.97
CA VAL A 12 -4.87 1.93 5.22
C VAL A 12 -4.64 0.48 4.80
N GLU A 13 -5.10 -0.43 5.66
CA GLU A 13 -4.95 -1.85 5.40
C GLU A 13 -5.38 -2.17 3.97
N GLU A 14 -6.52 -1.60 3.58
CA GLU A 14 -7.05 -1.82 2.25
C GLU A 14 -6.25 -1.01 1.22
N VAL A 15 -5.90 0.19 1.61
CA VAL A 15 -5.14 1.07 0.73
C VAL A 15 -3.97 0.29 0.13
N PHE A 16 -2.98 0.03 0.97
CA PHE A 16 -1.81 -0.72 0.53
C PHE A 16 -2.20 -1.93 -0.30
N ASP A 17 -3.36 -2.49 0.02
CA ASP A 17 -3.86 -3.65 -0.67
C ASP A 17 -4.33 -3.24 -2.08
N VAL A 18 -5.33 -2.37 -2.11
CA VAL A 18 -5.86 -1.89 -3.37
C VAL A 18 -4.72 -1.53 -4.30
N LEU A 19 -3.91 -0.57 -3.85
CA LEU A 19 -2.77 -0.12 -4.64
C LEU A 19 -2.04 -1.35 -5.22
N TYR A 20 -1.51 -2.15 -4.32
CA TYR A 20 -0.79 -3.35 -4.72
C TYR A 20 -1.54 -4.09 -5.84
N SER A 21 -2.82 -4.32 -5.60
CA SER A 21 -3.65 -5.00 -6.58
C SER A 21 -3.67 -4.23 -7.89
N GLU A 22 -3.78 -2.91 -7.76
CA GLU A 22 -3.82 -2.04 -8.93
C GLU A 22 -2.54 -2.22 -9.77
N ALA A 23 -1.40 -2.18 -9.08
CA ALA A 23 -0.13 -2.34 -9.74
C ALA A 23 0.00 -3.78 -10.24
N LEU A 24 -0.57 -4.70 -9.47
CA LEU A 24 -0.52 -6.11 -9.83
C LEU A 24 -1.47 -6.36 -11.00
N GLY A 25 -2.46 -5.49 -11.12
CA GLY A 25 -3.45 -5.62 -12.17
C GLY A 25 -4.28 -6.89 -12.01
N ARG A 26 -4.72 -7.11 -10.78
CA ARG A 26 -5.52 -8.28 -10.47
C ARG A 26 -7.01 -7.91 -10.45
N ALA A 27 -7.84 -8.93 -10.27
CA ALA A 27 -9.27 -8.72 -10.22
C ALA A 27 -9.71 -8.50 -8.76
N SER A 28 -9.30 -9.41 -7.91
CA SER A 28 -9.63 -9.33 -6.50
C SER A 28 -8.54 -8.57 -5.74
N VAL A 29 -8.90 -8.08 -4.57
CA VAL A 29 -7.97 -7.33 -3.75
C VAL A 29 -7.17 -8.31 -2.89
N VAL A 30 -5.89 -8.43 -3.21
CA VAL A 30 -5.01 -9.32 -2.48
C VAL A 30 -4.30 -8.54 -1.37
N PRO A 31 -3.86 -9.29 -0.32
CA PRO A 31 -3.18 -8.68 0.79
C PRO A 31 -1.75 -8.29 0.42
N LEU A 32 -1.11 -7.55 1.32
CA LEU A 32 0.27 -7.10 1.09
C LEU A 32 1.18 -7.77 2.13
N PRO A 33 1.90 -8.81 1.65
CA PRO A 33 2.83 -9.54 2.52
C PRO A 33 4.09 -8.72 2.77
N TYR A 34 4.00 -7.80 3.71
CA TYR A 34 5.12 -6.95 4.05
C TYR A 34 6.33 -7.80 4.49
N GLU A 35 6.07 -8.71 5.41
CA GLU A 35 7.12 -9.58 5.91
C GLU A 35 8.01 -10.06 4.76
N ARG A 36 7.41 -10.16 3.59
CA ARG A 36 8.13 -10.60 2.41
C ARG A 36 8.65 -9.40 1.62
N LEU A 37 7.73 -8.63 1.09
CA LEU A 37 8.08 -7.44 0.33
C LEU A 37 9.18 -6.68 1.06
N LEU A 38 9.05 -6.65 2.38
CA LEU A 38 10.02 -5.95 3.21
C LEU A 38 11.41 -6.55 2.97
N ARG A 39 11.45 -7.87 2.91
CA ARG A 39 12.71 -8.57 2.70
C ARG A 39 13.37 -8.09 1.41
N GLU A 40 12.55 -7.91 0.38
CA GLU A 40 13.03 -7.45 -0.91
C GLU A 40 12.33 -6.16 -1.32
N PRO A 41 13.07 -5.03 -1.18
CA PRO A 41 12.53 -3.73 -1.53
C PRO A 41 12.46 -3.55 -3.05
N GLY A 42 13.31 -4.31 -3.74
CA GLY A 42 13.35 -4.25 -5.19
C GLY A 42 12.12 -4.91 -5.81
N LEU A 43 11.59 -5.89 -5.09
CA LEU A 43 10.42 -6.62 -5.55
C LEU A 43 9.24 -5.65 -5.68
N LEU A 44 9.12 -4.78 -4.69
CA LEU A 44 8.04 -3.80 -4.68
C LEU A 44 8.46 -2.60 -3.83
N ALA A 45 8.70 -1.49 -4.51
CA ALA A 45 9.10 -0.27 -3.82
C ALA A 45 7.88 0.64 -3.64
N VAL A 46 7.70 1.10 -2.40
CA VAL A 46 6.59 1.97 -2.09
C VAL A 46 7.04 3.43 -2.15
N GLN A 47 6.39 4.18 -3.02
CA GLN A 47 6.73 5.59 -3.19
C GLN A 47 5.52 6.46 -2.82
N GLY A 48 5.79 7.75 -2.67
CA GLY A 48 4.75 8.70 -2.33
C GLY A 48 4.22 8.44 -0.91
N LEU A 49 5.11 7.95 -0.06
CA LEU A 49 4.74 7.65 1.31
C LEU A 49 4.66 8.96 2.12
N PRO A 50 4.04 8.86 3.32
CA PRO A 50 3.89 10.01 4.18
C PRO A 50 5.23 10.37 4.85
N GLU A 51 5.86 11.40 4.31
CA GLU A 51 7.14 11.86 4.84
C GLU A 51 7.19 11.63 6.35
N GLY A 52 8.39 11.32 6.82
CA GLY A 52 8.60 11.07 8.24
C GLY A 52 8.01 9.72 8.65
N LEU A 53 8.25 8.73 7.81
CA LEU A 53 7.75 7.39 8.07
C LEU A 53 8.62 6.38 7.34
N ALA A 54 8.15 5.14 7.33
CA ALA A 54 8.88 4.07 6.67
C ALA A 54 7.90 2.97 6.25
N PHE A 55 8.14 2.42 5.07
CA PHE A 55 7.29 1.36 4.55
C PHE A 55 7.27 0.16 5.50
N ARG A 56 6.11 -0.05 6.11
CA ARG A 56 5.94 -1.16 7.03
C ARG A 56 4.46 -1.42 7.29
N ARG A 57 4.19 -2.58 7.87
CA ARG A 57 2.81 -2.96 8.17
C ARG A 57 2.03 -1.74 8.67
N PRO A 58 0.69 -1.76 8.38
CA PRO A 58 -0.18 -0.68 8.79
C PRO A 58 -0.47 -0.75 10.29
N ALA A 59 -0.28 -1.93 10.84
CA ALA A 59 -0.51 -2.13 12.26
C ALA A 59 0.75 -1.74 13.04
N GLU A 60 1.85 -1.67 12.32
CA GLU A 60 3.12 -1.31 12.94
C GLU A 60 3.29 0.21 12.94
N TYR A 61 2.54 0.86 12.07
CA TYR A 61 2.61 2.31 11.96
C TYR A 61 2.00 2.97 13.20
N ASP A 62 2.21 4.28 13.29
CA ASP A 62 1.69 5.05 14.40
C ASP A 62 0.24 5.45 14.11
N PRO A 63 -0.36 6.20 15.08
CA PRO A 63 -1.73 6.65 14.94
C PRO A 63 -1.83 7.80 13.93
N LYS A 64 -0.99 8.81 14.15
CA LYS A 64 -0.96 9.97 13.28
C LYS A 64 -0.45 9.56 11.91
N ALA A 65 0.32 8.48 11.89
CA ALA A 65 0.88 7.98 10.65
C ALA A 65 -0.25 7.53 9.73
N LEU A 66 -1.05 6.59 10.22
CA LEU A 66 -2.16 6.07 9.45
C LEU A 66 -2.97 7.24 8.89
N MET A 67 -3.18 8.24 9.73
CA MET A 67 -3.92 9.41 9.32
C MET A 67 -3.18 10.20 8.24
N ALA A 68 -1.87 10.12 8.30
CA ALA A 68 -1.03 10.80 7.34
C ALA A 68 -0.92 9.95 6.07
N ILE A 69 -1.14 8.66 6.24
CA ILE A 69 -1.08 7.75 5.12
C ILE A 69 -2.32 7.91 4.24
N LEU A 70 -3.47 8.02 4.91
CA LEU A 70 -4.72 8.18 4.21
C LEU A 70 -4.76 9.55 3.54
N GLU A 71 -3.95 10.46 4.07
CA GLU A 71 -3.87 11.80 3.54
C GLU A 71 -2.81 11.88 2.44
N HIS A 72 -1.71 11.19 2.66
CA HIS A 72 -0.63 11.17 1.70
C HIS A 72 -0.89 10.09 0.65
N SER A 73 -1.88 9.26 0.94
CA SER A 73 -2.23 8.17 0.03
C SER A 73 -2.26 8.69 -1.40
N HIS A 74 -2.93 9.82 -1.59
CA HIS A 74 -3.04 10.42 -2.91
C HIS A 74 -1.67 10.39 -3.60
N ARG A 75 -0.63 10.39 -2.77
CA ARG A 75 0.73 10.37 -3.28
C ARG A 75 1.27 8.95 -3.29
N ILE A 76 0.89 8.20 -2.26
CA ILE A 76 1.33 6.82 -2.14
C ILE A 76 1.15 6.11 -3.49
N ARG A 77 2.27 5.64 -4.02
CA ARG A 77 2.27 4.94 -5.29
C ARG A 77 3.11 3.67 -5.20
N PHE A 78 2.54 2.58 -5.71
CA PHE A 78 3.24 1.30 -5.70
C PHE A 78 4.05 1.10 -6.98
N LYS A 79 5.18 0.45 -6.83
CA LYS A 79 6.05 0.19 -7.97
C LYS A 79 6.53 -1.27 -7.92
N LEU A 80 6.23 -2.00 -8.98
CA LEU A 80 6.63 -3.39 -9.07
C LEU A 80 7.93 -3.50 -9.85
N LYS A 81 8.75 -4.47 -9.46
CA LYS A 81 10.03 -4.69 -10.11
C LYS A 81 9.82 -4.72 -11.63
N ARG A 82 10.80 -4.16 -12.32
CA ARG A 82 10.74 -4.11 -13.78
C ARG A 82 12.15 -4.06 -14.36
N PRO A 83 12.31 -4.76 -15.53
CA PRO A 83 13.60 -4.80 -16.20
C PRO A 83 13.90 -3.48 -16.90
N SER A 84 14.31 -2.50 -16.11
CA SER A 84 14.64 -1.18 -16.63
C SER A 84 13.45 -0.63 -17.41
N SER A 85 12.57 0.05 -16.69
CA SER A 85 11.38 0.63 -17.30
C SER A 85 10.68 1.57 -16.31
N GLY A 86 10.28 2.72 -16.82
CA GLY A 86 9.60 3.70 -15.99
C GLY A 86 8.12 3.35 -15.82
N PRO A 87 7.27 4.41 -15.77
CA PRO A 87 5.84 4.22 -15.60
C PRO A 87 5.21 3.74 -16.91
N SER A 88 3.90 3.52 -16.84
CA SER A 88 3.16 3.05 -18.01
C SER A 88 2.42 4.22 -18.66
N SER A 89 3.02 4.74 -19.72
CA SER A 89 2.43 5.86 -20.43
C SER A 89 1.13 5.42 -21.11
N GLY A 90 0.03 6.00 -20.64
CA GLY A 90 -1.28 5.68 -21.17
C GLY A 90 -2.37 5.94 -20.14
N GLY A 1 -14.74 -8.78 -3.93
CA GLY A 1 -13.99 -8.32 -2.77
C GLY A 1 -14.94 -7.86 -1.67
N SER A 2 -14.56 -6.78 -1.01
CA SER A 2 -15.36 -6.23 0.08
C SER A 2 -15.10 -4.73 0.22
N SER A 3 -15.92 -4.08 1.02
CA SER A 3 -15.80 -2.66 1.25
C SER A 3 -15.94 -2.35 2.74
N GLY A 4 -15.45 -1.19 3.12
CA GLY A 4 -15.52 -0.76 4.52
C GLY A 4 -14.48 0.32 4.82
N SER A 5 -14.81 1.19 5.76
CA SER A 5 -13.93 2.26 6.14
C SER A 5 -14.36 2.84 7.49
N SER A 6 -13.66 2.41 8.54
CA SER A 6 -13.96 2.87 9.88
C SER A 6 -12.66 3.11 10.66
N GLY A 7 -11.97 2.02 10.93
CA GLY A 7 -10.71 2.09 11.66
C GLY A 7 -9.64 2.80 10.83
N LEU A 8 -8.58 3.20 11.51
CA LEU A 8 -7.47 3.89 10.85
C LEU A 8 -6.61 2.86 10.11
N ARG A 9 -6.13 1.89 10.87
CA ARG A 9 -5.29 0.85 10.30
C ARG A 9 -6.09 0.00 9.31
N LYS A 10 -7.38 -0.15 9.62
CA LYS A 10 -8.26 -0.93 8.77
C LYS A 10 -8.39 -0.23 7.41
N MET A 11 -8.34 1.09 7.44
CA MET A 11 -8.44 1.87 6.22
C MET A 11 -7.19 1.72 5.35
N VAL A 12 -6.06 2.03 5.96
CA VAL A 12 -4.78 1.93 5.25
C VAL A 12 -4.55 0.47 4.85
N GLU A 13 -5.18 -0.42 5.59
CA GLU A 13 -5.05 -1.84 5.32
C GLU A 13 -5.47 -2.16 3.90
N GLU A 14 -6.60 -1.58 3.51
CA GLU A 14 -7.13 -1.79 2.17
C GLU A 14 -6.34 -0.96 1.15
N VAL A 15 -5.97 0.24 1.57
CA VAL A 15 -5.21 1.13 0.70
C VAL A 15 -4.04 0.37 0.08
N PHE A 16 -3.05 0.10 0.92
CA PHE A 16 -1.87 -0.63 0.47
C PHE A 16 -2.26 -1.84 -0.39
N ASP A 17 -3.36 -2.46 0.00
CA ASP A 17 -3.85 -3.63 -0.72
C ASP A 17 -4.31 -3.20 -2.11
N VAL A 18 -5.32 -2.34 -2.14
CA VAL A 18 -5.85 -1.85 -3.40
C VAL A 18 -4.70 -1.45 -4.32
N LEU A 19 -3.90 -0.52 -3.84
CA LEU A 19 -2.76 -0.04 -4.60
C LEU A 19 -1.99 -1.24 -5.16
N TYR A 20 -1.50 -2.06 -4.24
CA TYR A 20 -0.75 -3.24 -4.62
C TYR A 20 -1.46 -4.03 -5.72
N SER A 21 -2.73 -4.32 -5.47
CA SER A 21 -3.53 -5.06 -6.43
C SER A 21 -3.59 -4.30 -7.75
N GLU A 22 -3.72 -2.98 -7.64
CA GLU A 22 -3.78 -2.14 -8.83
C GLU A 22 -2.51 -2.28 -9.66
N ALA A 23 -1.37 -2.14 -8.98
CA ALA A 23 -0.09 -2.25 -9.64
C ALA A 23 0.08 -3.67 -10.18
N LEU A 24 -0.50 -4.62 -9.47
CA LEU A 24 -0.43 -6.02 -9.87
C LEU A 24 -1.39 -6.26 -11.04
N GLY A 25 -2.38 -5.39 -11.14
CA GLY A 25 -3.36 -5.50 -12.20
C GLY A 25 -4.19 -6.77 -12.05
N ARG A 26 -4.61 -7.03 -10.82
CA ARG A 26 -5.42 -8.21 -10.53
C ARG A 26 -6.90 -7.86 -10.54
N ALA A 27 -7.72 -8.88 -10.39
CA ALA A 27 -9.17 -8.70 -10.37
C ALA A 27 -9.63 -8.52 -8.92
N SER A 28 -9.16 -9.40 -8.05
CA SER A 28 -9.52 -9.35 -6.65
C SER A 28 -8.45 -8.59 -5.87
N VAL A 29 -8.84 -8.13 -4.69
CA VAL A 29 -7.94 -7.39 -3.83
C VAL A 29 -7.10 -8.38 -3.00
N VAL A 30 -5.80 -8.36 -3.25
CA VAL A 30 -4.90 -9.24 -2.53
C VAL A 30 -4.22 -8.46 -1.41
N PRO A 31 -3.78 -9.22 -0.37
CA PRO A 31 -3.13 -8.62 0.79
C PRO A 31 -1.70 -8.20 0.44
N LEU A 32 -1.08 -7.52 1.38
CA LEU A 32 0.29 -7.04 1.19
C LEU A 32 1.21 -7.73 2.20
N PRO A 33 1.93 -8.78 1.71
CA PRO A 33 2.85 -9.53 2.55
C PRO A 33 4.12 -8.73 2.82
N TYR A 34 3.97 -7.71 3.66
CA TYR A 34 5.11 -6.86 4.01
C TYR A 34 6.32 -7.71 4.40
N GLU A 35 6.10 -8.61 5.33
CA GLU A 35 7.16 -9.48 5.81
C GLU A 35 8.05 -9.91 4.64
N ARG A 36 7.43 -10.04 3.47
CA ARG A 36 8.14 -10.44 2.27
C ARG A 36 8.62 -9.21 1.51
N LEU A 37 7.66 -8.46 0.98
CA LEU A 37 7.98 -7.27 0.22
C LEU A 37 9.09 -6.50 0.93
N LEU A 38 9.08 -6.59 2.26
CA LEU A 38 10.07 -5.91 3.07
C LEU A 38 11.45 -6.52 2.81
N ARG A 39 11.50 -7.85 2.89
CA ARG A 39 12.75 -8.56 2.66
C ARG A 39 13.39 -8.10 1.36
N GLU A 40 12.57 -8.00 0.32
CA GLU A 40 13.05 -7.57 -0.98
C GLU A 40 12.33 -6.29 -1.40
N PRO A 41 13.06 -5.15 -1.31
CA PRO A 41 12.51 -3.86 -1.69
C PRO A 41 12.44 -3.72 -3.20
N GLY A 42 13.32 -4.44 -3.88
CA GLY A 42 13.37 -4.39 -5.33
C GLY A 42 12.13 -5.07 -5.93
N LEU A 43 11.61 -6.04 -5.21
CA LEU A 43 10.43 -6.76 -5.66
C LEU A 43 9.25 -5.80 -5.78
N LEU A 44 9.14 -4.92 -4.79
CA LEU A 44 8.08 -3.94 -4.79
C LEU A 44 8.48 -2.77 -3.89
N ALA A 45 8.69 -1.62 -4.52
CA ALA A 45 9.08 -0.42 -3.81
C ALA A 45 7.85 0.47 -3.60
N VAL A 46 7.70 0.95 -2.38
CA VAL A 46 6.59 1.81 -2.05
C VAL A 46 7.03 3.28 -2.15
N GLN A 47 6.39 3.99 -3.06
CA GLN A 47 6.69 5.39 -3.27
C GLN A 47 5.49 6.26 -2.93
N GLY A 48 5.75 7.56 -2.78
CA GLY A 48 4.69 8.50 -2.45
C GLY A 48 4.17 8.26 -1.02
N LEU A 49 5.05 7.78 -0.18
CA LEU A 49 4.69 7.50 1.20
C LEU A 49 4.58 8.83 1.96
N PRO A 50 3.96 8.74 3.17
CA PRO A 50 3.78 9.92 4.01
C PRO A 50 5.10 10.32 4.68
N GLU A 51 5.72 11.35 4.11
CA GLU A 51 6.99 11.84 4.64
C GLU A 51 7.05 11.63 6.15
N GLY A 52 8.25 11.34 6.63
CA GLY A 52 8.46 11.12 8.04
C GLY A 52 7.85 9.78 8.49
N LEU A 53 8.17 8.75 7.72
CA LEU A 53 7.66 7.41 8.03
C LEU A 53 8.56 6.37 7.35
N ALA A 54 8.07 5.14 7.34
CA ALA A 54 8.81 4.05 6.73
C ALA A 54 7.84 2.95 6.29
N PHE A 55 8.10 2.40 5.12
CA PHE A 55 7.26 1.34 4.59
C PHE A 55 7.22 0.14 5.53
N ARG A 56 6.04 -0.09 6.11
CA ARG A 56 5.87 -1.20 7.02
C ARG A 56 4.37 -1.48 7.23
N ARG A 57 4.11 -2.59 7.90
CA ARG A 57 2.74 -2.98 8.17
C ARG A 57 1.92 -1.77 8.65
N PRO A 58 0.60 -1.81 8.34
CA PRO A 58 -0.29 -0.74 8.72
C PRO A 58 -0.61 -0.80 10.22
N ALA A 59 -0.42 -1.99 10.78
CA ALA A 59 -0.68 -2.20 12.19
C ALA A 59 0.56 -1.83 13.00
N GLU A 60 1.68 -1.78 12.30
CA GLU A 60 2.94 -1.45 12.94
C GLU A 60 3.17 0.07 12.93
N TYR A 61 2.43 0.74 12.04
CA TYR A 61 2.52 2.18 11.93
C TYR A 61 1.95 2.86 13.17
N ASP A 62 2.21 4.17 13.25
CA ASP A 62 1.73 4.96 14.37
C ASP A 62 0.29 5.40 14.10
N PRO A 63 -0.27 6.17 15.07
CA PRO A 63 -1.64 6.66 14.94
C PRO A 63 -1.71 7.81 13.94
N LYS A 64 -0.86 8.81 14.17
CA LYS A 64 -0.83 9.97 13.30
C LYS A 64 -0.32 9.56 11.92
N ALA A 65 0.42 8.45 11.90
CA ALA A 65 0.98 7.94 10.66
C ALA A 65 -0.17 7.52 9.73
N LEU A 66 -0.97 6.58 10.23
CA LEU A 66 -2.10 6.09 9.46
C LEU A 66 -2.85 7.28 8.84
N MET A 67 -3.26 8.19 9.70
CA MET A 67 -3.97 9.37 9.27
C MET A 67 -3.21 10.10 8.15
N ALA A 68 -1.89 10.07 8.27
CA ALA A 68 -1.04 10.72 7.29
C ALA A 68 -1.01 9.88 6.02
N ILE A 69 -1.15 8.57 6.20
CA ILE A 69 -1.13 7.65 5.08
C ILE A 69 -2.42 7.84 4.26
N LEU A 70 -3.51 8.05 4.97
CA LEU A 70 -4.80 8.24 4.33
C LEU A 70 -4.81 9.59 3.62
N GLU A 71 -4.01 10.51 4.14
CA GLU A 71 -3.91 11.84 3.57
C GLU A 71 -2.89 11.87 2.43
N HIS A 72 -1.79 11.16 2.65
CA HIS A 72 -0.73 11.10 1.66
C HIS A 72 -1.05 9.98 0.65
N SER A 73 -2.05 9.18 1.00
CA SER A 73 -2.46 8.08 0.14
C SER A 73 -2.50 8.55 -1.33
N HIS A 74 -3.23 9.63 -1.56
CA HIS A 74 -3.36 10.18 -2.89
C HIS A 74 -1.99 10.17 -3.58
N ARG A 75 -0.95 10.27 -2.77
CA ARG A 75 0.41 10.27 -3.29
C ARG A 75 0.99 8.86 -3.26
N ILE A 76 0.62 8.12 -2.23
CA ILE A 76 1.09 6.75 -2.07
C ILE A 76 0.94 6.02 -3.42
N ARG A 77 2.05 5.46 -3.88
CA ARG A 77 2.04 4.73 -5.13
C ARG A 77 3.01 3.54 -5.06
N PHE A 78 2.51 2.39 -5.47
CA PHE A 78 3.32 1.18 -5.46
C PHE A 78 4.15 1.07 -6.73
N LYS A 79 5.29 0.39 -6.60
CA LYS A 79 6.18 0.19 -7.73
C LYS A 79 6.66 -1.26 -7.75
N LEU A 80 6.29 -1.96 -8.81
CA LEU A 80 6.68 -3.36 -8.97
C LEU A 80 8.02 -3.42 -9.69
N LYS A 81 8.70 -4.55 -9.50
CA LYS A 81 9.99 -4.75 -10.13
C LYS A 81 9.86 -4.58 -11.64
N ARG A 82 8.65 -4.85 -12.13
CA ARG A 82 8.37 -4.73 -13.55
C ARG A 82 7.67 -3.41 -13.85
N PRO A 83 8.20 -2.70 -14.88
CA PRO A 83 7.64 -1.42 -15.27
C PRO A 83 6.32 -1.61 -16.03
N SER A 84 5.24 -1.16 -15.41
CA SER A 84 3.92 -1.28 -16.01
C SER A 84 3.43 0.10 -16.46
N SER A 85 2.24 0.10 -17.03
CA SER A 85 1.64 1.34 -17.50
C SER A 85 0.16 1.39 -17.12
N GLY A 86 -0.37 2.61 -17.05
CA GLY A 86 -1.76 2.80 -16.69
C GLY A 86 -2.02 4.27 -16.33
N PRO A 87 -3.15 4.80 -16.90
CA PRO A 87 -3.53 6.18 -16.66
C PRO A 87 -4.13 6.34 -15.25
N SER A 88 -4.26 7.59 -14.84
CA SER A 88 -4.81 7.89 -13.53
C SER A 88 -4.89 9.41 -13.32
N SER A 89 -5.72 9.81 -12.38
CA SER A 89 -5.89 11.22 -12.08
C SER A 89 -5.52 11.49 -10.62
N GLY A 90 -4.53 12.34 -10.44
CA GLY A 90 -4.06 12.69 -9.11
C GLY A 90 -4.80 13.93 -8.58
N GLY A 1 -14.29 -7.16 -3.77
CA GLY A 1 -14.31 -5.75 -3.41
C GLY A 1 -15.59 -5.40 -2.64
N SER A 2 -16.00 -4.15 -2.78
CA SER A 2 -17.21 -3.68 -2.11
C SER A 2 -17.21 -4.14 -0.65
N SER A 3 -16.70 -3.28 0.21
CA SER A 3 -16.64 -3.59 1.63
C SER A 3 -16.86 -2.32 2.45
N GLY A 4 -17.15 -2.53 3.73
CA GLY A 4 -17.38 -1.41 4.63
C GLY A 4 -16.92 -1.74 6.05
N SER A 5 -15.90 -1.02 6.49
CA SER A 5 -15.34 -1.24 7.82
C SER A 5 -15.03 0.12 8.48
N SER A 6 -14.33 0.04 9.60
CA SER A 6 -13.97 1.24 10.33
C SER A 6 -12.56 1.10 10.91
N GLY A 7 -12.08 2.19 11.48
CA GLY A 7 -10.75 2.20 12.06
C GLY A 7 -9.76 2.97 11.17
N LEU A 8 -8.56 3.16 11.70
CA LEU A 8 -7.53 3.87 10.97
C LEU A 8 -6.64 2.87 10.23
N ARG A 9 -6.12 1.92 10.99
CA ARG A 9 -5.26 0.89 10.42
C ARG A 9 -6.05 0.04 9.41
N LYS A 10 -7.33 -0.12 9.69
CA LYS A 10 -8.19 -0.89 8.82
C LYS A 10 -8.38 -0.16 7.50
N MET A 11 -8.32 1.16 7.58
CA MET A 11 -8.48 1.99 6.40
C MET A 11 -7.27 1.86 5.46
N VAL A 12 -6.08 2.03 6.05
CA VAL A 12 -4.86 1.93 5.29
C VAL A 12 -4.61 0.47 4.91
N GLU A 13 -5.29 -0.41 5.63
CA GLU A 13 -5.15 -1.84 5.39
C GLU A 13 -5.46 -2.16 3.94
N GLU A 14 -6.66 -1.79 3.52
CA GLU A 14 -7.11 -2.03 2.17
C GLU A 14 -6.29 -1.18 1.18
N VAL A 15 -5.93 0.02 1.65
CA VAL A 15 -5.16 0.92 0.83
C VAL A 15 -3.96 0.19 0.22
N PHE A 16 -2.99 -0.10 1.08
CA PHE A 16 -1.80 -0.81 0.64
C PHE A 16 -2.16 -2.03 -0.21
N ASP A 17 -3.37 -2.52 0.01
CA ASP A 17 -3.85 -3.68 -0.73
C ASP A 17 -4.30 -3.25 -2.12
N VAL A 18 -5.31 -2.40 -2.15
CA VAL A 18 -5.84 -1.89 -3.40
C VAL A 18 -4.68 -1.46 -4.30
N LEU A 19 -3.88 -0.54 -3.78
CA LEU A 19 -2.74 -0.05 -4.52
C LEU A 19 -1.96 -1.22 -5.11
N TYR A 20 -1.52 -2.11 -4.22
CA TYR A 20 -0.77 -3.28 -4.64
C TYR A 20 -1.49 -4.02 -5.76
N SER A 21 -2.78 -4.22 -5.56
CA SER A 21 -3.60 -4.92 -6.53
C SER A 21 -3.64 -4.12 -7.84
N GLU A 22 -3.66 -2.81 -7.69
CA GLU A 22 -3.71 -1.93 -8.85
C GLU A 22 -2.45 -2.10 -9.70
N ALA A 23 -1.30 -2.03 -9.02
CA ALA A 23 -0.02 -2.18 -9.70
C ALA A 23 0.10 -3.60 -10.23
N LEU A 24 -0.54 -4.52 -9.54
CA LEU A 24 -0.51 -5.92 -9.92
C LEU A 24 -1.48 -6.15 -11.09
N GLY A 25 -2.49 -5.28 -11.16
CA GLY A 25 -3.48 -5.37 -12.21
C GLY A 25 -4.27 -6.67 -12.11
N ARG A 26 -4.69 -6.98 -10.89
CA ARG A 26 -5.46 -8.19 -10.65
C ARG A 26 -6.95 -7.88 -10.63
N ALA A 27 -7.74 -8.94 -10.52
CA ALA A 27 -9.20 -8.79 -10.51
C ALA A 27 -9.66 -8.61 -9.06
N SER A 28 -9.10 -9.45 -8.19
CA SER A 28 -9.46 -9.39 -6.78
C SER A 28 -8.40 -8.60 -6.00
N VAL A 29 -8.76 -8.22 -4.78
CA VAL A 29 -7.86 -7.45 -3.94
C VAL A 29 -7.02 -8.43 -3.10
N VAL A 30 -5.72 -8.43 -3.39
CA VAL A 30 -4.80 -9.29 -2.67
C VAL A 30 -4.15 -8.52 -1.53
N PRO A 31 -3.72 -9.27 -0.48
CA PRO A 31 -3.09 -8.67 0.67
C PRO A 31 -1.65 -8.25 0.35
N LEU A 32 -1.02 -7.60 1.32
CA LEU A 32 0.35 -7.14 1.16
C LEU A 32 1.25 -7.87 2.14
N PRO A 33 1.97 -8.90 1.62
CA PRO A 33 2.88 -9.67 2.44
C PRO A 33 4.15 -8.90 2.75
N TYR A 34 4.00 -7.92 3.62
CA TYR A 34 5.13 -7.08 4.01
C TYR A 34 6.35 -7.94 4.37
N GLU A 35 6.12 -8.89 5.27
CA GLU A 35 7.17 -9.78 5.71
C GLU A 35 8.07 -10.17 4.53
N ARG A 36 7.45 -10.20 3.35
CA ARG A 36 8.17 -10.56 2.14
C ARG A 36 8.66 -9.30 1.42
N LEU A 37 7.69 -8.53 0.92
CA LEU A 37 8.00 -7.30 0.21
C LEU A 37 9.10 -6.54 0.97
N LEU A 38 9.07 -6.70 2.29
CA LEU A 38 10.05 -6.04 3.14
C LEU A 38 11.43 -6.61 2.86
N ARG A 39 11.49 -7.94 2.85
CA ARG A 39 12.75 -8.63 2.61
C ARG A 39 13.41 -8.08 1.34
N GLU A 40 12.59 -7.91 0.31
CA GLU A 40 13.08 -7.40 -0.96
C GLU A 40 12.37 -6.10 -1.32
N PRO A 41 13.11 -4.97 -1.14
CA PRO A 41 12.56 -3.66 -1.44
C PRO A 41 12.49 -3.42 -2.95
N GLY A 42 13.29 -4.19 -3.67
CA GLY A 42 13.34 -4.08 -5.13
C GLY A 42 12.12 -4.74 -5.76
N LEU A 43 11.69 -5.83 -5.15
CA LEU A 43 10.53 -6.57 -5.64
C LEU A 43 9.35 -5.62 -5.77
N LEU A 44 9.20 -4.78 -4.76
CA LEU A 44 8.11 -3.81 -4.74
C LEU A 44 8.49 -2.63 -3.84
N ALA A 45 8.70 -1.49 -4.48
CA ALA A 45 9.07 -0.29 -3.75
C ALA A 45 7.83 0.59 -3.56
N VAL A 46 7.66 1.06 -2.34
CA VAL A 46 6.53 1.91 -2.01
C VAL A 46 6.95 3.38 -2.10
N GLN A 47 6.38 4.06 -3.09
CA GLN A 47 6.68 5.46 -3.28
C GLN A 47 5.48 6.33 -2.93
N GLY A 48 5.73 7.62 -2.78
CA GLY A 48 4.68 8.56 -2.44
C GLY A 48 4.17 8.32 -1.02
N LEU A 49 5.08 7.86 -0.17
CA LEU A 49 4.73 7.58 1.22
C LEU A 49 4.65 8.90 1.99
N PRO A 50 4.03 8.81 3.20
CA PRO A 50 3.88 9.99 4.05
C PRO A 50 5.20 10.36 4.71
N GLU A 51 5.79 11.43 4.21
CA GLU A 51 7.06 11.90 4.74
C GLU A 51 7.14 11.65 6.24
N GLY A 52 8.33 11.32 6.69
CA GLY A 52 8.55 11.04 8.11
C GLY A 52 7.90 9.71 8.52
N LEU A 53 8.24 8.67 7.76
CA LEU A 53 7.70 7.35 8.04
C LEU A 53 8.59 6.30 7.37
N ALA A 54 8.09 5.07 7.36
CA ALA A 54 8.82 3.97 6.76
C ALA A 54 7.83 2.87 6.34
N PHE A 55 8.07 2.32 5.16
CA PHE A 55 7.22 1.27 4.64
C PHE A 55 7.18 0.07 5.59
N ARG A 56 6.02 -0.10 6.23
CA ARG A 56 5.84 -1.20 7.16
C ARG A 56 4.35 -1.41 7.44
N ARG A 57 4.05 -2.58 7.99
CA ARG A 57 2.68 -2.92 8.32
C ARG A 57 1.92 -1.68 8.81
N PRO A 58 0.59 -1.66 8.50
CA PRO A 58 -0.25 -0.55 8.90
C PRO A 58 -0.56 -0.61 10.39
N ALA A 59 -0.39 -1.80 10.95
CA ALA A 59 -0.65 -2.00 12.37
C ALA A 59 0.58 -1.64 13.17
N GLU A 60 1.71 -1.57 12.46
CA GLU A 60 2.97 -1.24 13.11
C GLU A 60 3.19 0.28 13.08
N TYR A 61 2.42 0.94 12.22
CA TYR A 61 2.53 2.39 12.09
C TYR A 61 1.93 3.08 13.31
N ASP A 62 2.14 4.39 13.36
CA ASP A 62 1.64 5.19 14.47
C ASP A 62 0.19 5.59 14.18
N PRO A 63 -0.39 6.38 15.13
CA PRO A 63 -1.76 6.83 14.99
C PRO A 63 -1.86 7.96 13.96
N LYS A 64 -1.06 8.99 14.18
CA LYS A 64 -1.04 10.13 13.27
C LYS A 64 -0.51 9.69 11.91
N ALA A 65 0.27 8.62 11.93
CA ALA A 65 0.85 8.09 10.71
C ALA A 65 -0.27 7.62 9.78
N LEU A 66 -1.05 6.67 10.28
CA LEU A 66 -2.16 6.12 9.51
C LEU A 66 -2.94 7.28 8.86
N MET A 67 -3.22 8.28 9.67
CA MET A 67 -3.95 9.44 9.18
C MET A 67 -3.14 10.21 8.13
N ALA A 68 -1.83 10.13 8.27
CA ALA A 68 -0.94 10.80 7.34
C ALA A 68 -0.79 9.94 6.08
N ILE A 69 -1.19 8.69 6.20
CA ILE A 69 -1.11 7.77 5.08
C ILE A 69 -2.35 7.91 4.20
N LEU A 70 -3.50 7.98 4.87
CA LEU A 70 -4.76 8.13 4.17
C LEU A 70 -4.81 9.50 3.49
N GLU A 71 -4.03 10.43 4.03
CA GLU A 71 -3.97 11.77 3.47
C GLU A 71 -2.91 11.84 2.38
N HIS A 72 -1.78 11.20 2.64
CA HIS A 72 -0.68 11.18 1.69
C HIS A 72 -0.94 10.11 0.62
N SER A 73 -1.94 9.28 0.89
CA SER A 73 -2.29 8.21 -0.03
C SER A 73 -2.37 8.76 -1.46
N HIS A 74 -2.85 10.00 -1.57
CA HIS A 74 -2.97 10.64 -2.86
C HIS A 74 -1.64 10.56 -3.60
N ARG A 75 -0.58 10.36 -2.83
CA ARG A 75 0.76 10.25 -3.40
C ARG A 75 1.24 8.81 -3.38
N ILE A 76 0.85 8.10 -2.33
CA ILE A 76 1.24 6.72 -2.17
C ILE A 76 1.07 5.99 -3.52
N ARG A 77 2.18 5.44 -4.00
CA ARG A 77 2.18 4.73 -5.26
C ARG A 77 3.10 3.52 -5.18
N PHE A 78 2.58 2.38 -5.62
CA PHE A 78 3.34 1.14 -5.61
C PHE A 78 4.15 0.99 -6.90
N LYS A 79 5.32 0.37 -6.77
CA LYS A 79 6.19 0.15 -7.91
C LYS A 79 6.67 -1.29 -7.91
N LEU A 80 6.29 -2.02 -8.95
CA LEU A 80 6.68 -3.41 -9.07
C LEU A 80 8.03 -3.50 -9.81
N LYS A 81 8.77 -4.54 -9.48
CA LYS A 81 10.07 -4.75 -10.10
C LYS A 81 9.92 -4.69 -11.62
N ARG A 82 9.11 -5.61 -12.13
CA ARG A 82 8.87 -5.69 -13.57
C ARG A 82 7.90 -4.58 -14.00
N PRO A 83 7.99 -4.23 -15.32
CA PRO A 83 7.12 -3.20 -15.87
C PRO A 83 5.70 -3.72 -16.05
N SER A 84 4.75 -2.94 -15.55
CA SER A 84 3.35 -3.30 -15.66
C SER A 84 2.49 -2.26 -14.95
N SER A 85 1.23 -2.20 -15.37
CA SER A 85 0.29 -1.25 -14.80
C SER A 85 -1.05 -1.93 -14.54
N GLY A 86 -1.62 -2.47 -15.61
CA GLY A 86 -2.90 -3.15 -15.52
C GLY A 86 -4.01 -2.18 -15.11
N PRO A 87 -4.78 -1.73 -16.14
CA PRO A 87 -5.87 -0.80 -15.91
C PRO A 87 -7.07 -1.50 -15.29
N SER A 88 -7.59 -0.91 -14.22
CA SER A 88 -8.74 -1.47 -13.53
C SER A 88 -9.19 -0.52 -12.43
N SER A 89 -10.50 -0.28 -12.40
CA SER A 89 -11.08 0.61 -11.40
C SER A 89 -12.28 -0.07 -10.74
N GLY A 90 -12.09 -0.44 -9.49
CA GLY A 90 -13.15 -1.10 -8.73
C GLY A 90 -12.73 -2.50 -8.29
N GLY A 1 -14.87 -6.51 3.80
CA GLY A 1 -16.01 -7.42 3.82
C GLY A 1 -17.12 -6.92 2.89
N SER A 2 -16.75 -6.73 1.64
CA SER A 2 -17.70 -6.26 0.64
C SER A 2 -18.38 -4.97 1.12
N SER A 3 -17.71 -3.86 0.88
CA SER A 3 -18.23 -2.56 1.29
C SER A 3 -18.49 -2.55 2.79
N GLY A 4 -17.59 -1.91 3.51
CA GLY A 4 -17.70 -1.81 4.96
C GLY A 4 -16.32 -1.65 5.61
N SER A 5 -16.19 -2.23 6.79
CA SER A 5 -14.93 -2.16 7.52
C SER A 5 -14.62 -0.70 7.88
N SER A 6 -14.16 -0.51 9.10
CA SER A 6 -13.82 0.82 9.58
C SER A 6 -12.53 0.77 10.39
N GLY A 7 -12.01 1.94 10.69
CA GLY A 7 -10.78 2.05 11.46
C GLY A 7 -9.67 2.71 10.64
N LEU A 8 -8.71 3.28 11.36
CA LEU A 8 -7.59 3.94 10.71
C LEU A 8 -6.68 2.89 10.09
N ARG A 9 -6.21 1.98 10.93
CA ARG A 9 -5.33 0.91 10.47
C ARG A 9 -6.06 0.02 9.47
N LYS A 10 -7.36 -0.13 9.69
CA LYS A 10 -8.17 -0.96 8.81
C LYS A 10 -8.29 -0.28 7.45
N MET A 11 -8.29 1.04 7.47
CA MET A 11 -8.40 1.82 6.26
C MET A 11 -7.16 1.64 5.38
N VAL A 12 -6.01 1.96 5.98
CA VAL A 12 -4.75 1.84 5.26
C VAL A 12 -4.52 0.37 4.88
N GLU A 13 -5.06 -0.51 5.70
CA GLU A 13 -4.93 -1.94 5.46
C GLU A 13 -5.36 -2.28 4.04
N GLU A 14 -6.44 -1.63 3.61
CA GLU A 14 -6.98 -1.86 2.29
C GLU A 14 -6.20 -1.05 1.25
N VAL A 15 -5.90 0.19 1.62
CA VAL A 15 -5.17 1.08 0.74
C VAL A 15 -3.98 0.32 0.13
N PHE A 16 -2.99 0.08 0.95
CA PHE A 16 -1.80 -0.63 0.52
C PHE A 16 -2.18 -1.82 -0.37
N ASP A 17 -3.24 -2.51 0.03
CA ASP A 17 -3.70 -3.66 -0.72
C ASP A 17 -4.20 -3.20 -2.09
N VAL A 18 -5.25 -2.40 -2.08
CA VAL A 18 -5.83 -1.89 -3.31
C VAL A 18 -4.71 -1.47 -4.25
N LEU A 19 -3.84 -0.60 -3.73
CA LEU A 19 -2.72 -0.10 -4.52
C LEU A 19 -1.95 -1.29 -5.11
N TYR A 20 -1.47 -2.14 -4.21
CA TYR A 20 -0.71 -3.31 -4.63
C TYR A 20 -1.45 -4.07 -5.73
N SER A 21 -2.72 -4.33 -5.48
CA SER A 21 -3.53 -5.06 -6.45
C SER A 21 -3.59 -4.28 -7.77
N GLU A 22 -3.70 -2.97 -7.64
CA GLU A 22 -3.76 -2.11 -8.81
C GLU A 22 -2.49 -2.27 -9.66
N ALA A 23 -1.35 -2.17 -8.98
CA ALA A 23 -0.07 -2.30 -9.66
C ALA A 23 0.08 -3.74 -10.18
N LEU A 24 -0.57 -4.66 -9.48
CA LEU A 24 -0.52 -6.06 -9.85
C LEU A 24 -1.44 -6.29 -11.05
N GLY A 25 -2.39 -5.40 -11.22
CA GLY A 25 -3.33 -5.49 -12.31
C GLY A 25 -4.23 -6.72 -12.15
N ARG A 26 -4.59 -7.00 -10.91
CA ARG A 26 -5.44 -8.15 -10.62
C ARG A 26 -6.91 -7.72 -10.62
N ALA A 27 -7.78 -8.72 -10.46
CA ALA A 27 -9.21 -8.46 -10.45
C ALA A 27 -9.68 -8.29 -9.00
N SER A 28 -9.23 -9.21 -8.15
CA SER A 28 -9.60 -9.18 -6.75
C SER A 28 -8.53 -8.44 -5.95
N VAL A 29 -8.92 -7.98 -4.76
CA VAL A 29 -8.01 -7.27 -3.90
C VAL A 29 -7.18 -8.27 -3.09
N VAL A 30 -5.89 -8.28 -3.36
CA VAL A 30 -4.99 -9.19 -2.65
C VAL A 30 -4.29 -8.44 -1.52
N PRO A 31 -3.84 -9.22 -0.51
CA PRO A 31 -3.16 -8.65 0.64
C PRO A 31 -1.73 -8.23 0.28
N LEU A 32 -1.09 -7.57 1.23
CA LEU A 32 0.29 -7.12 1.02
C LEU A 32 1.20 -7.79 2.05
N PRO A 33 1.92 -8.83 1.58
CA PRO A 33 2.84 -9.57 2.44
C PRO A 33 4.11 -8.75 2.70
N TYR A 34 4.02 -7.88 3.69
CA TYR A 34 5.16 -7.04 4.06
C TYR A 34 6.36 -7.89 4.44
N GLU A 35 6.13 -8.82 5.35
CA GLU A 35 7.19 -9.71 5.81
C GLU A 35 8.05 -10.15 4.63
N ARG A 36 7.42 -10.24 3.48
CA ARG A 36 8.11 -10.66 2.26
C ARG A 36 8.63 -9.44 1.51
N LEU A 37 7.69 -8.66 0.98
CA LEU A 37 8.04 -7.46 0.24
C LEU A 37 9.16 -6.71 0.98
N LEU A 38 9.03 -6.69 2.30
CA LEU A 38 10.03 -6.01 3.12
C LEU A 38 11.40 -6.62 2.86
N ARG A 39 11.43 -7.95 2.83
CA ARG A 39 12.68 -8.67 2.60
C ARG A 39 13.31 -8.21 1.29
N GLU A 40 12.47 -8.10 0.26
CA GLU A 40 12.93 -7.67 -1.04
C GLU A 40 12.25 -6.37 -1.46
N PRO A 41 13.01 -5.26 -1.35
CA PRO A 41 12.48 -3.95 -1.70
C PRO A 41 12.41 -3.78 -3.21
N GLY A 42 13.36 -4.43 -3.89
CA GLY A 42 13.41 -4.36 -5.34
C GLY A 42 12.18 -5.01 -5.97
N LEU A 43 11.59 -5.94 -5.22
CA LEU A 43 10.41 -6.64 -5.69
C LEU A 43 9.24 -5.65 -5.80
N LEU A 44 9.13 -4.79 -4.80
CA LEU A 44 8.08 -3.81 -4.78
C LEU A 44 8.49 -2.64 -3.88
N ALA A 45 8.64 -1.48 -4.50
CA ALA A 45 9.04 -0.29 -3.78
C ALA A 45 7.82 0.62 -3.59
N VAL A 46 7.64 1.07 -2.35
CA VAL A 46 6.51 1.94 -2.04
C VAL A 46 6.97 3.40 -2.12
N GLN A 47 6.27 4.16 -2.95
CA GLN A 47 6.59 5.56 -3.13
C GLN A 47 5.39 6.43 -2.76
N GLY A 48 5.65 7.72 -2.63
CA GLY A 48 4.60 8.66 -2.27
C GLY A 48 4.10 8.41 -0.85
N LEU A 49 5.00 7.91 -0.02
CA LEU A 49 4.65 7.62 1.36
C LEU A 49 4.59 8.94 2.16
N PRO A 50 3.99 8.85 3.37
CA PRO A 50 3.86 10.01 4.23
C PRO A 50 5.19 10.38 4.87
N GLU A 51 5.82 11.41 4.32
CA GLU A 51 7.11 11.86 4.83
C GLU A 51 7.19 11.63 6.34
N GLY A 52 8.40 11.33 6.80
CA GLY A 52 8.63 11.09 8.20
C GLY A 52 8.03 9.75 8.64
N LEU A 53 8.27 8.74 7.81
CA LEU A 53 7.76 7.40 8.09
C LEU A 53 8.63 6.37 7.37
N ALA A 54 8.14 5.14 7.37
CA ALA A 54 8.86 4.06 6.71
C ALA A 54 7.85 2.96 6.31
N PHE A 55 8.10 2.39 5.13
CA PHE A 55 7.23 1.34 4.63
C PHE A 55 7.24 0.13 5.56
N ARG A 56 6.08 -0.10 6.19
CA ARG A 56 5.94 -1.21 7.11
C ARG A 56 4.46 -1.48 7.37
N ARG A 57 4.21 -2.63 8.01
CA ARG A 57 2.84 -3.02 8.32
C ARG A 57 2.04 -1.81 8.80
N PRO A 58 0.71 -1.85 8.49
CA PRO A 58 -0.18 -0.77 8.88
C PRO A 58 -0.48 -0.83 10.38
N ALA A 59 -0.27 -2.00 10.96
CA ALA A 59 -0.52 -2.20 12.37
C ALA A 59 0.72 -1.78 13.17
N GLU A 60 1.82 -1.60 12.44
CA GLU A 60 3.06 -1.21 13.06
C GLU A 60 3.21 0.31 13.05
N TYR A 61 2.40 0.95 12.21
CA TYR A 61 2.41 2.40 12.10
C TYR A 61 1.77 3.05 13.33
N ASP A 62 1.96 4.36 13.42
CA ASP A 62 1.39 5.12 14.53
C ASP A 62 -0.02 5.56 14.18
N PRO A 63 -0.64 6.32 15.12
CA PRO A 63 -1.99 6.81 14.93
C PRO A 63 -2.00 7.99 13.94
N LYS A 64 -1.01 8.85 14.10
CA LYS A 64 -0.90 10.02 13.24
C LYS A 64 -0.39 9.59 11.87
N ALA A 65 0.28 8.45 11.85
CA ALA A 65 0.83 7.91 10.61
C ALA A 65 -0.32 7.49 9.70
N LEU A 66 -1.12 6.56 10.21
CA LEU A 66 -2.25 6.06 9.45
C LEU A 66 -3.03 7.24 8.86
N MET A 67 -3.17 8.28 9.68
CA MET A 67 -3.88 9.47 9.25
C MET A 67 -3.11 10.21 8.16
N ALA A 68 -1.78 10.12 8.24
CA ALA A 68 -0.93 10.78 7.28
C ALA A 68 -0.82 9.92 6.03
N ILE A 69 -1.12 8.64 6.20
CA ILE A 69 -1.07 7.70 5.09
C ILE A 69 -2.31 7.89 4.21
N LEU A 70 -3.45 8.06 4.87
CA LEU A 70 -4.70 8.23 4.17
C LEU A 70 -4.70 9.62 3.49
N GLU A 71 -3.94 10.53 4.08
CA GLU A 71 -3.85 11.87 3.55
C GLU A 71 -2.80 11.93 2.43
N HIS A 72 -1.71 11.21 2.64
CA HIS A 72 -0.64 11.17 1.68
C HIS A 72 -0.92 10.08 0.64
N SER A 73 -1.93 9.27 0.93
CA SER A 73 -2.31 8.19 0.04
C SER A 73 -2.39 8.71 -1.40
N HIS A 74 -2.98 9.89 -1.54
CA HIS A 74 -3.13 10.50 -2.85
C HIS A 74 -1.78 10.49 -3.57
N ARG A 75 -0.72 10.43 -2.78
CA ARG A 75 0.62 10.41 -3.33
C ARG A 75 1.18 8.99 -3.33
N ILE A 76 0.82 8.24 -2.30
CA ILE A 76 1.27 6.87 -2.17
C ILE A 76 1.10 6.15 -3.51
N ARG A 77 2.22 5.68 -4.04
CA ARG A 77 2.21 4.97 -5.31
C ARG A 77 3.09 3.73 -5.23
N PHE A 78 2.51 2.61 -5.64
CA PHE A 78 3.22 1.33 -5.62
C PHE A 78 4.04 1.16 -6.90
N LYS A 79 5.20 0.53 -6.74
CA LYS A 79 6.08 0.29 -7.87
C LYS A 79 6.52 -1.18 -7.86
N LEU A 80 6.12 -1.88 -8.91
CA LEU A 80 6.46 -3.29 -9.05
C LEU A 80 7.76 -3.42 -9.83
N LYS A 81 8.52 -4.47 -9.50
CA LYS A 81 9.78 -4.72 -10.17
C LYS A 81 9.59 -4.59 -11.69
N ARG A 82 10.59 -4.01 -12.33
CA ARG A 82 10.54 -3.82 -13.77
C ARG A 82 9.38 -2.89 -14.15
N PRO A 83 9.71 -1.90 -15.02
CA PRO A 83 8.70 -0.94 -15.46
C PRO A 83 7.75 -1.58 -16.47
N SER A 84 6.46 -1.45 -16.19
CA SER A 84 5.44 -2.00 -17.06
C SER A 84 4.05 -1.58 -16.58
N SER A 85 3.54 -0.52 -17.17
CA SER A 85 2.23 -0.01 -16.81
C SER A 85 1.18 -1.09 -17.00
N GLY A 86 -0.03 -0.80 -16.52
CA GLY A 86 -1.13 -1.74 -16.64
C GLY A 86 -2.47 -1.01 -16.71
N PRO A 87 -3.57 -1.81 -16.79
CA PRO A 87 -4.90 -1.26 -16.86
C PRO A 87 -5.35 -0.71 -15.50
N SER A 88 -6.52 -0.11 -15.50
CA SER A 88 -7.07 0.46 -14.27
C SER A 88 -8.59 0.55 -14.38
N SER A 89 -9.05 1.33 -15.36
CA SER A 89 -10.46 1.51 -15.58
C SER A 89 -11.13 0.16 -15.87
N GLY A 90 -12.28 -0.04 -15.26
CA GLY A 90 -13.03 -1.27 -15.44
C GLY A 90 -14.00 -1.51 -14.28
N GLY A 1 -12.44 -11.99 1.22
CA GLY A 1 -13.60 -11.81 2.07
C GLY A 1 -13.59 -10.42 2.72
N SER A 2 -14.67 -9.69 2.48
CA SER A 2 -14.80 -8.36 3.04
C SER A 2 -16.16 -7.76 2.67
N SER A 3 -16.69 -6.95 3.57
CA SER A 3 -17.98 -6.32 3.34
C SER A 3 -17.95 -4.87 3.84
N GLY A 4 -17.66 -4.72 5.13
CA GLY A 4 -17.58 -3.41 5.73
C GLY A 4 -16.70 -3.42 6.98
N SER A 5 -15.89 -2.39 7.11
CA SER A 5 -14.99 -2.27 8.25
C SER A 5 -14.58 -0.82 8.44
N SER A 6 -14.07 -0.53 9.63
CA SER A 6 -13.63 0.82 9.95
C SER A 6 -12.32 0.76 10.76
N GLY A 7 -11.74 1.93 10.94
CA GLY A 7 -10.48 2.03 11.68
C GLY A 7 -9.40 2.69 10.83
N LEU A 8 -8.48 3.35 11.53
CA LEU A 8 -7.38 4.04 10.85
C LEU A 8 -6.54 3.00 10.11
N ARG A 9 -6.06 2.02 10.86
CA ARG A 9 -5.23 0.97 10.28
C ARG A 9 -6.06 0.12 9.31
N LYS A 10 -7.31 -0.08 9.67
CA LYS A 10 -8.22 -0.87 8.85
C LYS A 10 -8.39 -0.19 7.49
N MET A 11 -8.26 1.14 7.51
CA MET A 11 -8.41 1.92 6.30
C MET A 11 -7.18 1.76 5.39
N VAL A 12 -6.02 2.00 5.98
CA VAL A 12 -4.77 1.89 5.25
C VAL A 12 -4.52 0.42 4.91
N GLU A 13 -5.18 -0.44 5.66
CA GLU A 13 -5.03 -1.88 5.45
C GLU A 13 -5.43 -2.25 4.02
N GLU A 14 -6.53 -1.66 3.57
CA GLU A 14 -7.03 -1.92 2.23
C GLU A 14 -6.22 -1.12 1.20
N VAL A 15 -5.90 0.11 1.59
CA VAL A 15 -5.14 0.98 0.72
C VAL A 15 -3.96 0.21 0.11
N PHE A 16 -2.96 -0.02 0.94
CA PHE A 16 -1.79 -0.75 0.50
C PHE A 16 -2.17 -1.96 -0.35
N ASP A 17 -3.31 -2.56 0.01
CA ASP A 17 -3.80 -3.73 -0.71
C ASP A 17 -4.25 -3.31 -2.10
N VAL A 18 -5.23 -2.40 -2.12
CA VAL A 18 -5.76 -1.90 -3.37
C VAL A 18 -4.62 -1.44 -4.27
N LEU A 19 -3.76 -0.62 -3.70
CA LEU A 19 -2.61 -0.11 -4.44
C LEU A 19 -1.86 -1.26 -5.09
N TYR A 20 -1.51 -2.24 -4.27
CA TYR A 20 -0.80 -3.41 -4.75
C TYR A 20 -1.54 -4.07 -5.91
N SER A 21 -2.79 -4.41 -5.66
CA SER A 21 -3.61 -5.04 -6.68
C SER A 21 -3.65 -4.18 -7.94
N GLU A 22 -3.75 -2.88 -7.72
CA GLU A 22 -3.79 -1.92 -8.82
C GLU A 22 -2.51 -2.02 -9.66
N ALA A 23 -1.39 -2.10 -8.95
CA ALA A 23 -0.09 -2.20 -9.60
C ALA A 23 0.06 -3.59 -10.22
N LEU A 24 -0.55 -4.56 -9.56
CA LEU A 24 -0.49 -5.94 -10.04
C LEU A 24 -1.46 -6.11 -11.21
N GLY A 25 -2.44 -5.22 -11.27
CA GLY A 25 -3.42 -5.26 -12.33
C GLY A 25 -4.34 -6.49 -12.18
N ARG A 26 -4.55 -6.88 -10.94
CA ARG A 26 -5.38 -8.03 -10.65
C ARG A 26 -6.86 -7.62 -10.65
N ALA A 27 -7.72 -8.62 -10.56
CA ALA A 27 -9.15 -8.38 -10.55
C ALA A 27 -9.64 -8.24 -9.11
N SER A 28 -9.15 -9.14 -8.27
CA SER A 28 -9.51 -9.13 -6.85
C SER A 28 -8.47 -8.38 -6.04
N VAL A 29 -8.88 -7.93 -4.87
CA VAL A 29 -7.99 -7.20 -3.99
C VAL A 29 -7.14 -8.18 -3.19
N VAL A 30 -5.88 -8.28 -3.57
CA VAL A 30 -4.96 -9.18 -2.89
C VAL A 30 -4.29 -8.45 -1.74
N PRO A 31 -3.84 -9.25 -0.74
CA PRO A 31 -3.18 -8.69 0.43
C PRO A 31 -1.75 -8.24 0.10
N LEU A 32 -1.12 -7.64 1.09
CA LEU A 32 0.25 -7.17 0.92
C LEU A 32 1.16 -7.86 1.93
N PRO A 33 1.91 -8.88 1.43
CA PRO A 33 2.82 -9.63 2.27
C PRO A 33 4.08 -8.81 2.60
N TYR A 34 3.94 -7.96 3.61
CA TYR A 34 5.05 -7.12 4.02
C TYR A 34 6.26 -7.96 4.41
N GLU A 35 6.03 -8.92 5.28
CA GLU A 35 7.09 -9.81 5.73
C GLU A 35 7.99 -10.20 4.57
N ARG A 36 7.39 -10.26 3.39
CA ARG A 36 8.11 -10.62 2.18
C ARG A 36 8.65 -9.37 1.49
N LEU A 37 7.71 -8.59 0.96
CA LEU A 37 8.06 -7.36 0.26
C LEU A 37 9.15 -6.63 1.06
N LEU A 38 9.01 -6.68 2.37
CA LEU A 38 9.96 -6.02 3.25
C LEU A 38 11.35 -6.63 3.03
N ARG A 39 11.40 -7.95 2.99
CA ARG A 39 12.66 -8.65 2.79
C ARG A 39 13.34 -8.14 1.52
N GLU A 40 12.54 -7.94 0.48
CA GLU A 40 13.05 -7.45 -0.79
C GLU A 40 12.34 -6.16 -1.19
N PRO A 41 13.06 -5.03 -1.01
CA PRO A 41 12.51 -3.73 -1.34
C PRO A 41 12.51 -3.52 -2.86
N GLY A 42 13.36 -4.26 -3.54
CA GLY A 42 13.47 -4.16 -4.99
C GLY A 42 12.27 -4.84 -5.66
N LEU A 43 11.70 -5.81 -4.95
CA LEU A 43 10.55 -6.54 -5.47
C LEU A 43 9.37 -5.57 -5.62
N LEU A 44 9.20 -4.72 -4.62
CA LEU A 44 8.12 -3.76 -4.62
C LEU A 44 8.51 -2.57 -3.75
N ALA A 45 8.74 -1.45 -4.41
CA ALA A 45 9.11 -0.23 -3.71
C ALA A 45 7.88 0.66 -3.52
N VAL A 46 7.67 1.09 -2.29
CA VAL A 46 6.54 1.93 -1.97
C VAL A 46 6.92 3.40 -2.20
N GLN A 47 6.12 4.07 -3.01
CA GLN A 47 6.35 5.47 -3.32
C GLN A 47 5.14 6.31 -2.94
N GLY A 48 5.34 7.62 -2.92
CA GLY A 48 4.28 8.55 -2.58
C GLY A 48 3.90 8.41 -1.09
N LEU A 49 4.89 8.04 -0.30
CA LEU A 49 4.67 7.87 1.13
C LEU A 49 4.28 9.22 1.74
N PRO A 50 3.78 9.16 3.00
CA PRO A 50 3.37 10.36 3.71
C PRO A 50 4.59 11.15 4.19
N GLU A 51 5.76 10.70 3.77
CA GLU A 51 6.99 11.35 4.15
C GLU A 51 7.17 11.31 5.67
N GLY A 52 8.43 11.18 6.08
CA GLY A 52 8.75 11.12 7.50
C GLY A 52 8.24 9.82 8.12
N LEU A 53 8.22 8.78 7.31
CA LEU A 53 7.77 7.48 7.76
C LEU A 53 8.64 6.39 7.14
N ALA A 54 8.20 5.15 7.31
CA ALA A 54 8.94 4.02 6.78
C ALA A 54 7.94 2.93 6.34
N PHE A 55 8.18 2.38 5.17
CA PHE A 55 7.33 1.34 4.63
C PHE A 55 7.27 0.14 5.58
N ARG A 56 6.10 -0.04 6.18
CA ARG A 56 5.90 -1.14 7.10
C ARG A 56 4.40 -1.38 7.34
N ARG A 57 4.11 -2.49 7.98
CA ARG A 57 2.72 -2.85 8.27
C ARG A 57 1.94 -1.61 8.70
N PRO A 58 0.61 -1.64 8.43
CA PRO A 58 -0.26 -0.54 8.79
C PRO A 58 -0.54 -0.52 10.29
N ALA A 59 -0.31 -1.68 10.91
CA ALA A 59 -0.53 -1.81 12.34
C ALA A 59 0.72 -1.35 13.09
N GLU A 60 1.87 -1.62 12.48
CA GLU A 60 3.14 -1.23 13.09
C GLU A 60 3.29 0.29 13.08
N TYR A 61 2.66 0.91 12.09
CA TYR A 61 2.73 2.36 11.96
C TYR A 61 2.14 3.05 13.20
N ASP A 62 2.31 4.36 13.25
CA ASP A 62 1.81 5.15 14.36
C ASP A 62 0.35 5.52 14.10
N PRO A 63 -0.24 6.27 15.07
CA PRO A 63 -1.61 6.70 14.95
C PRO A 63 -1.75 7.84 13.93
N LYS A 64 -0.95 8.87 14.14
CA LYS A 64 -0.97 10.02 13.24
C LYS A 64 -0.47 9.60 11.85
N ALA A 65 0.34 8.55 11.86
CA ALA A 65 0.90 8.04 10.62
C ALA A 65 -0.24 7.58 9.70
N LEU A 66 -0.97 6.59 10.17
CA LEU A 66 -2.10 6.06 9.40
C LEU A 66 -2.90 7.22 8.81
N MET A 67 -3.12 8.23 9.65
CA MET A 67 -3.87 9.40 9.22
C MET A 67 -3.14 10.14 8.10
N ALA A 68 -1.82 10.16 8.22
CA ALA A 68 -1.00 10.84 7.22
C ALA A 68 -0.91 9.97 5.96
N ILE A 69 -1.06 8.66 6.17
CA ILE A 69 -1.00 7.72 5.07
C ILE A 69 -2.26 7.87 4.21
N LEU A 70 -3.40 7.91 4.88
CA LEU A 70 -4.67 8.05 4.19
C LEU A 70 -4.77 9.45 3.59
N GLU A 71 -4.05 10.38 4.20
CA GLU A 71 -4.05 11.75 3.73
C GLU A 71 -3.07 11.92 2.57
N HIS A 72 -1.94 11.24 2.68
CA HIS A 72 -0.92 11.31 1.65
C HIS A 72 -1.18 10.23 0.61
N SER A 73 -2.11 9.33 0.94
CA SER A 73 -2.46 8.25 0.05
C SER A 73 -2.69 8.79 -1.36
N HIS A 74 -3.04 10.07 -1.42
CA HIS A 74 -3.29 10.71 -2.70
C HIS A 74 -2.03 10.67 -3.56
N ARG A 75 -0.92 10.36 -2.91
CA ARG A 75 0.36 10.29 -3.59
C ARG A 75 0.91 8.86 -3.55
N ILE A 76 0.63 8.19 -2.43
CA ILE A 76 1.08 6.82 -2.25
C ILE A 76 0.91 6.05 -3.56
N ARG A 77 2.03 5.58 -4.08
CA ARG A 77 2.02 4.83 -5.32
C ARG A 77 3.00 3.65 -5.25
N PHE A 78 2.49 2.48 -5.58
CA PHE A 78 3.31 1.27 -5.56
C PHE A 78 4.15 1.15 -6.83
N LYS A 79 5.26 0.44 -6.71
CA LYS A 79 6.16 0.24 -7.82
C LYS A 79 6.65 -1.20 -7.83
N LEU A 80 6.30 -1.91 -8.89
CA LEU A 80 6.70 -3.30 -9.03
C LEU A 80 8.05 -3.37 -9.76
N LYS A 81 8.81 -4.41 -9.43
CA LYS A 81 10.11 -4.60 -10.03
C LYS A 81 9.98 -4.56 -11.55
N ARG A 82 8.77 -4.86 -12.02
CA ARG A 82 8.50 -4.86 -13.44
C ARG A 82 7.18 -4.12 -13.73
N PRO A 83 7.10 -3.56 -14.96
CA PRO A 83 5.91 -2.84 -15.37
C PRO A 83 4.77 -3.80 -15.69
N SER A 84 3.59 -3.22 -15.92
CA SER A 84 2.42 -4.02 -16.24
C SER A 84 1.22 -3.09 -16.49
N SER A 85 0.18 -3.67 -17.09
CA SER A 85 -1.02 -2.92 -17.38
C SER A 85 -2.02 -3.08 -16.23
N GLY A 86 -3.09 -2.28 -16.32
CA GLY A 86 -4.13 -2.33 -15.30
C GLY A 86 -5.10 -1.16 -15.47
N PRO A 87 -6.11 -1.38 -16.35
CA PRO A 87 -7.11 -0.35 -16.61
C PRO A 87 -8.10 -0.25 -15.45
N SER A 88 -7.55 0.00 -14.27
CA SER A 88 -8.37 0.13 -13.07
C SER A 88 -9.46 -0.94 -13.07
N SER A 89 -9.11 -2.08 -12.49
CA SER A 89 -10.04 -3.20 -12.40
C SER A 89 -10.09 -3.73 -10.97
N GLY A 90 -11.13 -3.32 -10.26
CA GLY A 90 -11.32 -3.75 -8.89
C GLY A 90 -10.80 -2.69 -7.91
N GLY A 1 -13.85 -5.47 -5.00
CA GLY A 1 -14.85 -4.58 -4.43
C GLY A 1 -15.20 -5.03 -3.00
N SER A 2 -15.88 -4.12 -2.29
CA SER A 2 -16.28 -4.40 -0.92
C SER A 2 -17.05 -3.21 -0.36
N SER A 3 -17.64 -3.44 0.81
CA SER A 3 -18.41 -2.40 1.47
C SER A 3 -18.27 -2.53 2.99
N GLY A 4 -17.83 -1.45 3.61
CA GLY A 4 -17.66 -1.42 5.06
C GLY A 4 -16.50 -0.51 5.46
N SER A 5 -15.44 -1.15 5.95
CA SER A 5 -14.27 -0.39 6.37
C SER A 5 -14.61 0.49 7.57
N SER A 6 -13.78 0.39 8.60
CA SER A 6 -13.98 1.18 9.80
C SER A 6 -12.77 1.07 10.72
N GLY A 7 -11.90 2.07 10.64
CA GLY A 7 -10.70 2.09 11.45
C GLY A 7 -9.53 2.68 10.66
N LEU A 8 -8.74 3.49 11.37
CA LEU A 8 -7.58 4.12 10.76
C LEU A 8 -6.70 3.05 10.10
N ARG A 9 -6.30 2.08 10.92
CA ARG A 9 -5.45 1.01 10.44
C ARG A 9 -6.22 0.16 9.40
N LYS A 10 -7.53 0.08 9.60
CA LYS A 10 -8.37 -0.68 8.70
C LYS A 10 -8.50 0.06 7.37
N MET A 11 -8.37 1.37 7.44
CA MET A 11 -8.46 2.20 6.26
C MET A 11 -7.25 2.01 5.35
N VAL A 12 -6.07 2.17 5.95
CA VAL A 12 -4.82 2.02 5.22
C VAL A 12 -4.66 0.56 4.79
N GLU A 13 -5.18 -0.32 5.63
CA GLU A 13 -5.11 -1.75 5.36
C GLU A 13 -5.54 -2.04 3.92
N GLU A 14 -6.67 -1.45 3.55
CA GLU A 14 -7.21 -1.63 2.21
C GLU A 14 -6.35 -0.88 1.19
N VAL A 15 -5.94 0.32 1.58
CA VAL A 15 -5.12 1.15 0.71
C VAL A 15 -3.99 0.30 0.12
N PHE A 16 -3.02 -0.02 0.96
CA PHE A 16 -1.89 -0.82 0.53
C PHE A 16 -2.35 -2.01 -0.31
N ASP A 17 -3.42 -2.64 0.16
CA ASP A 17 -3.97 -3.80 -0.54
C ASP A 17 -4.38 -3.38 -1.95
N VAL A 18 -5.25 -2.39 -2.01
CA VAL A 18 -5.74 -1.88 -3.29
C VAL A 18 -4.54 -1.50 -4.17
N LEU A 19 -3.77 -0.55 -3.67
CA LEU A 19 -2.59 -0.09 -4.39
C LEU A 19 -1.88 -1.28 -5.02
N TYR A 20 -1.59 -2.26 -4.18
CA TYR A 20 -0.91 -3.47 -4.62
C TYR A 20 -1.66 -4.13 -5.77
N SER A 21 -2.90 -4.52 -5.48
CA SER A 21 -3.74 -5.16 -6.47
C SER A 21 -3.77 -4.33 -7.75
N GLU A 22 -3.75 -3.02 -7.57
CA GLU A 22 -3.76 -2.10 -8.69
C GLU A 22 -2.50 -2.26 -9.53
N ALA A 23 -1.37 -2.20 -8.85
CA ALA A 23 -0.08 -2.33 -9.52
C ALA A 23 0.04 -3.74 -10.11
N LEU A 24 -0.59 -4.68 -9.44
CA LEU A 24 -0.56 -6.07 -9.89
C LEU A 24 -1.54 -6.24 -11.06
N GLY A 25 -2.60 -5.44 -11.02
CA GLY A 25 -3.61 -5.50 -12.07
C GLY A 25 -4.41 -6.81 -12.00
N ARG A 26 -4.97 -7.06 -10.82
CA ARG A 26 -5.75 -8.26 -10.62
C ARG A 26 -7.25 -7.92 -10.56
N ALA A 27 -8.07 -8.97 -10.60
CA ALA A 27 -9.51 -8.79 -10.54
C ALA A 27 -9.99 -8.99 -9.10
N SER A 28 -9.06 -8.84 -8.18
CA SER A 28 -9.37 -9.00 -6.77
C SER A 28 -8.35 -8.25 -5.92
N VAL A 29 -8.73 -7.98 -4.68
CA VAL A 29 -7.86 -7.28 -3.75
C VAL A 29 -7.01 -8.28 -2.99
N VAL A 30 -5.73 -8.35 -3.35
CA VAL A 30 -4.82 -9.27 -2.71
C VAL A 30 -4.15 -8.57 -1.53
N PRO A 31 -3.66 -9.39 -0.56
CA PRO A 31 -2.99 -8.85 0.61
C PRO A 31 -1.57 -8.39 0.27
N LEU A 32 -0.95 -7.75 1.25
CA LEU A 32 0.41 -7.25 1.06
C LEU A 32 1.34 -7.91 2.09
N PRO A 33 2.06 -8.96 1.62
CA PRO A 33 2.97 -9.68 2.48
C PRO A 33 4.25 -8.87 2.72
N TYR A 34 4.16 -7.94 3.66
CA TYR A 34 5.29 -7.10 3.99
C TYR A 34 6.52 -7.94 4.35
N GLU A 35 6.30 -8.88 5.26
CA GLU A 35 7.37 -9.76 5.69
C GLU A 35 8.26 -10.15 4.52
N ARG A 36 7.65 -10.19 3.34
CA ARG A 36 8.36 -10.55 2.13
C ARG A 36 8.80 -9.28 1.38
N LEU A 37 7.81 -8.56 0.89
CA LEU A 37 8.08 -7.33 0.15
C LEU A 37 9.14 -6.52 0.91
N LEU A 38 9.11 -6.64 2.22
CA LEU A 38 10.06 -5.92 3.06
C LEU A 38 11.47 -6.42 2.75
N ARG A 39 11.60 -7.73 2.66
CA ARG A 39 12.89 -8.34 2.39
C ARG A 39 13.43 -7.85 1.05
N GLU A 40 12.56 -7.86 0.05
CA GLU A 40 12.94 -7.40 -1.28
C GLU A 40 12.38 -6.00 -1.55
N PRO A 41 13.30 -5.01 -1.53
CA PRO A 41 12.92 -3.62 -1.76
C PRO A 41 12.65 -3.38 -3.24
N GLY A 42 13.35 -4.13 -4.07
CA GLY A 42 13.18 -4.00 -5.51
C GLY A 42 11.88 -4.66 -5.98
N LEU A 43 11.63 -5.85 -5.45
CA LEU A 43 10.44 -6.60 -5.80
C LEU A 43 9.24 -5.64 -5.83
N LEU A 44 9.19 -4.77 -4.84
CA LEU A 44 8.11 -3.79 -4.75
C LEU A 44 8.55 -2.64 -3.84
N ALA A 45 8.70 -1.47 -4.44
CA ALA A 45 9.11 -0.29 -3.70
C ALA A 45 7.89 0.62 -3.51
N VAL A 46 7.67 1.00 -2.26
CA VAL A 46 6.55 1.87 -1.92
C VAL A 46 6.99 3.33 -2.07
N GLN A 47 6.28 4.05 -2.92
CA GLN A 47 6.57 5.44 -3.15
C GLN A 47 5.37 6.32 -2.79
N GLY A 48 5.63 7.61 -2.67
CA GLY A 48 4.58 8.56 -2.33
C GLY A 48 4.15 8.38 -0.88
N LEU A 49 5.10 7.94 -0.05
CA LEU A 49 4.83 7.74 1.36
C LEU A 49 4.47 9.07 2.01
N PRO A 50 3.93 8.98 3.26
CA PRO A 50 3.56 10.17 3.99
C PRO A 50 4.79 10.88 4.55
N GLU A 51 5.95 10.39 4.14
CA GLU A 51 7.20 10.97 4.59
C GLU A 51 7.32 10.87 6.11
N GLY A 52 8.56 10.68 6.56
CA GLY A 52 8.82 10.55 7.99
C GLY A 52 8.26 9.25 8.54
N LEU A 53 8.22 8.24 7.68
CA LEU A 53 7.71 6.93 8.06
C LEU A 53 8.56 5.84 7.41
N ALA A 54 8.10 4.61 7.56
CA ALA A 54 8.81 3.47 6.98
C ALA A 54 7.80 2.43 6.52
N PHE A 55 8.03 1.92 5.32
CA PHE A 55 7.15 0.92 4.75
C PHE A 55 7.07 -0.32 5.63
N ARG A 56 5.92 -0.49 6.27
CA ARG A 56 5.70 -1.63 7.14
C ARG A 56 4.21 -1.80 7.43
N ARG A 57 3.89 -2.93 8.03
CA ARG A 57 2.50 -3.24 8.37
C ARG A 57 1.78 -1.98 8.84
N PRO A 58 0.45 -1.92 8.53
CA PRO A 58 -0.36 -0.78 8.92
C PRO A 58 -0.67 -0.81 10.42
N ALA A 59 -0.45 -1.97 11.01
CA ALA A 59 -0.70 -2.16 12.43
C ALA A 59 0.52 -1.70 13.23
N GLU A 60 1.67 -1.77 12.57
CA GLU A 60 2.91 -1.38 13.21
C GLU A 60 3.06 0.15 13.19
N TYR A 61 2.35 0.77 12.25
CA TYR A 61 2.38 2.21 12.12
C TYR A 61 1.73 2.89 13.32
N ASP A 62 1.97 4.19 13.44
CA ASP A 62 1.42 4.95 14.54
C ASP A 62 -0.01 5.39 14.18
N PRO A 63 -0.63 6.14 15.12
CA PRO A 63 -1.99 6.62 14.92
C PRO A 63 -2.02 7.78 13.92
N LYS A 64 -1.16 8.75 14.18
CA LYS A 64 -1.07 9.91 13.31
C LYS A 64 -0.50 9.50 11.95
N ALA A 65 0.19 8.37 11.95
CA ALA A 65 0.79 7.85 10.74
C ALA A 65 -0.32 7.41 9.77
N LEU A 66 -1.15 6.50 10.26
CA LEU A 66 -2.25 6.00 9.45
C LEU A 66 -3.00 7.18 8.83
N MET A 67 -3.22 8.20 9.64
CA MET A 67 -3.92 9.38 9.18
C MET A 67 -3.12 10.12 8.11
N ALA A 68 -1.80 10.05 8.25
CA ALA A 68 -0.91 10.70 7.30
C ALA A 68 -0.80 9.85 6.05
N ILE A 69 -0.99 8.55 6.22
CA ILE A 69 -0.93 7.61 5.12
C ILE A 69 -2.15 7.79 4.23
N LEU A 70 -3.30 7.91 4.88
CA LEU A 70 -4.55 8.09 4.15
C LEU A 70 -4.58 9.48 3.51
N GLU A 71 -3.89 10.39 4.17
CA GLU A 71 -3.84 11.77 3.69
C GLU A 71 -2.81 11.88 2.56
N HIS A 72 -1.68 11.22 2.75
CA HIS A 72 -0.62 11.24 1.77
C HIS A 72 -0.86 10.16 0.72
N SER A 73 -1.82 9.29 1.04
CA SER A 73 -2.16 8.20 0.13
C SER A 73 -2.29 8.73 -1.30
N HIS A 74 -2.81 9.94 -1.40
CA HIS A 74 -2.99 10.57 -2.70
C HIS A 74 -1.69 10.50 -3.49
N ARG A 75 -0.59 10.33 -2.76
CA ARG A 75 0.72 10.25 -3.37
C ARG A 75 1.21 8.80 -3.38
N ILE A 76 0.92 8.11 -2.29
CA ILE A 76 1.33 6.72 -2.16
C ILE A 76 1.13 6.00 -3.50
N ARG A 77 2.24 5.46 -4.00
CA ARG A 77 2.20 4.76 -5.27
C ARG A 77 3.11 3.52 -5.21
N PHE A 78 2.55 2.40 -5.64
CA PHE A 78 3.28 1.15 -5.63
C PHE A 78 4.09 0.98 -6.92
N LYS A 79 5.27 0.40 -6.78
CA LYS A 79 6.14 0.18 -7.91
C LYS A 79 6.64 -1.27 -7.91
N LEU A 80 6.26 -2.00 -8.95
CA LEU A 80 6.66 -3.40 -9.06
C LEU A 80 7.97 -3.47 -9.85
N LYS A 81 8.71 -4.54 -9.57
CA LYS A 81 9.98 -4.75 -10.24
C LYS A 81 9.79 -4.66 -11.76
N ARG A 82 10.75 -4.04 -12.42
CA ARG A 82 10.70 -3.88 -13.86
C ARG A 82 12.04 -4.26 -14.49
N PRO A 83 11.95 -5.10 -15.56
CA PRO A 83 13.14 -5.54 -16.26
C PRO A 83 13.71 -4.43 -17.14
N SER A 84 12.83 -3.82 -17.93
CA SER A 84 13.23 -2.74 -18.81
C SER A 84 12.09 -1.73 -18.94
N SER A 85 10.93 -2.23 -19.34
CA SER A 85 9.76 -1.40 -19.51
C SER A 85 8.62 -1.88 -18.61
N GLY A 86 8.17 -3.09 -18.87
CA GLY A 86 7.10 -3.68 -18.10
C GLY A 86 5.93 -2.70 -17.95
N PRO A 87 5.06 -2.67 -18.99
CA PRO A 87 3.91 -1.79 -18.98
C PRO A 87 2.82 -2.32 -18.05
N SER A 88 1.74 -1.56 -17.96
CA SER A 88 0.62 -1.94 -17.10
C SER A 88 -0.49 -0.89 -17.20
N SER A 89 -1.65 -1.36 -17.64
CA SER A 89 -2.80 -0.48 -17.78
C SER A 89 -3.84 -0.80 -16.72
N GLY A 90 -4.64 0.20 -16.38
CA GLY A 90 -5.69 0.03 -15.39
C GLY A 90 -5.17 0.38 -13.99
N GLY A 1 -29.55 0.06 9.61
CA GLY A 1 -28.75 -0.77 8.73
C GLY A 1 -27.45 -1.21 9.41
N SER A 2 -26.99 -2.39 9.01
CA SER A 2 -25.77 -2.94 9.56
C SER A 2 -24.56 -2.46 8.75
N SER A 3 -23.84 -1.51 9.32
CA SER A 3 -22.66 -0.96 8.67
C SER A 3 -21.45 -1.06 9.59
N GLY A 4 -20.38 -1.64 9.06
CA GLY A 4 -19.16 -1.81 9.82
C GLY A 4 -18.73 -0.49 10.44
N SER A 5 -17.63 -0.55 11.19
CA SER A 5 -17.10 0.63 11.85
C SER A 5 -15.76 1.02 11.21
N SER A 6 -15.73 2.20 10.63
CA SER A 6 -14.53 2.69 9.98
C SER A 6 -13.34 2.61 10.96
N GLY A 7 -12.15 2.65 10.40
CA GLY A 7 -10.94 2.58 11.20
C GLY A 7 -9.78 3.29 10.50
N LEU A 8 -8.66 3.37 11.21
CA LEU A 8 -7.48 4.01 10.68
C LEU A 8 -6.57 2.96 10.05
N ARG A 9 -6.16 2.01 10.89
CA ARG A 9 -5.29 0.94 10.43
C ARG A 9 -6.04 0.02 9.47
N LYS A 10 -7.35 -0.06 9.67
CA LYS A 10 -8.19 -0.89 8.82
C LYS A 10 -8.30 -0.25 7.43
N MET A 11 -8.35 1.07 7.43
CA MET A 11 -8.46 1.80 6.18
C MET A 11 -7.21 1.62 5.32
N VAL A 12 -6.08 2.02 5.88
CA VAL A 12 -4.82 1.91 5.18
C VAL A 12 -4.58 0.44 4.80
N GLU A 13 -5.04 -0.44 5.67
CA GLU A 13 -4.89 -1.86 5.43
C GLU A 13 -5.29 -2.22 4.00
N GLU A 14 -6.42 -1.66 3.59
CA GLU A 14 -6.93 -1.90 2.25
C GLU A 14 -6.15 -1.07 1.22
N VAL A 15 -5.88 0.17 1.60
CA VAL A 15 -5.15 1.08 0.73
C VAL A 15 -3.95 0.33 0.11
N PHE A 16 -2.97 0.07 0.95
CA PHE A 16 -1.77 -0.63 0.51
C PHE A 16 -2.14 -1.83 -0.35
N ASP A 17 -3.27 -2.45 -0.02
CA ASP A 17 -3.74 -3.61 -0.75
C ASP A 17 -4.22 -3.18 -2.13
N VAL A 18 -5.24 -2.32 -2.13
CA VAL A 18 -5.80 -1.82 -3.37
C VAL A 18 -4.67 -1.37 -4.30
N LEU A 19 -3.84 -0.48 -3.77
CA LEU A 19 -2.72 0.04 -4.53
C LEU A 19 -1.91 -1.13 -5.11
N TYR A 20 -1.53 -2.04 -4.22
CA TYR A 20 -0.77 -3.21 -4.63
C TYR A 20 -1.50 -3.99 -5.71
N SER A 21 -2.75 -4.32 -5.42
CA SER A 21 -3.57 -5.07 -6.36
C SER A 21 -3.65 -4.33 -7.69
N GLU A 22 -3.77 -3.01 -7.59
CA GLU A 22 -3.86 -2.17 -8.77
C GLU A 22 -2.58 -2.28 -9.60
N ALA A 23 -1.46 -2.19 -8.92
CA ALA A 23 -0.16 -2.28 -9.57
C ALA A 23 0.03 -3.70 -10.09
N LEU A 24 -0.57 -4.65 -9.39
CA LEU A 24 -0.46 -6.05 -9.78
C LEU A 24 -1.33 -6.30 -11.01
N GLY A 25 -2.36 -5.48 -11.15
CA GLY A 25 -3.27 -5.62 -12.27
C GLY A 25 -4.10 -6.89 -12.17
N ARG A 26 -4.44 -7.24 -10.93
CA ARG A 26 -5.23 -8.42 -10.68
C ARG A 26 -6.72 -8.10 -10.75
N ALA A 27 -7.54 -9.14 -10.59
CA ALA A 27 -8.98 -8.97 -10.63
C ALA A 27 -9.50 -8.71 -9.22
N SER A 28 -9.04 -9.54 -8.29
CA SER A 28 -9.45 -9.41 -6.90
C SER A 28 -8.39 -8.66 -6.10
N VAL A 29 -8.78 -8.17 -4.94
CA VAL A 29 -7.88 -7.44 -4.08
C VAL A 29 -7.08 -8.43 -3.22
N VAL A 30 -5.78 -8.47 -3.48
CA VAL A 30 -4.90 -9.37 -2.75
C VAL A 30 -4.23 -8.58 -1.61
N PRO A 31 -3.80 -9.35 -0.56
CA PRO A 31 -3.14 -8.74 0.58
C PRO A 31 -1.71 -8.34 0.23
N LEU A 32 -1.10 -7.61 1.15
CA LEU A 32 0.27 -7.16 0.96
C LEU A 32 1.17 -7.84 1.98
N PRO A 33 1.91 -8.89 1.50
CA PRO A 33 2.82 -9.62 2.35
C PRO A 33 4.08 -8.82 2.64
N TYR A 34 3.95 -7.88 3.57
CA TYR A 34 5.08 -7.04 3.94
C TYR A 34 6.28 -7.89 4.36
N GLU A 35 6.05 -8.75 5.33
CA GLU A 35 7.10 -9.62 5.83
C GLU A 35 7.99 -10.10 4.67
N ARG A 36 7.37 -10.22 3.51
CA ARG A 36 8.09 -10.66 2.32
C ARG A 36 8.63 -9.46 1.55
N LEU A 37 7.71 -8.67 1.01
CA LEU A 37 8.08 -7.49 0.26
C LEU A 37 9.19 -6.74 1.00
N LEU A 38 9.08 -6.73 2.32
CA LEU A 38 10.06 -6.05 3.14
C LEU A 38 11.44 -6.65 2.87
N ARG A 39 11.48 -7.97 2.82
CA ARG A 39 12.73 -8.69 2.57
C ARG A 39 13.41 -8.13 1.32
N GLU A 40 12.59 -7.92 0.29
CA GLU A 40 13.10 -7.41 -0.97
C GLU A 40 12.42 -6.08 -1.31
N PRO A 41 13.17 -4.97 -1.09
CA PRO A 41 12.65 -3.64 -1.38
C PRO A 41 12.62 -3.37 -2.88
N GLY A 42 13.47 -4.08 -3.60
CA GLY A 42 13.54 -3.93 -5.04
C GLY A 42 12.36 -4.60 -5.73
N LEU A 43 11.90 -5.68 -5.12
CA LEU A 43 10.77 -6.42 -5.67
C LEU A 43 9.57 -5.49 -5.78
N LEU A 44 9.39 -4.67 -4.74
CA LEU A 44 8.28 -3.72 -4.72
C LEU A 44 8.66 -2.53 -3.84
N ALA A 45 8.82 -1.39 -4.51
CA ALA A 45 9.18 -0.17 -3.81
C ALA A 45 7.93 0.71 -3.64
N VAL A 46 7.65 1.02 -2.38
CA VAL A 46 6.49 1.85 -2.07
C VAL A 46 6.88 3.32 -2.17
N GLN A 47 6.26 4.01 -3.12
CA GLN A 47 6.53 5.42 -3.32
C GLN A 47 5.31 6.26 -2.94
N GLY A 48 5.54 7.55 -2.82
CA GLY A 48 4.47 8.47 -2.45
C GLY A 48 4.02 8.24 -1.01
N LEU A 49 4.95 7.78 -0.20
CA LEU A 49 4.66 7.52 1.20
C LEU A 49 4.61 8.84 1.97
N PRO A 50 4.06 8.76 3.21
CA PRO A 50 3.95 9.94 4.05
C PRO A 50 5.31 10.33 4.64
N GLU A 51 5.93 11.32 4.03
CA GLU A 51 7.22 11.80 4.48
C GLU A 51 7.35 11.62 5.99
N GLY A 52 8.57 11.34 6.42
CA GLY A 52 8.84 11.15 7.83
C GLY A 52 8.27 9.83 8.33
N LEU A 53 8.45 8.79 7.51
CA LEU A 53 7.96 7.48 7.86
C LEU A 53 8.79 6.42 7.13
N ALA A 54 8.31 5.18 7.19
CA ALA A 54 9.00 4.07 6.55
C ALA A 54 7.99 3.00 6.17
N PHE A 55 8.22 2.40 5.01
CA PHE A 55 7.33 1.35 4.53
C PHE A 55 7.30 0.16 5.49
N ARG A 56 6.13 -0.06 6.07
CA ARG A 56 5.96 -1.15 7.01
C ARG A 56 4.48 -1.45 7.22
N ARG A 57 4.22 -2.58 7.87
CA ARG A 57 2.85 -2.99 8.13
C ARG A 57 2.03 -1.80 8.63
N PRO A 58 0.69 -1.85 8.34
CA PRO A 58 -0.20 -0.79 8.75
C PRO A 58 -0.49 -0.86 10.25
N ALA A 59 -0.19 -2.02 10.82
CA ALA A 59 -0.41 -2.23 12.24
C ALA A 59 0.84 -1.81 13.01
N GLU A 60 1.93 -1.70 12.29
CA GLU A 60 3.20 -1.31 12.90
C GLU A 60 3.34 0.21 12.90
N TYR A 61 2.53 0.85 12.06
CA TYR A 61 2.55 2.30 11.96
C TYR A 61 1.90 2.94 13.19
N ASP A 62 2.13 4.24 13.32
CA ASP A 62 1.58 4.98 14.45
C ASP A 62 0.15 5.42 14.11
N PRO A 63 -0.46 6.15 15.08
CA PRO A 63 -1.82 6.62 14.91
C PRO A 63 -1.88 7.80 13.93
N LYS A 64 -0.96 8.73 14.14
CA LYS A 64 -0.89 9.90 13.29
C LYS A 64 -0.37 9.50 11.90
N ALA A 65 0.35 8.39 11.88
CA ALA A 65 0.89 7.88 10.64
C ALA A 65 -0.25 7.46 9.71
N LEU A 66 -1.09 6.59 10.22
CA LEU A 66 -2.22 6.10 9.45
C LEU A 66 -3.01 7.29 8.89
N MET A 67 -3.20 8.29 9.75
CA MET A 67 -3.92 9.48 9.37
C MET A 67 -3.17 10.25 8.28
N ALA A 68 -1.85 10.13 8.32
CA ALA A 68 -1.02 10.80 7.34
C ALA A 68 -0.95 9.97 6.06
N ILE A 69 -1.12 8.67 6.23
CA ILE A 69 -1.08 7.75 5.10
C ILE A 69 -2.33 7.96 4.24
N LEU A 70 -3.46 8.06 4.92
CA LEU A 70 -4.73 8.25 4.23
C LEU A 70 -4.69 9.59 3.49
N GLU A 71 -4.06 10.57 4.12
CA GLU A 71 -3.96 11.89 3.52
C GLU A 71 -2.94 11.88 2.39
N HIS A 72 -1.80 11.25 2.65
CA HIS A 72 -0.74 11.16 1.66
C HIS A 72 -1.10 10.09 0.63
N SER A 73 -2.14 9.33 0.93
CA SER A 73 -2.59 8.29 0.04
C SER A 73 -2.85 8.86 -1.35
N HIS A 74 -2.94 10.19 -1.41
CA HIS A 74 -3.19 10.87 -2.66
C HIS A 74 -1.97 10.72 -3.57
N ARG A 75 -0.84 10.39 -2.95
CA ARG A 75 0.39 10.22 -3.68
C ARG A 75 0.89 8.79 -3.56
N ILE A 76 0.56 8.16 -2.44
CA ILE A 76 0.96 6.79 -2.19
C ILE A 76 0.81 5.98 -3.48
N ARG A 77 1.96 5.57 -4.02
CA ARG A 77 1.96 4.78 -5.24
C ARG A 77 2.91 3.59 -5.10
N PHE A 78 2.48 2.47 -5.67
CA PHE A 78 3.26 1.25 -5.61
C PHE A 78 4.10 1.09 -6.87
N LYS A 79 5.25 0.43 -6.70
CA LYS A 79 6.15 0.20 -7.83
C LYS A 79 6.63 -1.25 -7.79
N LEU A 80 6.28 -1.98 -8.83
CA LEU A 80 6.66 -3.38 -8.93
C LEU A 80 7.91 -3.49 -9.80
N LYS A 81 8.74 -4.48 -9.48
CA LYS A 81 9.97 -4.71 -10.22
C LYS A 81 9.64 -4.83 -11.71
N ARG A 82 10.69 -4.75 -12.51
CA ARG A 82 10.52 -4.85 -13.96
C ARG A 82 9.54 -5.97 -14.31
N PRO A 83 8.79 -5.75 -15.42
CA PRO A 83 7.82 -6.73 -15.87
C PRO A 83 8.50 -7.92 -16.52
N SER A 84 7.78 -9.03 -16.56
CA SER A 84 8.31 -10.25 -17.16
C SER A 84 7.28 -10.86 -18.11
N SER A 85 7.76 -11.28 -19.27
CA SER A 85 6.90 -11.87 -20.28
C SER A 85 6.36 -13.21 -19.78
N GLY A 86 5.08 -13.43 -20.01
CA GLY A 86 4.45 -14.67 -19.60
C GLY A 86 2.92 -14.54 -19.65
N PRO A 87 2.24 -15.49 -18.94
CA PRO A 87 0.79 -15.49 -18.90
C PRO A 87 0.27 -14.37 -17.98
N SER A 88 -1.05 -14.26 -17.94
CA SER A 88 -1.69 -13.24 -17.12
C SER A 88 -2.75 -13.89 -16.23
N SER A 89 -2.64 -13.61 -14.93
CA SER A 89 -3.58 -14.15 -13.96
C SER A 89 -3.85 -15.63 -14.27
N GLY A 90 -2.98 -16.48 -13.72
CA GLY A 90 -3.12 -17.90 -13.92
C GLY A 90 -2.98 -18.66 -12.59
N GLY A 1 -18.19 -9.04 4.06
CA GLY A 1 -18.80 -7.77 4.39
C GLY A 1 -19.67 -7.89 5.65
N SER A 2 -19.51 -6.92 6.55
CA SER A 2 -20.26 -6.92 7.78
C SER A 2 -20.34 -5.49 8.33
N SER A 3 -21.54 -4.93 8.28
CA SER A 3 -21.76 -3.58 8.77
C SER A 3 -21.01 -2.58 7.90
N GLY A 4 -19.69 -2.59 8.04
CA GLY A 4 -18.85 -1.69 7.27
C GLY A 4 -17.45 -1.57 7.91
N SER A 5 -16.45 -1.92 7.12
CA SER A 5 -15.07 -1.86 7.59
C SER A 5 -14.79 -0.48 8.18
N SER A 6 -14.06 -0.49 9.30
CA SER A 6 -13.72 0.75 9.97
C SER A 6 -12.42 0.56 10.75
N GLY A 7 -11.68 1.65 10.89
CA GLY A 7 -10.42 1.62 11.60
C GLY A 7 -9.30 2.29 10.78
N LEU A 8 -8.52 3.12 11.47
CA LEU A 8 -7.43 3.82 10.82
C LEU A 8 -6.49 2.79 10.17
N ARG A 9 -6.02 1.86 11.00
CA ARG A 9 -5.12 0.82 10.52
C ARG A 9 -5.82 -0.05 9.48
N LYS A 10 -7.14 -0.18 9.65
CA LYS A 10 -7.93 -0.99 8.74
C LYS A 10 -8.12 -0.22 7.42
N MET A 11 -8.15 1.10 7.55
CA MET A 11 -8.32 1.95 6.38
C MET A 11 -7.14 1.83 5.43
N VAL A 12 -5.95 2.00 5.99
CA VAL A 12 -4.73 1.91 5.20
C VAL A 12 -4.52 0.46 4.75
N GLU A 13 -4.94 -0.46 5.60
CA GLU A 13 -4.81 -1.87 5.30
C GLU A 13 -5.26 -2.15 3.87
N GLU A 14 -6.44 -1.63 3.54
CA GLU A 14 -7.00 -1.82 2.20
C GLU A 14 -6.23 -0.98 1.19
N VAL A 15 -5.81 0.20 1.63
CA VAL A 15 -5.07 1.11 0.78
C VAL A 15 -3.86 0.37 0.20
N PHE A 16 -2.89 0.11 1.07
CA PHE A 16 -1.68 -0.58 0.66
C PHE A 16 -2.02 -1.79 -0.21
N ASP A 17 -3.21 -2.32 -0.01
CA ASP A 17 -3.66 -3.48 -0.78
C ASP A 17 -4.15 -3.01 -2.15
N VAL A 18 -5.22 -2.25 -2.13
CA VAL A 18 -5.80 -1.74 -3.37
C VAL A 18 -4.67 -1.29 -4.30
N LEU A 19 -3.76 -0.52 -3.73
CA LEU A 19 -2.63 -0.01 -4.51
C LEU A 19 -1.83 -1.19 -5.07
N TYR A 20 -1.45 -2.10 -4.17
CA TYR A 20 -0.69 -3.28 -4.55
C TYR A 20 -1.41 -4.05 -5.66
N SER A 21 -2.70 -4.28 -5.43
CA SER A 21 -3.51 -5.02 -6.38
C SER A 21 -3.57 -4.25 -7.70
N GLU A 22 -3.70 -2.94 -7.59
CA GLU A 22 -3.76 -2.08 -8.77
C GLU A 22 -2.52 -2.27 -9.63
N ALA A 23 -1.37 -2.16 -8.99
CA ALA A 23 -0.10 -2.30 -9.69
C ALA A 23 0.02 -3.74 -10.20
N LEU A 24 -0.67 -4.64 -9.51
CA LEU A 24 -0.63 -6.04 -9.88
C LEU A 24 -1.56 -6.27 -11.08
N GLY A 25 -2.55 -5.39 -11.21
CA GLY A 25 -3.49 -5.48 -12.30
C GLY A 25 -4.41 -6.69 -12.12
N ARG A 26 -4.70 -6.99 -10.87
CA ARG A 26 -5.57 -8.11 -10.55
C ARG A 26 -7.04 -7.67 -10.55
N ALA A 27 -7.91 -8.63 -10.28
CA ALA A 27 -9.34 -8.35 -10.25
C ALA A 27 -9.78 -8.16 -8.79
N SER A 28 -9.32 -9.07 -7.94
CA SER A 28 -9.67 -9.01 -6.54
C SER A 28 -8.58 -8.25 -5.77
N VAL A 29 -8.95 -7.82 -4.57
CA VAL A 29 -8.02 -7.08 -3.72
C VAL A 29 -7.21 -8.07 -2.89
N VAL A 30 -5.92 -8.14 -3.21
CA VAL A 30 -5.02 -9.04 -2.50
C VAL A 30 -4.31 -8.28 -1.38
N PRO A 31 -3.90 -9.04 -0.33
CA PRO A 31 -3.21 -8.44 0.81
C PRO A 31 -1.77 -8.08 0.45
N LEU A 32 -1.12 -7.42 1.39
CA LEU A 32 0.26 -6.99 1.19
C LEU A 32 1.16 -7.70 2.20
N PRO A 33 1.84 -8.77 1.72
CA PRO A 33 2.74 -9.54 2.56
C PRO A 33 4.03 -8.78 2.83
N TYR A 34 3.94 -7.80 3.72
CA TYR A 34 5.10 -6.98 4.07
C TYR A 34 6.29 -7.86 4.45
N GLU A 35 6.05 -8.74 5.42
CA GLU A 35 7.09 -9.64 5.88
C GLU A 35 7.93 -10.14 4.70
N ARG A 36 7.29 -10.22 3.55
CA ARG A 36 7.96 -10.67 2.35
C ARG A 36 8.51 -9.48 1.56
N LEU A 37 7.58 -8.69 1.05
CA LEU A 37 7.95 -7.50 0.28
C LEU A 37 9.09 -6.78 0.99
N LEU A 38 9.00 -6.74 2.31
CA LEU A 38 10.01 -6.09 3.12
C LEU A 38 11.37 -6.72 2.83
N ARG A 39 11.38 -8.04 2.80
CA ARG A 39 12.61 -8.77 2.54
C ARG A 39 13.27 -8.27 1.25
N GLU A 40 12.44 -8.09 0.24
CA GLU A 40 12.92 -7.62 -1.05
C GLU A 40 12.26 -6.27 -1.40
N PRO A 41 13.06 -5.19 -1.23
CA PRO A 41 12.58 -3.85 -1.53
C PRO A 41 12.52 -3.61 -3.04
N GLY A 42 13.28 -4.41 -3.77
CA GLY A 42 13.31 -4.30 -5.21
C GLY A 42 12.07 -4.92 -5.84
N LEU A 43 11.58 -5.97 -5.19
CA LEU A 43 10.39 -6.66 -5.68
C LEU A 43 9.23 -5.67 -5.77
N LEU A 44 9.13 -4.84 -4.75
CA LEU A 44 8.07 -3.84 -4.70
C LEU A 44 8.50 -2.67 -3.81
N ALA A 45 8.66 -1.52 -4.43
CA ALA A 45 9.08 -0.33 -3.71
C ALA A 45 7.89 0.63 -3.60
N VAL A 46 7.63 1.06 -2.37
CA VAL A 46 6.53 1.98 -2.11
C VAL A 46 7.05 3.42 -2.22
N GLN A 47 6.45 4.15 -3.16
CA GLN A 47 6.83 5.53 -3.38
C GLN A 47 5.66 6.47 -3.03
N GLY A 48 6.00 7.73 -2.84
CA GLY A 48 5.00 8.73 -2.50
C GLY A 48 4.43 8.48 -1.11
N LEU A 49 5.27 7.95 -0.24
CA LEU A 49 4.88 7.65 1.13
C LEU A 49 4.73 8.96 1.91
N PRO A 50 4.06 8.87 3.08
CA PRO A 50 3.86 10.04 3.92
C PRO A 50 5.14 10.43 4.65
N GLU A 51 5.75 11.51 4.19
CA GLU A 51 6.97 12.00 4.78
C GLU A 51 6.99 11.71 6.28
N GLY A 52 8.18 11.42 6.79
CA GLY A 52 8.34 11.12 8.20
C GLY A 52 7.74 9.76 8.54
N LEU A 53 8.11 8.76 7.76
CA LEU A 53 7.60 7.42 7.98
C LEU A 53 8.53 6.41 7.28
N ALA A 54 8.08 5.17 7.22
CA ALA A 54 8.84 4.12 6.58
C ALA A 54 7.90 3.00 6.15
N PHE A 55 8.16 2.47 4.96
CA PHE A 55 7.34 1.39 4.42
C PHE A 55 7.33 0.19 5.36
N ARG A 56 6.19 -0.01 6.00
CA ARG A 56 6.03 -1.11 6.93
C ARG A 56 4.55 -1.36 7.21
N ARG A 57 4.28 -2.52 7.80
CA ARG A 57 2.92 -2.89 8.14
C ARG A 57 2.14 -1.66 8.60
N PRO A 58 0.79 -1.72 8.39
CA PRO A 58 -0.08 -0.62 8.79
C PRO A 58 -0.27 -0.59 10.30
N ALA A 59 0.02 -1.71 10.93
CA ALA A 59 -0.11 -1.83 12.38
C ALA A 59 1.15 -1.28 13.05
N GLU A 60 2.28 -1.54 12.40
CA GLU A 60 3.55 -1.09 12.92
C GLU A 60 3.63 0.44 12.89
N TYR A 61 2.68 1.04 12.17
CA TYR A 61 2.64 2.48 12.05
C TYR A 61 1.93 3.10 13.25
N ASP A 62 2.13 4.41 13.41
CA ASP A 62 1.53 5.14 14.51
C ASP A 62 0.10 5.52 14.14
N PRO A 63 -0.56 6.24 15.08
CA PRO A 63 -1.93 6.69 14.87
C PRO A 63 -1.98 7.86 13.88
N LYS A 64 -1.09 8.82 14.11
CA LYS A 64 -1.02 9.98 13.25
C LYS A 64 -0.46 9.59 11.88
N ALA A 65 0.22 8.45 11.87
CA ALA A 65 0.81 7.95 10.64
C ALA A 65 -0.30 7.48 9.71
N LEU A 66 -1.11 6.56 10.22
CA LEU A 66 -2.21 6.02 9.45
C LEU A 66 -3.03 7.17 8.84
N MET A 67 -3.24 8.19 9.67
CA MET A 67 -3.99 9.35 9.23
C MET A 67 -3.23 10.14 8.17
N ALA A 68 -1.90 10.06 8.25
CA ALA A 68 -1.06 10.75 7.31
C ALA A 68 -0.96 9.93 6.01
N ILE A 69 -1.20 8.64 6.15
CA ILE A 69 -1.15 7.74 5.01
C ILE A 69 -2.43 7.89 4.19
N LEU A 70 -3.54 7.99 4.91
CA LEU A 70 -4.83 8.13 4.26
C LEU A 70 -4.92 9.51 3.60
N GLU A 71 -4.11 10.43 4.11
CA GLU A 71 -4.09 11.78 3.57
C GLU A 71 -3.09 11.87 2.42
N HIS A 72 -1.96 11.19 2.60
CA HIS A 72 -0.91 11.20 1.58
C HIS A 72 -1.19 10.10 0.57
N SER A 73 -2.14 9.24 0.90
CA SER A 73 -2.52 8.15 0.02
C SER A 73 -2.80 8.67 -1.38
N HIS A 74 -3.08 9.97 -1.45
CA HIS A 74 -3.37 10.61 -2.73
C HIS A 74 -2.09 10.68 -3.56
N ARG A 75 -0.96 10.60 -2.88
CA ARG A 75 0.32 10.66 -3.54
C ARG A 75 1.05 9.32 -3.41
N ILE A 76 0.41 8.40 -2.72
CA ILE A 76 0.98 7.08 -2.51
C ILE A 76 0.88 6.27 -3.81
N ARG A 77 2.03 5.80 -4.26
CA ARG A 77 2.09 5.02 -5.49
C ARG A 77 3.00 3.80 -5.30
N PHE A 78 2.52 2.66 -5.80
CA PHE A 78 3.27 1.44 -5.68
C PHE A 78 4.12 1.19 -6.93
N LYS A 79 5.22 0.49 -6.74
CA LYS A 79 6.13 0.19 -7.83
C LYS A 79 6.53 -1.28 -7.77
N LEU A 80 6.13 -2.02 -8.80
CA LEU A 80 6.44 -3.44 -8.87
C LEU A 80 7.74 -3.63 -9.65
N LYS A 81 8.33 -4.81 -9.47
CA LYS A 81 9.57 -5.13 -10.15
C LYS A 81 9.27 -5.53 -11.60
N ARG A 82 9.05 -6.83 -11.78
CA ARG A 82 8.74 -7.36 -13.10
C ARG A 82 7.86 -6.37 -13.88
N PRO A 83 8.00 -6.42 -15.23
CA PRO A 83 7.21 -5.54 -16.09
C PRO A 83 5.77 -6.02 -16.19
N SER A 84 5.03 -5.37 -17.08
CA SER A 84 3.63 -5.73 -17.28
C SER A 84 2.84 -5.48 -15.99
N SER A 85 1.67 -4.89 -16.15
CA SER A 85 0.81 -4.60 -15.01
C SER A 85 1.55 -3.72 -14.01
N GLY A 86 1.25 -2.43 -14.07
CA GLY A 86 1.87 -1.48 -13.17
C GLY A 86 0.83 -0.53 -12.56
N PRO A 87 1.34 0.60 -12.00
CA PRO A 87 0.48 1.58 -11.38
C PRO A 87 -0.27 2.40 -12.43
N SER A 88 -1.13 3.29 -11.96
CA SER A 88 -1.91 4.14 -12.85
C SER A 88 -2.82 5.05 -12.04
N SER A 89 -2.95 6.28 -12.52
CA SER A 89 -3.79 7.26 -11.86
C SER A 89 -5.18 7.28 -12.49
N GLY A 90 -6.18 6.94 -11.67
CA GLY A 90 -7.55 6.92 -12.14
C GLY A 90 -8.32 8.14 -11.65
N GLY A 1 -16.26 -9.42 -0.97
CA GLY A 1 -16.21 -7.98 -0.78
C GLY A 1 -16.48 -7.61 0.67
N SER A 2 -15.77 -6.58 1.14
CA SER A 2 -15.93 -6.13 2.51
C SER A 2 -16.69 -4.79 2.52
N SER A 3 -17.95 -4.86 2.91
CA SER A 3 -18.78 -3.68 2.98
C SER A 3 -19.17 -3.39 4.43
N GLY A 4 -18.75 -2.22 4.90
CA GLY A 4 -19.04 -1.81 6.27
C GLY A 4 -17.87 -2.14 7.20
N SER A 5 -16.89 -1.24 7.20
CA SER A 5 -15.72 -1.42 8.03
C SER A 5 -15.19 -0.06 8.49
N SER A 6 -14.52 -0.07 9.64
CA SER A 6 -13.96 1.15 10.18
C SER A 6 -12.66 0.84 10.93
N GLY A 7 -11.78 1.83 10.96
CA GLY A 7 -10.50 1.66 11.63
C GLY A 7 -9.37 2.29 10.82
N LEU A 8 -8.58 3.10 11.50
CA LEU A 8 -7.46 3.77 10.87
C LEU A 8 -6.55 2.73 10.21
N ARG A 9 -5.98 1.88 11.06
CA ARG A 9 -5.09 0.84 10.59
C ARG A 9 -5.81 -0.06 9.59
N LYS A 10 -7.13 -0.16 9.77
CA LYS A 10 -7.94 -0.99 8.89
C LYS A 10 -8.11 -0.27 7.55
N MET A 11 -8.16 1.04 7.62
CA MET A 11 -8.32 1.85 6.42
C MET A 11 -7.12 1.71 5.49
N VAL A 12 -5.96 2.03 6.02
CA VAL A 12 -4.73 1.93 5.27
C VAL A 12 -4.51 0.48 4.83
N GLU A 13 -4.88 -0.43 5.71
CA GLU A 13 -4.74 -1.85 5.43
C GLU A 13 -5.20 -2.16 4.00
N GLU A 14 -6.36 -1.63 3.66
CA GLU A 14 -6.91 -1.84 2.33
C GLU A 14 -6.16 -1.00 1.31
N VAL A 15 -5.84 0.22 1.70
CA VAL A 15 -5.11 1.13 0.83
C VAL A 15 -3.93 0.40 0.19
N PHE A 16 -2.97 0.05 1.03
CA PHE A 16 -1.79 -0.66 0.58
C PHE A 16 -2.17 -1.89 -0.26
N ASP A 17 -3.32 -2.45 0.08
CA ASP A 17 -3.81 -3.63 -0.62
C ASP A 17 -4.27 -3.21 -2.03
N VAL A 18 -5.18 -2.24 -2.06
CA VAL A 18 -5.71 -1.77 -3.32
C VAL A 18 -4.56 -1.34 -4.23
N LEU A 19 -3.81 -0.34 -3.76
CA LEU A 19 -2.68 0.17 -4.51
C LEU A 19 -1.87 -1.01 -5.06
N TYR A 20 -1.44 -1.87 -4.15
CA TYR A 20 -0.67 -3.04 -4.53
C TYR A 20 -1.32 -3.78 -5.69
N SER A 21 -2.56 -4.21 -5.45
CA SER A 21 -3.30 -4.93 -6.46
C SER A 21 -3.36 -4.13 -7.75
N GLU A 22 -3.66 -2.84 -7.61
CA GLU A 22 -3.75 -1.95 -8.75
C GLU A 22 -2.49 -2.08 -9.62
N ALA A 23 -1.35 -2.09 -8.95
CA ALA A 23 -0.08 -2.20 -9.64
C ALA A 23 0.07 -3.62 -10.18
N LEU A 24 -0.55 -4.56 -9.50
CA LEU A 24 -0.49 -5.95 -9.90
C LEU A 24 -1.42 -6.17 -11.10
N GLY A 25 -2.43 -5.31 -11.18
CA GLY A 25 -3.39 -5.39 -12.27
C GLY A 25 -4.27 -6.65 -12.12
N ARG A 26 -4.85 -6.80 -10.94
CA ARG A 26 -5.70 -7.94 -10.67
C ARG A 26 -7.16 -7.52 -10.70
N ALA A 27 -8.03 -8.52 -10.72
CA ALA A 27 -9.46 -8.27 -10.75
C ALA A 27 -10.02 -8.38 -9.33
N SER A 28 -9.12 -8.34 -8.37
CA SER A 28 -9.51 -8.44 -6.97
C SER A 28 -8.49 -7.71 -6.09
N VAL A 29 -8.83 -7.60 -4.81
CA VAL A 29 -7.95 -6.93 -3.87
C VAL A 29 -7.16 -7.98 -3.08
N VAL A 30 -5.89 -8.08 -3.40
CA VAL A 30 -5.02 -9.03 -2.73
C VAL A 30 -4.32 -8.35 -1.56
N PRO A 31 -3.90 -9.18 -0.57
CA PRO A 31 -3.22 -8.67 0.61
C PRO A 31 -1.78 -8.28 0.29
N LEU A 32 -1.18 -7.57 1.22
CA LEU A 32 0.20 -7.13 1.05
C LEU A 32 1.09 -7.83 2.08
N PRO A 33 1.79 -8.91 1.60
CA PRO A 33 2.67 -9.66 2.46
C PRO A 33 3.97 -8.90 2.75
N TYR A 34 3.84 -7.88 3.59
CA TYR A 34 4.99 -7.06 3.95
C TYR A 34 6.18 -7.93 4.34
N GLU A 35 5.93 -8.84 5.26
CA GLU A 35 6.97 -9.74 5.73
C GLU A 35 7.87 -10.18 4.56
N ARG A 36 7.26 -10.24 3.39
CA ARG A 36 7.99 -10.63 2.19
C ARG A 36 8.49 -9.39 1.45
N LEU A 37 7.54 -8.66 0.88
CA LEU A 37 7.87 -7.45 0.14
C LEU A 37 8.95 -6.67 0.89
N LEU A 38 8.91 -6.79 2.21
CA LEU A 38 9.89 -6.11 3.04
C LEU A 38 11.28 -6.70 2.79
N ARG A 39 11.36 -8.01 2.88
CA ARG A 39 12.61 -8.70 2.66
C ARG A 39 13.30 -8.18 1.41
N GLU A 40 12.49 -7.96 0.37
CA GLU A 40 13.02 -7.45 -0.88
C GLU A 40 12.33 -6.13 -1.25
N PRO A 41 13.09 -5.02 -1.06
CA PRO A 41 12.58 -3.69 -1.35
C PRO A 41 12.53 -3.45 -2.86
N GLY A 42 13.37 -4.21 -3.57
CA GLY A 42 13.44 -4.07 -5.02
C GLY A 42 12.23 -4.73 -5.69
N LEU A 43 11.81 -5.84 -5.11
CA LEU A 43 10.68 -6.58 -5.63
C LEU A 43 9.48 -5.62 -5.78
N LEU A 44 9.31 -4.79 -4.76
CA LEU A 44 8.22 -3.83 -4.76
C LEU A 44 8.58 -2.65 -3.85
N ALA A 45 8.75 -1.49 -4.48
CA ALA A 45 9.10 -0.29 -3.75
C ALA A 45 7.85 0.59 -3.61
N VAL A 46 7.59 0.98 -2.37
CA VAL A 46 6.44 1.82 -2.08
C VAL A 46 6.84 3.29 -2.19
N GLN A 47 6.26 3.96 -3.17
CA GLN A 47 6.55 5.37 -3.39
C GLN A 47 5.33 6.23 -3.04
N GLY A 48 5.58 7.53 -2.94
CA GLY A 48 4.51 8.46 -2.61
C GLY A 48 4.02 8.25 -1.18
N LEU A 49 4.94 7.78 -0.34
CA LEU A 49 4.60 7.53 1.05
C LEU A 49 4.49 8.86 1.80
N PRO A 50 3.90 8.78 3.02
CA PRO A 50 3.72 9.97 3.84
C PRO A 50 5.05 10.40 4.46
N GLU A 51 5.65 11.43 3.88
CA GLU A 51 6.91 11.95 4.35
C GLU A 51 7.01 11.78 5.87
N GLY A 52 8.23 11.53 6.33
CA GLY A 52 8.46 11.35 7.76
C GLY A 52 7.91 10.01 8.23
N LEU A 53 8.18 8.98 7.45
CA LEU A 53 7.71 7.64 7.78
C LEU A 53 8.60 6.61 7.09
N ALA A 54 8.16 5.36 7.14
CA ALA A 54 8.90 4.28 6.52
C ALA A 54 7.93 3.16 6.13
N PHE A 55 8.16 2.62 4.94
CA PHE A 55 7.31 1.55 4.44
C PHE A 55 7.35 0.34 5.38
N ARG A 56 6.21 0.10 6.02
CA ARG A 56 6.08 -1.02 6.95
C ARG A 56 4.61 -1.32 7.23
N ARG A 57 4.38 -2.51 7.77
CA ARG A 57 3.03 -2.92 8.09
C ARG A 57 2.22 -1.75 8.65
N PRO A 58 0.89 -1.79 8.38
CA PRO A 58 0.01 -0.72 8.85
C PRO A 58 -0.26 -0.86 10.35
N ALA A 59 -0.03 -2.06 10.85
CA ALA A 59 -0.24 -2.33 12.26
C ALA A 59 1.02 -1.96 13.05
N GLU A 60 2.05 -1.58 12.29
CA GLU A 60 3.32 -1.19 12.90
C GLU A 60 3.50 0.32 12.85
N TYR A 61 2.59 0.96 12.12
CA TYR A 61 2.64 2.41 11.97
C TYR A 61 2.06 3.10 13.21
N ASP A 62 2.22 4.42 13.25
CA ASP A 62 1.71 5.20 14.36
C ASP A 62 0.26 5.58 14.08
N PRO A 63 -0.33 6.34 15.05
CA PRO A 63 -1.71 6.78 14.92
C PRO A 63 -1.83 7.92 13.91
N LYS A 64 -1.01 8.94 14.11
CA LYS A 64 -1.02 10.08 13.22
C LYS A 64 -0.52 9.66 11.83
N ALA A 65 0.24 8.59 11.82
CA ALA A 65 0.78 8.07 10.58
C ALA A 65 -0.36 7.59 9.69
N LEU A 66 -1.11 6.62 10.20
CA LEU A 66 -2.24 6.07 9.46
C LEU A 66 -3.07 7.22 8.89
N MET A 67 -3.40 8.17 9.75
CA MET A 67 -4.19 9.32 9.34
C MET A 67 -3.52 10.06 8.18
N ALA A 68 -2.21 10.19 8.28
CA ALA A 68 -1.44 10.86 7.25
C ALA A 68 -1.43 10.00 5.98
N ILE A 69 -1.21 8.71 6.18
CA ILE A 69 -1.17 7.78 5.07
C ILE A 69 -2.43 7.96 4.21
N LEU A 70 -3.57 8.01 4.90
CA LEU A 70 -4.84 8.18 4.21
C LEU A 70 -4.85 9.51 3.48
N GLU A 71 -4.04 10.43 3.98
CA GLU A 71 -3.94 11.75 3.37
C GLU A 71 -2.91 11.74 2.24
N HIS A 72 -1.74 11.22 2.55
CA HIS A 72 -0.67 11.14 1.57
C HIS A 72 -0.99 10.06 0.54
N SER A 73 -2.02 9.28 0.85
CA SER A 73 -2.43 8.21 -0.04
C SER A 73 -2.70 8.77 -1.44
N HIS A 74 -2.81 10.08 -1.51
CA HIS A 74 -3.06 10.75 -2.78
C HIS A 74 -1.84 10.62 -3.67
N ARG A 75 -0.70 10.36 -3.04
CA ARG A 75 0.54 10.23 -3.77
C ARG A 75 1.06 8.79 -3.67
N ILE A 76 0.69 8.14 -2.56
CA ILE A 76 1.10 6.76 -2.32
C ILE A 76 0.94 5.96 -3.61
N ARG A 77 2.07 5.49 -4.13
CA ARG A 77 2.07 4.71 -5.35
C ARG A 77 3.04 3.53 -5.23
N PHE A 78 2.57 2.38 -5.70
CA PHE A 78 3.37 1.17 -5.65
C PHE A 78 4.20 1.01 -6.92
N LYS A 79 5.35 0.37 -6.76
CA LYS A 79 6.24 0.14 -7.89
C LYS A 79 6.74 -1.31 -7.85
N LEU A 80 6.39 -2.05 -8.90
CA LEU A 80 6.80 -3.44 -9.00
C LEU A 80 8.12 -3.52 -9.77
N LYS A 81 8.90 -4.54 -9.44
CA LYS A 81 10.17 -4.76 -10.08
C LYS A 81 9.98 -4.75 -11.60
N ARG A 82 9.19 -5.70 -12.07
CA ARG A 82 8.91 -5.81 -13.49
C ARG A 82 7.88 -4.77 -13.92
N PRO A 83 8.00 -4.33 -15.20
CA PRO A 83 7.09 -3.34 -15.74
C PRO A 83 5.72 -3.95 -16.04
N SER A 84 4.71 -3.42 -15.38
CA SER A 84 3.35 -3.91 -15.57
C SER A 84 2.94 -3.75 -17.04
N SER A 85 2.23 -4.76 -17.52
CA SER A 85 1.77 -4.76 -18.90
C SER A 85 0.55 -3.84 -19.05
N GLY A 86 -0.40 -4.02 -18.14
CA GLY A 86 -1.61 -3.22 -18.16
C GLY A 86 -1.74 -2.40 -16.88
N PRO A 87 -1.37 -1.10 -16.98
CA PRO A 87 -1.45 -0.21 -15.84
C PRO A 87 -2.90 0.19 -15.54
N SER A 88 -3.12 0.62 -14.32
CA SER A 88 -4.46 1.03 -13.89
C SER A 88 -4.75 2.45 -14.40
N SER A 89 -6.01 2.65 -14.78
CA SER A 89 -6.44 3.95 -15.28
C SER A 89 -5.61 4.32 -16.51
N GLY A 90 -6.17 5.23 -17.30
CA GLY A 90 -5.50 5.68 -18.52
C GLY A 90 -6.34 5.38 -19.75
N GLY A 1 -18.21 -8.58 0.34
CA GLY A 1 -17.42 -7.75 1.22
C GLY A 1 -17.96 -6.31 1.28
N SER A 2 -17.31 -5.45 0.51
CA SER A 2 -17.72 -4.05 0.46
C SER A 2 -18.12 -3.57 1.86
N SER A 3 -17.11 -3.15 2.61
CA SER A 3 -17.35 -2.66 3.96
C SER A 3 -16.27 -1.63 4.34
N GLY A 4 -16.72 -0.41 4.57
CA GLY A 4 -15.82 0.67 4.93
C GLY A 4 -16.50 1.65 5.89
N SER A 5 -16.21 1.47 7.17
CA SER A 5 -16.79 2.32 8.20
C SER A 5 -15.88 2.33 9.43
N SER A 6 -15.24 3.47 9.65
CA SER A 6 -14.35 3.63 10.79
C SER A 6 -13.19 2.63 10.68
N GLY A 7 -12.13 2.93 11.42
CA GLY A 7 -10.96 2.07 11.42
C GLY A 7 -9.82 2.70 10.61
N LEU A 8 -8.85 3.22 11.33
CA LEU A 8 -7.70 3.84 10.70
C LEU A 8 -6.78 2.76 10.12
N ARG A 9 -6.27 1.93 11.02
CA ARG A 9 -5.38 0.85 10.62
C ARG A 9 -6.09 -0.07 9.62
N LYS A 10 -7.41 -0.09 9.72
CA LYS A 10 -8.21 -0.92 8.84
C LYS A 10 -8.32 -0.25 7.47
N MET A 11 -8.33 1.08 7.50
CA MET A 11 -8.44 1.85 6.28
C MET A 11 -7.20 1.68 5.40
N VAL A 12 -6.06 2.07 5.96
CA VAL A 12 -4.80 1.97 5.24
C VAL A 12 -4.57 0.51 4.85
N GLU A 13 -5.08 -0.38 5.67
CA GLU A 13 -4.94 -1.80 5.41
C GLU A 13 -5.38 -2.13 3.98
N GLU A 14 -6.52 -1.56 3.60
CA GLU A 14 -7.06 -1.77 2.27
C GLU A 14 -6.28 -0.96 1.24
N VAL A 15 -5.95 0.26 1.64
CA VAL A 15 -5.21 1.15 0.76
C VAL A 15 -4.02 0.39 0.15
N PHE A 16 -3.03 0.12 0.99
CA PHE A 16 -1.85 -0.60 0.55
C PHE A 16 -2.23 -1.79 -0.34
N ASP A 17 -3.28 -2.48 0.08
CA ASP A 17 -3.75 -3.64 -0.66
C ASP A 17 -4.23 -3.20 -2.05
N VAL A 18 -5.22 -2.31 -2.03
CA VAL A 18 -5.78 -1.80 -3.28
C VAL A 18 -4.64 -1.37 -4.21
N LEU A 19 -3.83 -0.45 -3.72
CA LEU A 19 -2.71 0.05 -4.49
C LEU A 19 -1.91 -1.13 -5.04
N TYR A 20 -1.46 -1.97 -4.12
CA TYR A 20 -0.69 -3.15 -4.50
C TYR A 20 -1.39 -3.94 -5.61
N SER A 21 -2.65 -4.25 -5.36
CA SER A 21 -3.44 -4.99 -6.33
C SER A 21 -3.49 -4.24 -7.66
N GLU A 22 -3.67 -2.94 -7.56
CA GLU A 22 -3.73 -2.10 -8.75
C GLU A 22 -2.47 -2.28 -9.59
N ALA A 23 -1.33 -2.18 -8.93
CA ALA A 23 -0.06 -2.34 -9.61
C ALA A 23 0.04 -3.76 -10.17
N LEU A 24 -0.56 -4.70 -9.46
CA LEU A 24 -0.55 -6.09 -9.87
C LEU A 24 -1.52 -6.28 -11.03
N GLY A 25 -2.54 -5.43 -11.06
CA GLY A 25 -3.54 -5.49 -12.10
C GLY A 25 -4.41 -6.74 -11.95
N ARG A 26 -4.68 -7.09 -10.70
CA ARG A 26 -5.49 -8.26 -10.41
C ARG A 26 -6.97 -7.90 -10.41
N ALA A 27 -7.80 -8.93 -10.51
CA ALA A 27 -9.25 -8.72 -10.52
C ALA A 27 -9.79 -8.87 -9.10
N SER A 28 -8.88 -8.77 -8.13
CA SER A 28 -9.25 -8.88 -6.74
C SER A 28 -8.25 -8.11 -5.87
N VAL A 29 -8.58 -8.01 -4.59
CA VAL A 29 -7.73 -7.32 -3.65
C VAL A 29 -6.95 -8.34 -2.82
N VAL A 30 -5.66 -8.45 -3.12
CA VAL A 30 -4.81 -9.38 -2.42
C VAL A 30 -4.12 -8.66 -1.24
N PRO A 31 -3.66 -9.48 -0.26
CA PRO A 31 -3.00 -8.93 0.91
C PRO A 31 -1.58 -8.49 0.57
N LEU A 32 -1.00 -7.71 1.47
CA LEU A 32 0.35 -7.21 1.28
C LEU A 32 1.28 -7.87 2.30
N PRO A 33 1.99 -8.93 1.84
CA PRO A 33 2.91 -9.66 2.70
C PRO A 33 4.20 -8.85 2.92
N TYR A 34 4.08 -7.82 3.74
CA TYR A 34 5.22 -6.98 4.04
C TYR A 34 6.46 -7.81 4.39
N GLU A 35 6.28 -8.69 5.37
CA GLU A 35 7.36 -9.55 5.80
C GLU A 35 8.18 -10.02 4.59
N ARG A 36 7.49 -10.15 3.47
CA ARG A 36 8.14 -10.59 2.24
C ARG A 36 8.60 -9.37 1.42
N LEU A 37 7.62 -8.64 0.90
CA LEU A 37 7.91 -7.46 0.10
C LEU A 37 9.05 -6.68 0.75
N LEU A 38 9.09 -6.74 2.07
CA LEU A 38 10.12 -6.04 2.83
C LEU A 38 11.48 -6.66 2.51
N ARG A 39 11.54 -7.97 2.64
CA ARG A 39 12.77 -8.69 2.38
C ARG A 39 13.44 -8.16 1.12
N GLU A 40 12.66 -8.09 0.05
CA GLU A 40 13.15 -7.59 -1.22
C GLU A 40 12.44 -6.30 -1.61
N PRO A 41 13.17 -5.16 -1.45
CA PRO A 41 12.62 -3.86 -1.78
C PRO A 41 12.57 -3.65 -3.29
N GLY A 42 13.40 -4.41 -3.99
CA GLY A 42 13.46 -4.32 -5.44
C GLY A 42 12.25 -4.98 -6.08
N LEU A 43 11.69 -5.95 -5.37
CA LEU A 43 10.53 -6.67 -5.85
C LEU A 43 9.34 -5.71 -5.93
N LEU A 44 9.22 -4.88 -4.91
CA LEU A 44 8.13 -3.91 -4.85
C LEU A 44 8.53 -2.77 -3.92
N ALA A 45 8.76 -1.61 -4.52
CA ALA A 45 9.14 -0.43 -3.75
C ALA A 45 7.93 0.49 -3.61
N VAL A 46 7.66 0.87 -2.36
CA VAL A 46 6.54 1.74 -2.07
C VAL A 46 7.00 3.20 -2.18
N GLN A 47 6.37 3.90 -3.11
CA GLN A 47 6.70 5.31 -3.33
C GLN A 47 5.51 6.19 -2.97
N GLY A 48 5.80 7.48 -2.81
CA GLY A 48 4.77 8.44 -2.46
C GLY A 48 4.24 8.19 -1.05
N LEU A 49 5.12 7.69 -0.20
CA LEU A 49 4.76 7.39 1.18
C LEU A 49 4.68 8.71 1.96
N PRO A 50 4.06 8.62 3.17
CA PRO A 50 3.90 9.78 4.02
C PRO A 50 5.24 10.14 4.69
N GLU A 51 5.67 11.37 4.45
CA GLU A 51 6.92 11.85 5.02
C GLU A 51 6.98 11.50 6.51
N GLY A 52 8.18 11.12 6.95
CA GLY A 52 8.38 10.77 8.35
C GLY A 52 7.69 9.44 8.68
N LEU A 53 8.08 8.40 7.94
CA LEU A 53 7.50 7.09 8.15
C LEU A 53 8.41 6.04 7.48
N ALA A 54 7.89 4.82 7.42
CA ALA A 54 8.63 3.72 6.82
C ALA A 54 7.65 2.64 6.38
N PHE A 55 7.88 2.13 5.18
CA PHE A 55 7.03 1.08 4.63
C PHE A 55 7.03 -0.16 5.54
N ARG A 56 5.89 -0.37 6.19
CA ARG A 56 5.74 -1.51 7.09
C ARG A 56 4.27 -1.74 7.39
N ARG A 57 4.01 -2.83 8.11
CA ARG A 57 2.66 -3.19 8.47
C ARG A 57 1.90 -1.96 8.98
N PRO A 58 0.58 -1.91 8.66
CA PRO A 58 -0.26 -0.81 9.06
C PRO A 58 -0.59 -0.90 10.56
N ALA A 59 -0.30 -2.05 11.13
CA ALA A 59 -0.56 -2.28 12.54
C ALA A 59 0.67 -1.85 13.36
N GLU A 60 1.76 -1.62 12.64
CA GLU A 60 2.99 -1.21 13.29
C GLU A 60 3.13 0.32 13.24
N TYR A 61 2.30 0.93 12.42
CA TYR A 61 2.32 2.37 12.28
C TYR A 61 1.65 3.05 13.46
N ASP A 62 1.87 4.35 13.57
CA ASP A 62 1.29 5.14 14.65
C ASP A 62 -0.12 5.58 14.26
N PRO A 63 -0.76 6.34 15.19
CA PRO A 63 -2.11 6.84 14.96
C PRO A 63 -2.10 7.98 13.96
N LYS A 64 -1.16 8.90 14.16
CA LYS A 64 -1.04 10.06 13.30
C LYS A 64 -0.50 9.61 11.94
N ALA A 65 0.18 8.48 11.95
CA ALA A 65 0.75 7.93 10.72
C ALA A 65 -0.38 7.48 9.79
N LEU A 66 -1.19 6.56 10.30
CA LEU A 66 -2.31 6.05 9.53
C LEU A 66 -3.07 7.21 8.90
N MET A 67 -3.25 8.25 9.69
CA MET A 67 -3.95 9.44 9.22
C MET A 67 -3.14 10.18 8.16
N ALA A 68 -1.82 10.10 8.30
CA ALA A 68 -0.92 10.75 7.36
C ALA A 68 -0.85 9.93 6.08
N ILE A 69 -1.14 8.64 6.22
CA ILE A 69 -1.10 7.73 5.09
C ILE A 69 -2.34 7.96 4.22
N LEU A 70 -3.48 8.09 4.88
CA LEU A 70 -4.73 8.32 4.17
C LEU A 70 -4.69 9.69 3.48
N GLU A 71 -3.97 10.60 4.11
CA GLU A 71 -3.84 11.94 3.57
C GLU A 71 -2.81 11.96 2.43
N HIS A 72 -1.73 11.22 2.64
CA HIS A 72 -0.67 11.14 1.66
C HIS A 72 -1.02 10.08 0.61
N SER A 73 -2.07 9.33 0.91
CA SER A 73 -2.52 8.29 0.00
C SER A 73 -2.77 8.89 -1.40
N HIS A 74 -2.85 10.21 -1.44
CA HIS A 74 -3.07 10.91 -2.69
C HIS A 74 -1.85 10.76 -3.60
N ARG A 75 -0.73 10.40 -2.97
CA ARG A 75 0.51 10.22 -3.70
C ARG A 75 0.99 8.78 -3.59
N ILE A 76 0.67 8.16 -2.46
CA ILE A 76 1.07 6.79 -2.21
C ILE A 76 0.89 5.98 -3.49
N ARG A 77 2.02 5.50 -4.00
CA ARG A 77 2.00 4.70 -5.22
C ARG A 77 2.99 3.54 -5.12
N PHE A 78 2.54 2.38 -5.61
CA PHE A 78 3.38 1.20 -5.57
C PHE A 78 4.20 1.07 -6.86
N LYS A 79 5.32 0.38 -6.73
CA LYS A 79 6.20 0.17 -7.87
C LYS A 79 6.66 -1.30 -7.90
N LEU A 80 6.26 -1.99 -8.95
CA LEU A 80 6.62 -3.38 -9.11
C LEU A 80 7.90 -3.49 -9.94
N LYS A 81 8.70 -4.49 -9.63
CA LYS A 81 9.95 -4.72 -10.33
C LYS A 81 9.70 -4.59 -11.84
N ARG A 82 10.60 -3.88 -12.49
CA ARG A 82 10.49 -3.67 -13.93
C ARG A 82 11.80 -3.10 -14.49
N PRO A 83 12.02 -3.33 -15.80
CA PRO A 83 13.22 -2.86 -16.47
C PRO A 83 13.14 -1.35 -16.73
N SER A 84 14.18 -0.65 -16.29
CA SER A 84 14.24 0.79 -16.46
C SER A 84 14.31 1.13 -17.95
N SER A 85 15.31 0.56 -18.60
CA SER A 85 15.51 0.79 -20.03
C SER A 85 15.59 2.30 -20.30
N GLY A 86 16.81 2.81 -20.22
CA GLY A 86 17.04 4.23 -20.45
C GLY A 86 16.49 5.08 -19.30
N PRO A 87 16.79 6.40 -19.36
CA PRO A 87 16.33 7.32 -18.33
C PRO A 87 14.85 7.62 -18.49
N SER A 88 14.15 7.65 -17.37
CA SER A 88 12.73 7.93 -17.37
C SER A 88 12.31 8.58 -16.04
N SER A 89 12.75 7.96 -14.96
CA SER A 89 12.44 8.46 -13.63
C SER A 89 10.93 8.56 -13.46
N GLY A 90 10.53 9.12 -12.32
CA GLY A 90 9.12 9.29 -12.03
C GLY A 90 8.85 9.10 -10.52
N GLY A 1 -6.95 -8.68 12.40
CA GLY A 1 -7.46 -8.41 11.05
C GLY A 1 -8.88 -8.97 10.89
N SER A 2 -9.50 -8.58 9.79
CA SER A 2 -10.85 -9.03 9.50
C SER A 2 -11.72 -8.94 10.76
N SER A 3 -12.24 -7.74 10.99
CA SER A 3 -13.08 -7.51 12.16
C SER A 3 -13.53 -6.05 12.19
N GLY A 4 -14.82 -5.85 11.92
CA GLY A 4 -15.39 -4.52 11.92
C GLY A 4 -15.45 -3.95 10.50
N SER A 5 -14.88 -2.75 10.35
CA SER A 5 -14.86 -2.09 9.07
C SER A 5 -14.26 -0.69 9.21
N SER A 6 -14.71 0.01 10.23
CA SER A 6 -14.24 1.36 10.48
C SER A 6 -12.96 1.31 11.33
N GLY A 7 -12.03 2.20 11.00
CA GLY A 7 -10.78 2.27 11.72
C GLY A 7 -9.72 3.03 10.91
N LEU A 8 -8.56 3.19 11.52
CA LEU A 8 -7.47 3.90 10.87
C LEU A 8 -6.56 2.89 10.17
N ARG A 9 -6.09 1.93 10.95
CA ARG A 9 -5.20 0.90 10.43
C ARG A 9 -5.97 0.01 9.44
N LYS A 10 -7.25 -0.16 9.71
CA LYS A 10 -8.09 -0.99 8.86
C LYS A 10 -8.24 -0.31 7.49
N MET A 11 -8.24 1.02 7.52
CA MET A 11 -8.37 1.78 6.29
C MET A 11 -7.13 1.64 5.42
N VAL A 12 -5.99 1.98 6.00
CA VAL A 12 -4.73 1.90 5.29
C VAL A 12 -4.46 0.44 4.89
N GLU A 13 -4.99 -0.46 5.71
CA GLU A 13 -4.83 -1.88 5.45
C GLU A 13 -5.25 -2.22 4.02
N GLU A 14 -6.41 -1.70 3.63
CA GLU A 14 -6.92 -1.93 2.30
C GLU A 14 -6.18 -1.08 1.28
N VAL A 15 -5.91 0.15 1.67
CA VAL A 15 -5.20 1.08 0.80
C VAL A 15 -4.01 0.36 0.16
N PHE A 16 -3.04 0.05 1.00
CA PHE A 16 -1.83 -0.64 0.54
C PHE A 16 -2.20 -1.83 -0.34
N ASP A 17 -3.27 -2.51 0.05
CA ASP A 17 -3.73 -3.68 -0.70
C ASP A 17 -4.21 -3.24 -2.07
N VAL A 18 -5.21 -2.35 -2.06
CA VAL A 18 -5.77 -1.84 -3.30
C VAL A 18 -4.65 -1.39 -4.22
N LEU A 19 -3.81 -0.51 -3.69
CA LEU A 19 -2.69 0.01 -4.45
C LEU A 19 -1.87 -1.16 -5.01
N TYR A 20 -1.43 -2.01 -4.10
CA TYR A 20 -0.64 -3.17 -4.49
C TYR A 20 -1.30 -3.92 -5.64
N SER A 21 -2.58 -4.23 -5.45
CA SER A 21 -3.34 -4.95 -6.47
C SER A 21 -3.37 -4.14 -7.76
N GLU A 22 -3.62 -2.86 -7.62
CA GLU A 22 -3.69 -1.96 -8.76
C GLU A 22 -2.43 -2.11 -9.61
N ALA A 23 -1.28 -2.05 -8.95
CA ALA A 23 -0.01 -2.17 -9.64
C ALA A 23 0.12 -3.59 -10.20
N LEU A 24 -0.45 -4.54 -9.47
CA LEU A 24 -0.39 -5.93 -9.88
C LEU A 24 -1.34 -6.14 -11.07
N GLY A 25 -2.31 -5.25 -11.17
CA GLY A 25 -3.28 -5.32 -12.25
C GLY A 25 -4.19 -6.55 -12.10
N ARG A 26 -4.68 -6.73 -10.88
CA ARG A 26 -5.54 -7.85 -10.58
C ARG A 26 -7.01 -7.40 -10.58
N ALA A 27 -7.90 -8.37 -10.38
CA ALA A 27 -9.32 -8.08 -10.35
C ALA A 27 -9.79 -7.96 -8.90
N SER A 28 -9.29 -8.86 -8.08
CA SER A 28 -9.65 -8.86 -6.67
C SER A 28 -8.57 -8.14 -5.85
N VAL A 29 -8.92 -7.85 -4.60
CA VAL A 29 -7.99 -7.16 -3.72
C VAL A 29 -7.19 -8.19 -2.92
N VAL A 30 -5.93 -8.34 -3.31
CA VAL A 30 -5.05 -9.28 -2.65
C VAL A 30 -4.36 -8.59 -1.47
N PRO A 31 -3.87 -9.43 -0.51
CA PRO A 31 -3.19 -8.91 0.66
C PRO A 31 -1.78 -8.43 0.30
N LEU A 32 -1.12 -7.86 1.30
CA LEU A 32 0.23 -7.35 1.11
C LEU A 32 1.17 -8.04 2.10
N PRO A 33 1.93 -9.04 1.59
CA PRO A 33 2.86 -9.78 2.41
C PRO A 33 4.11 -8.95 2.70
N TYR A 34 3.98 -8.05 3.67
CA TYR A 34 5.07 -7.18 4.05
C TYR A 34 6.32 -8.01 4.40
N GLU A 35 6.11 -9.00 5.25
CA GLU A 35 7.21 -9.87 5.67
C GLU A 35 8.07 -10.25 4.47
N ARG A 36 7.41 -10.36 3.32
CA ARG A 36 8.11 -10.72 2.09
C ARG A 36 8.59 -9.46 1.37
N LEU A 37 7.63 -8.68 0.91
CA LEU A 37 7.94 -7.45 0.19
C LEU A 37 9.05 -6.70 0.95
N LEU A 38 8.90 -6.67 2.26
CA LEU A 38 9.88 -5.99 3.10
C LEU A 38 11.27 -6.56 2.83
N ARG A 39 11.31 -7.89 2.69
CA ARG A 39 12.57 -8.57 2.43
C ARG A 39 13.15 -8.12 1.09
N GLU A 40 12.28 -8.11 0.08
CA GLU A 40 12.70 -7.70 -1.26
C GLU A 40 12.17 -6.31 -1.57
N PRO A 41 13.10 -5.32 -1.53
CA PRO A 41 12.74 -3.94 -1.80
C PRO A 41 12.53 -3.73 -3.31
N GLY A 42 13.33 -4.42 -4.10
CA GLY A 42 13.24 -4.31 -5.55
C GLY A 42 11.95 -4.96 -6.06
N LEU A 43 11.61 -6.08 -5.46
CA LEU A 43 10.40 -6.81 -5.85
C LEU A 43 9.22 -5.82 -5.91
N LEU A 44 9.17 -4.95 -4.92
CA LEU A 44 8.11 -3.96 -4.84
C LEU A 44 8.53 -2.83 -3.90
N ALA A 45 8.67 -1.65 -4.47
CA ALA A 45 9.06 -0.48 -3.69
C ALA A 45 7.87 0.47 -3.57
N VAL A 46 7.59 0.85 -2.33
CA VAL A 46 6.48 1.75 -2.06
C VAL A 46 6.97 3.19 -2.17
N GLN A 47 6.44 3.89 -3.16
CA GLN A 47 6.81 5.29 -3.38
C GLN A 47 5.64 6.21 -3.03
N GLY A 48 5.96 7.49 -2.91
CA GLY A 48 4.95 8.48 -2.59
C GLY A 48 4.39 8.25 -1.19
N LEU A 49 5.26 7.77 -0.31
CA LEU A 49 4.86 7.51 1.07
C LEU A 49 4.72 8.84 1.81
N PRO A 50 4.06 8.76 3.00
CA PRO A 50 3.85 9.94 3.83
C PRO A 50 5.14 10.34 4.54
N GLU A 51 5.74 11.42 4.05
CA GLU A 51 6.97 11.92 4.63
C GLU A 51 6.99 11.66 6.14
N GLY A 52 8.18 11.36 6.63
CA GLY A 52 8.36 11.09 8.05
C GLY A 52 7.73 9.75 8.42
N LEU A 53 8.10 8.72 7.67
CA LEU A 53 7.59 7.38 7.91
C LEU A 53 8.50 6.37 7.23
N ALA A 54 8.03 5.13 7.21
CA ALA A 54 8.80 4.05 6.60
C ALA A 54 7.84 2.93 6.19
N PHE A 55 8.09 2.38 5.01
CA PHE A 55 7.27 1.30 4.48
C PHE A 55 7.26 0.12 5.44
N ARG A 56 6.12 -0.08 6.10
CA ARG A 56 5.98 -1.17 7.04
C ARG A 56 4.49 -1.41 7.34
N ARG A 57 4.23 -2.55 7.98
CA ARG A 57 2.87 -2.90 8.34
C ARG A 57 2.08 -1.65 8.75
N PRO A 58 0.75 -1.70 8.47
CA PRO A 58 -0.12 -0.58 8.80
C PRO A 58 -0.40 -0.54 10.31
N ALA A 59 -0.15 -1.67 10.96
CA ALA A 59 -0.37 -1.77 12.39
C ALA A 59 0.87 -1.25 13.13
N GLU A 60 2.02 -1.49 12.53
CA GLU A 60 3.27 -1.06 13.11
C GLU A 60 3.37 0.47 13.10
N TYR A 61 2.63 1.06 12.17
CA TYR A 61 2.62 2.51 12.04
C TYR A 61 1.96 3.17 13.26
N ASP A 62 2.16 4.48 13.36
CA ASP A 62 1.60 5.23 14.46
C ASP A 62 0.15 5.63 14.13
N PRO A 63 -0.47 6.37 15.08
CA PRO A 63 -1.84 6.81 14.89
C PRO A 63 -1.92 7.97 13.89
N LYS A 64 -1.08 8.96 14.13
CA LYS A 64 -1.04 10.13 13.26
C LYS A 64 -0.50 9.72 11.89
N ALA A 65 0.23 8.62 11.88
CA ALA A 65 0.81 8.12 10.64
C ALA A 65 -0.32 7.64 9.72
N LEU A 66 -1.10 6.71 10.25
CA LEU A 66 -2.21 6.15 9.49
C LEU A 66 -3.04 7.30 8.90
N MET A 67 -3.30 8.29 9.73
CA MET A 67 -4.07 9.45 9.31
C MET A 67 -3.35 10.22 8.22
N ALA A 68 -2.02 10.17 8.28
CA ALA A 68 -1.19 10.87 7.30
C ALA A 68 -1.12 10.03 6.02
N ILE A 69 -1.20 8.72 6.21
CA ILE A 69 -1.13 7.81 5.08
C ILE A 69 -2.40 7.97 4.24
N LEU A 70 -3.52 8.13 4.92
CA LEU A 70 -4.79 8.30 4.24
C LEU A 70 -4.82 9.64 3.53
N GLU A 71 -4.07 10.59 4.09
CA GLU A 71 -4.00 11.92 3.51
C GLU A 71 -3.00 11.95 2.35
N HIS A 72 -1.89 11.24 2.54
CA HIS A 72 -0.86 11.18 1.52
C HIS A 72 -1.18 10.05 0.54
N SER A 73 -2.15 9.23 0.93
CA SER A 73 -2.56 8.11 0.11
C SER A 73 -2.85 8.59 -1.32
N HIS A 74 -3.09 9.89 -1.43
CA HIS A 74 -3.39 10.48 -2.73
C HIS A 74 -2.12 10.51 -3.59
N ARG A 75 -0.98 10.42 -2.90
CA ARG A 75 0.30 10.43 -3.59
C ARG A 75 1.01 9.08 -3.41
N ILE A 76 0.36 8.21 -2.65
CA ILE A 76 0.92 6.90 -2.39
C ILE A 76 0.78 6.03 -3.64
N ARG A 77 1.92 5.62 -4.18
CA ARG A 77 1.93 4.80 -5.37
C ARG A 77 2.91 3.64 -5.20
N PHE A 78 2.49 2.47 -5.67
CA PHE A 78 3.31 1.28 -5.57
C PHE A 78 4.19 1.12 -6.82
N LYS A 79 5.33 0.49 -6.63
CA LYS A 79 6.26 0.27 -7.72
C LYS A 79 6.70 -1.20 -7.72
N LEU A 80 6.34 -1.90 -8.78
CA LEU A 80 6.69 -3.31 -8.92
C LEU A 80 7.99 -3.43 -9.71
N LYS A 81 8.76 -4.46 -9.37
CA LYS A 81 10.02 -4.70 -10.04
C LYS A 81 9.82 -4.60 -11.56
N ARG A 82 10.75 -3.91 -12.20
CA ARG A 82 10.69 -3.74 -13.64
C ARG A 82 12.06 -3.34 -14.19
N PRO A 83 12.42 -3.96 -15.35
CA PRO A 83 13.69 -3.68 -15.98
C PRO A 83 13.67 -2.32 -16.68
N SER A 84 13.62 -1.27 -15.88
CA SER A 84 13.58 0.08 -16.41
C SER A 84 14.90 0.80 -16.07
N SER A 85 15.07 1.95 -16.70
CA SER A 85 16.27 2.75 -16.48
C SER A 85 15.91 4.05 -15.76
N GLY A 86 15.82 3.96 -14.45
CA GLY A 86 15.48 5.12 -13.63
C GLY A 86 16.48 5.29 -12.49
N PRO A 87 17.52 6.14 -12.76
CA PRO A 87 18.54 6.40 -11.76
C PRO A 87 18.01 7.33 -10.66
N SER A 88 17.25 8.33 -11.09
CA SER A 88 16.68 9.28 -10.16
C SER A 88 17.79 9.97 -9.37
N SER A 89 18.23 11.11 -9.90
CA SER A 89 19.29 11.88 -9.28
C SER A 89 18.69 13.10 -8.55
N GLY A 90 18.71 13.03 -7.23
CA GLY A 90 18.18 14.11 -6.42
C GLY A 90 18.38 13.83 -4.93
N GLY A 1 -13.50 -3.03 -4.32
CA GLY A 1 -12.96 -3.16 -2.97
C GLY A 1 -13.45 -4.46 -2.32
N SER A 2 -13.07 -4.62 -1.05
CA SER A 2 -13.45 -5.81 -0.30
C SER A 2 -13.28 -5.56 1.20
N SER A 3 -14.41 -5.44 1.87
CA SER A 3 -14.41 -5.19 3.30
C SER A 3 -13.83 -3.81 3.60
N GLY A 4 -14.63 -2.99 4.26
CA GLY A 4 -14.21 -1.65 4.61
C GLY A 4 -14.11 -1.48 6.12
N SER A 5 -15.26 -1.20 6.73
CA SER A 5 -15.32 -1.01 8.17
C SER A 5 -14.38 0.13 8.59
N SER A 6 -14.66 0.67 9.76
CA SER A 6 -13.85 1.77 10.29
C SER A 6 -12.51 1.23 10.79
N GLY A 7 -11.70 2.14 11.30
CA GLY A 7 -10.39 1.78 11.81
C GLY A 7 -9.27 2.38 10.95
N LEU A 8 -8.47 3.23 11.58
CA LEU A 8 -7.37 3.87 10.89
C LEU A 8 -6.52 2.80 10.19
N ARG A 9 -6.15 1.78 10.97
CA ARG A 9 -5.34 0.70 10.44
C ARG A 9 -6.10 -0.06 9.35
N LYS A 10 -7.31 -0.48 9.70
CA LYS A 10 -8.15 -1.22 8.76
C LYS A 10 -8.41 -0.34 7.54
N MET A 11 -8.27 0.96 7.74
CA MET A 11 -8.49 1.91 6.65
C MET A 11 -7.33 1.89 5.66
N VAL A 12 -6.12 1.97 6.21
CA VAL A 12 -4.92 1.97 5.38
C VAL A 12 -4.59 0.53 4.98
N GLU A 13 -5.20 -0.40 5.70
CA GLU A 13 -4.97 -1.82 5.44
C GLU A 13 -5.34 -2.14 3.98
N GLU A 14 -6.56 -1.76 3.60
CA GLU A 14 -7.04 -2.00 2.27
C GLU A 14 -6.25 -1.17 1.25
N VAL A 15 -5.85 0.02 1.71
CA VAL A 15 -5.09 0.92 0.86
C VAL A 15 -3.87 0.20 0.30
N PHE A 16 -2.97 -0.15 1.21
CA PHE A 16 -1.75 -0.86 0.83
C PHE A 16 -2.08 -2.14 0.05
N ASP A 17 -3.33 -2.57 0.18
CA ASP A 17 -3.78 -3.77 -0.51
C ASP A 17 -4.22 -3.40 -1.92
N VAL A 18 -5.05 -2.36 -2.00
CA VAL A 18 -5.55 -1.90 -3.28
C VAL A 18 -4.38 -1.42 -4.15
N LEU A 19 -3.69 -0.41 -3.65
CA LEU A 19 -2.55 0.15 -4.36
C LEU A 19 -1.74 -0.99 -4.98
N TYR A 20 -1.48 -2.00 -4.17
CA TYR A 20 -0.72 -3.16 -4.62
C TYR A 20 -1.41 -3.84 -5.80
N SER A 21 -2.62 -4.32 -5.54
CA SER A 21 -3.40 -5.00 -6.56
C SER A 21 -3.45 -4.14 -7.82
N GLU A 22 -3.53 -2.83 -7.62
CA GLU A 22 -3.60 -1.90 -8.73
C GLU A 22 -2.35 -2.03 -9.61
N ALA A 23 -1.20 -2.07 -8.94
CA ALA A 23 0.07 -2.21 -9.64
C ALA A 23 0.19 -3.62 -10.22
N LEU A 24 -0.45 -4.56 -9.54
CA LEU A 24 -0.43 -5.94 -9.97
C LEU A 24 -1.36 -6.12 -11.16
N GLY A 25 -2.33 -5.22 -11.25
CA GLY A 25 -3.30 -5.26 -12.33
C GLY A 25 -4.19 -6.51 -12.23
N ARG A 26 -4.62 -6.79 -11.01
CA ARG A 26 -5.47 -7.94 -10.76
C ARG A 26 -6.94 -7.53 -10.77
N ALA A 27 -7.80 -8.52 -10.58
CA ALA A 27 -9.23 -8.27 -10.56
C ALA A 27 -9.71 -8.14 -9.12
N SER A 28 -9.21 -9.04 -8.28
CA SER A 28 -9.56 -9.03 -6.87
C SER A 28 -8.50 -8.30 -6.06
N VAL A 29 -8.89 -7.89 -4.86
CA VAL A 29 -7.98 -7.18 -3.98
C VAL A 29 -7.17 -8.19 -3.17
N VAL A 30 -5.87 -8.20 -3.43
CA VAL A 30 -4.98 -9.11 -2.74
C VAL A 30 -4.31 -8.37 -1.57
N PRO A 31 -3.87 -9.18 -0.56
CA PRO A 31 -3.22 -8.61 0.62
C PRO A 31 -1.79 -8.19 0.29
N LEU A 32 -1.15 -7.59 1.29
CA LEU A 32 0.22 -7.12 1.13
C LEU A 32 1.12 -7.85 2.12
N PRO A 33 1.85 -8.87 1.59
CA PRO A 33 2.76 -9.65 2.43
C PRO A 33 4.02 -8.86 2.75
N TYR A 34 3.85 -7.84 3.58
CA TYR A 34 4.97 -7.00 3.97
C TYR A 34 6.17 -7.85 4.36
N GLU A 35 5.92 -8.85 5.19
CA GLU A 35 6.98 -9.74 5.64
C GLU A 35 7.85 -10.17 4.46
N ARG A 36 7.21 -10.24 3.30
CA ARG A 36 7.92 -10.64 2.08
C ARG A 36 8.46 -9.41 1.36
N LEU A 37 7.54 -8.58 0.88
CA LEU A 37 7.92 -7.38 0.17
C LEU A 37 9.04 -6.67 0.93
N LEU A 38 8.90 -6.67 2.25
CA LEU A 38 9.88 -6.03 3.12
C LEU A 38 11.25 -6.68 2.89
N ARG A 39 11.23 -8.00 2.78
CA ARG A 39 12.45 -8.76 2.56
C ARG A 39 13.14 -8.30 1.28
N GLU A 40 12.33 -8.16 0.23
CA GLU A 40 12.84 -7.74 -1.06
C GLU A 40 12.19 -6.42 -1.49
N PRO A 41 12.96 -5.32 -1.35
CA PRO A 41 12.47 -4.00 -1.72
C PRO A 41 12.44 -3.83 -3.23
N GLY A 42 13.29 -4.60 -3.90
CA GLY A 42 13.37 -4.54 -5.35
C GLY A 42 12.14 -5.18 -5.99
N LEU A 43 11.52 -6.07 -5.24
CA LEU A 43 10.33 -6.77 -5.72
C LEU A 43 9.18 -5.77 -5.84
N LEU A 44 9.07 -4.91 -4.83
CA LEU A 44 8.03 -3.91 -4.80
C LEU A 44 8.48 -2.74 -3.94
N ALA A 45 8.61 -1.58 -4.57
CA ALA A 45 9.03 -0.38 -3.87
C ALA A 45 7.81 0.53 -3.66
N VAL A 46 7.71 1.04 -2.44
CA VAL A 46 6.61 1.92 -2.08
C VAL A 46 7.07 3.36 -2.19
N GLN A 47 6.42 4.09 -3.08
CA GLN A 47 6.74 5.50 -3.29
C GLN A 47 5.55 6.38 -2.93
N GLY A 48 5.83 7.68 -2.82
CA GLY A 48 4.79 8.63 -2.48
C GLY A 48 4.28 8.40 -1.06
N LEU A 49 5.17 7.92 -0.21
CA LEU A 49 4.82 7.65 1.18
C LEU A 49 4.74 8.97 1.94
N PRO A 50 4.13 8.90 3.15
CA PRO A 50 3.98 10.07 4.00
C PRO A 50 5.32 10.43 4.66
N GLU A 51 5.94 11.47 4.13
CA GLU A 51 7.22 11.92 4.65
C GLU A 51 7.28 11.68 6.16
N GLY A 52 8.48 11.34 6.62
CA GLY A 52 8.69 11.07 8.03
C GLY A 52 8.03 9.77 8.45
N LEU A 53 8.33 8.72 7.70
CA LEU A 53 7.77 7.41 7.98
C LEU A 53 8.64 6.33 7.32
N ALA A 54 8.14 5.11 7.33
CA ALA A 54 8.85 4.00 6.74
C ALA A 54 7.84 2.93 6.30
N PHE A 55 8.09 2.37 5.12
CA PHE A 55 7.21 1.34 4.58
C PHE A 55 7.12 0.15 5.55
N ARG A 56 5.95 0.02 6.17
CA ARG A 56 5.72 -1.06 7.11
C ARG A 56 4.22 -1.22 7.38
N ARG A 57 3.86 -2.40 7.84
CA ARG A 57 2.46 -2.69 8.14
C ARG A 57 1.79 -1.46 8.75
N PRO A 58 0.45 -1.38 8.54
CA PRO A 58 -0.32 -0.27 9.06
C PRO A 58 -0.54 -0.40 10.57
N ALA A 59 -0.45 -1.64 11.04
CA ALA A 59 -0.62 -1.91 12.46
C ALA A 59 0.68 -1.61 13.20
N GLU A 60 1.74 -1.41 12.41
CA GLU A 60 3.04 -1.12 12.98
C GLU A 60 3.32 0.38 12.92
N TYR A 61 2.45 1.08 12.22
CA TYR A 61 2.59 2.52 12.06
C TYR A 61 2.03 3.26 13.29
N ASP A 62 2.21 4.57 13.29
CA ASP A 62 1.73 5.39 14.39
C ASP A 62 0.28 5.78 14.12
N PRO A 63 -0.28 6.59 15.07
CA PRO A 63 -1.66 7.03 14.95
C PRO A 63 -1.78 8.13 13.90
N LYS A 64 -1.00 9.19 14.08
CA LYS A 64 -1.02 10.30 13.16
C LYS A 64 -0.49 9.84 11.80
N ALA A 65 0.24 8.75 11.83
CA ALA A 65 0.82 8.19 10.61
C ALA A 65 -0.30 7.71 9.70
N LEU A 66 -1.05 6.74 10.20
CA LEU A 66 -2.16 6.18 9.44
C LEU A 66 -2.95 7.31 8.80
N MET A 67 -3.31 8.28 9.62
CA MET A 67 -4.08 9.43 9.14
C MET A 67 -3.31 10.16 8.03
N ALA A 68 -2.00 10.17 8.16
CA ALA A 68 -1.15 10.84 7.18
C ALA A 68 -1.06 9.97 5.92
N ILE A 69 -1.14 8.66 6.14
CA ILE A 69 -1.07 7.72 5.03
C ILE A 69 -2.35 7.81 4.21
N LEU A 70 -3.47 7.87 4.92
CA LEU A 70 -4.77 7.95 4.26
C LEU A 70 -4.90 9.31 3.58
N GLU A 71 -4.11 10.25 4.06
CA GLU A 71 -4.13 11.60 3.51
C GLU A 71 -3.08 11.73 2.40
N HIS A 72 -1.93 11.10 2.64
CA HIS A 72 -0.85 11.15 1.66
C HIS A 72 -1.05 10.05 0.62
N SER A 73 -1.98 9.16 0.92
CA SER A 73 -2.29 8.06 0.03
C SER A 73 -2.34 8.56 -1.42
N HIS A 74 -3.10 9.63 -1.62
CA HIS A 74 -3.25 10.22 -2.94
C HIS A 74 -1.88 10.26 -3.64
N ARG A 75 -0.85 10.34 -2.82
CA ARG A 75 0.51 10.38 -3.35
C ARG A 75 1.12 8.98 -3.37
N ILE A 76 0.80 8.22 -2.33
CA ILE A 76 1.30 6.85 -2.22
C ILE A 76 1.19 6.16 -3.57
N ARG A 77 2.31 5.64 -4.04
CA ARG A 77 2.35 4.95 -5.32
C ARG A 77 3.23 3.71 -5.23
N PHE A 78 2.70 2.60 -5.70
CA PHE A 78 3.42 1.34 -5.68
C PHE A 78 4.24 1.15 -6.97
N LYS A 79 5.38 0.51 -6.81
CA LYS A 79 6.26 0.26 -7.95
C LYS A 79 6.70 -1.19 -7.93
N LEU A 80 6.31 -1.92 -8.97
CA LEU A 80 6.66 -3.32 -9.09
C LEU A 80 7.99 -3.45 -9.85
N LYS A 81 8.64 -4.59 -9.66
CA LYS A 81 9.90 -4.85 -10.32
C LYS A 81 9.70 -4.85 -11.83
N ARG A 82 8.46 -5.12 -12.23
CA ARG A 82 8.12 -5.15 -13.64
C ARG A 82 7.32 -3.91 -14.02
N PRO A 83 7.43 -3.53 -15.32
CA PRO A 83 6.72 -2.37 -15.84
C PRO A 83 5.22 -2.66 -16.00
N SER A 84 4.43 -2.05 -15.14
CA SER A 84 3.00 -2.23 -15.17
C SER A 84 2.33 -1.00 -15.80
N SER A 85 1.17 -1.23 -16.40
CA SER A 85 0.42 -0.16 -17.03
C SER A 85 -0.55 0.46 -16.03
N GLY A 86 -0.99 1.67 -16.36
CA GLY A 86 -1.91 2.39 -15.50
C GLY A 86 -1.28 3.66 -14.94
N PRO A 87 -1.49 4.79 -15.67
CA PRO A 87 -0.95 6.06 -15.26
C PRO A 87 -1.73 6.64 -14.08
N SER A 88 -3.05 6.72 -14.25
CA SER A 88 -3.90 7.24 -13.21
C SER A 88 -5.26 6.52 -13.23
N SER A 89 -5.71 6.17 -12.04
CA SER A 89 -6.98 5.46 -11.91
C SER A 89 -7.24 5.12 -10.44
N GLY A 90 -8.50 5.24 -10.05
CA GLY A 90 -8.89 4.95 -8.68
C GLY A 90 -10.27 5.53 -8.38
N GLY A 1 -12.83 -7.17 -4.42
CA GLY A 1 -13.74 -6.30 -3.70
C GLY A 1 -13.93 -6.78 -2.26
N SER A 2 -14.04 -5.83 -1.35
CA SER A 2 -14.24 -6.14 0.05
C SER A 2 -14.85 -4.95 0.77
N SER A 3 -15.28 -5.20 2.01
CA SER A 3 -15.89 -4.15 2.81
C SER A 3 -14.89 -3.64 3.84
N GLY A 4 -15.22 -2.50 4.43
CA GLY A 4 -14.36 -1.89 5.43
C GLY A 4 -15.06 -0.69 6.09
N SER A 5 -14.69 0.49 5.62
CA SER A 5 -15.26 1.72 6.15
C SER A 5 -14.89 1.88 7.63
N SER A 6 -14.58 3.11 7.99
CA SER A 6 -14.21 3.41 9.37
C SER A 6 -12.86 2.77 9.69
N GLY A 7 -12.34 3.12 10.86
CA GLY A 7 -11.06 2.60 11.30
C GLY A 7 -9.90 3.27 10.56
N LEU A 8 -8.78 3.40 11.27
CA LEU A 8 -7.61 4.04 10.70
C LEU A 8 -6.69 2.95 10.11
N ARG A 9 -6.29 2.03 10.97
CA ARG A 9 -5.43 0.95 10.56
C ARG A 9 -6.15 0.02 9.58
N LYS A 10 -7.47 0.02 9.69
CA LYS A 10 -8.29 -0.81 8.82
C LYS A 10 -8.40 -0.16 7.45
N MET A 11 -8.44 1.16 7.45
CA MET A 11 -8.54 1.91 6.22
C MET A 11 -7.27 1.73 5.36
N VAL A 12 -6.15 2.15 5.94
CA VAL A 12 -4.88 2.05 5.24
C VAL A 12 -4.64 0.58 4.85
N GLU A 13 -5.12 -0.31 5.71
CA GLU A 13 -4.96 -1.73 5.47
C GLU A 13 -5.35 -2.07 4.03
N GLU A 14 -6.52 -1.60 3.65
CA GLU A 14 -7.02 -1.85 2.30
C GLU A 14 -6.23 -1.04 1.28
N VAL A 15 -5.97 0.20 1.63
CA VAL A 15 -5.23 1.10 0.76
C VAL A 15 -4.04 0.34 0.16
N PHE A 16 -3.07 0.05 1.03
CA PHE A 16 -1.88 -0.66 0.61
C PHE A 16 -2.24 -1.87 -0.26
N ASP A 17 -3.36 -2.50 0.11
CA ASP A 17 -3.82 -3.67 -0.62
C ASP A 17 -4.28 -3.25 -2.02
N VAL A 18 -5.31 -2.41 -2.04
CA VAL A 18 -5.85 -1.93 -3.29
C VAL A 18 -4.70 -1.53 -4.23
N LEU A 19 -3.92 -0.56 -3.78
CA LEU A 19 -2.79 -0.10 -4.56
C LEU A 19 -2.04 -1.30 -5.14
N TYR A 20 -1.48 -2.10 -4.24
CA TYR A 20 -0.73 -3.28 -4.65
C TYR A 20 -1.47 -4.04 -5.74
N SER A 21 -2.76 -4.28 -5.50
CA SER A 21 -3.58 -5.00 -6.45
C SER A 21 -3.62 -4.23 -7.79
N GLU A 22 -3.73 -2.92 -7.67
CA GLU A 22 -3.78 -2.07 -8.85
C GLU A 22 -2.51 -2.22 -9.67
N ALA A 23 -1.39 -2.18 -8.97
CA ALA A 23 -0.10 -2.31 -9.62
C ALA A 23 0.06 -3.74 -10.16
N LEU A 24 -0.48 -4.68 -9.39
CA LEU A 24 -0.41 -6.08 -9.78
C LEU A 24 -1.39 -6.34 -10.93
N GLY A 25 -2.38 -5.46 -11.03
CA GLY A 25 -3.37 -5.59 -12.07
C GLY A 25 -4.20 -6.87 -11.90
N ARG A 26 -4.65 -7.07 -10.67
CA ARG A 26 -5.45 -8.24 -10.36
C ARG A 26 -6.94 -7.88 -10.29
N ALA A 27 -7.76 -8.89 -10.13
CA ALA A 27 -9.19 -8.69 -10.04
C ALA A 27 -9.60 -8.53 -8.58
N SER A 28 -9.08 -9.43 -7.75
CA SER A 28 -9.39 -9.39 -6.33
C SER A 28 -8.32 -8.60 -5.59
N VAL A 29 -8.66 -8.20 -4.37
CA VAL A 29 -7.75 -7.43 -3.55
C VAL A 29 -6.89 -8.39 -2.70
N VAL A 30 -5.66 -8.57 -3.14
CA VAL A 30 -4.74 -9.44 -2.44
C VAL A 30 -4.09 -8.69 -1.29
N PRO A 31 -3.60 -9.47 -0.29
CA PRO A 31 -2.94 -8.88 0.88
C PRO A 31 -1.54 -8.37 0.52
N LEU A 32 -0.89 -7.79 1.51
CA LEU A 32 0.45 -7.26 1.33
C LEU A 32 1.40 -7.93 2.32
N PRO A 33 2.13 -8.95 1.80
CA PRO A 33 3.07 -9.69 2.63
C PRO A 33 4.35 -8.86 2.87
N TYR A 34 4.21 -7.88 3.75
CA TYR A 34 5.33 -7.02 4.08
C TYR A 34 6.58 -7.84 4.40
N GLU A 35 6.39 -8.82 5.27
CA GLU A 35 7.49 -9.68 5.67
C GLU A 35 8.31 -10.10 4.46
N ARG A 36 7.62 -10.19 3.32
CA ARG A 36 8.28 -10.57 2.08
C ARG A 36 8.75 -9.34 1.32
N LEU A 37 7.78 -8.57 0.85
CA LEU A 37 8.07 -7.35 0.11
C LEU A 37 9.20 -6.60 0.81
N LEU A 38 9.13 -6.58 2.13
CA LEU A 38 10.14 -5.89 2.92
C LEU A 38 11.51 -6.48 2.62
N ARG A 39 11.57 -7.81 2.60
CA ARG A 39 12.81 -8.50 2.32
C ARG A 39 13.34 -8.10 0.94
N GLU A 40 12.46 -8.16 -0.04
CA GLU A 40 12.83 -7.81 -1.40
C GLU A 40 12.22 -6.46 -1.78
N PRO A 41 13.09 -5.41 -1.78
CA PRO A 41 12.66 -4.06 -2.12
C PRO A 41 12.44 -3.92 -3.62
N GLY A 42 13.25 -4.66 -4.38
CA GLY A 42 13.16 -4.61 -5.83
C GLY A 42 11.84 -5.22 -6.31
N LEU A 43 11.43 -6.28 -5.62
CA LEU A 43 10.20 -6.96 -5.97
C LEU A 43 9.06 -5.94 -5.99
N LEU A 44 9.06 -5.07 -5.00
CA LEU A 44 8.03 -4.04 -4.90
C LEU A 44 8.51 -2.94 -3.95
N ALA A 45 8.66 -1.75 -4.51
CA ALA A 45 9.10 -0.61 -3.73
C ALA A 45 7.94 0.37 -3.54
N VAL A 46 7.72 0.74 -2.29
CA VAL A 46 6.64 1.66 -1.97
C VAL A 46 7.16 3.10 -2.06
N GLN A 47 6.52 3.88 -2.92
CA GLN A 47 6.91 5.26 -3.10
C GLN A 47 5.74 6.19 -2.77
N GLY A 48 6.06 7.47 -2.65
CA GLY A 48 5.05 8.47 -2.33
C GLY A 48 4.47 8.24 -0.93
N LEU A 49 5.30 7.71 -0.06
CA LEU A 49 4.89 7.44 1.31
C LEU A 49 4.79 8.75 2.07
N PRO A 50 4.13 8.68 3.27
CA PRO A 50 3.97 9.85 4.10
C PRO A 50 5.27 10.21 4.81
N GLU A 51 5.95 11.20 4.27
CA GLU A 51 7.22 11.65 4.84
C GLU A 51 7.21 11.45 6.36
N GLY A 52 8.39 11.13 6.88
CA GLY A 52 8.53 10.91 8.31
C GLY A 52 7.89 9.58 8.72
N LEU A 53 8.15 8.56 7.93
CA LEU A 53 7.60 7.24 8.20
C LEU A 53 8.48 6.18 7.54
N ALA A 54 7.98 4.95 7.54
CA ALA A 54 8.70 3.85 6.94
C ALA A 54 7.71 2.77 6.49
N PHE A 55 7.95 2.24 5.30
CA PHE A 55 7.09 1.21 4.74
C PHE A 55 7.06 -0.02 5.65
N ARG A 56 5.91 -0.25 6.25
CA ARG A 56 5.74 -1.38 7.13
C ARG A 56 4.25 -1.65 7.39
N ARG A 57 3.98 -2.73 8.09
CA ARG A 57 2.62 -3.10 8.41
C ARG A 57 1.85 -1.89 8.93
N PRO A 58 0.53 -1.86 8.60
CA PRO A 58 -0.33 -0.77 9.03
C PRO A 58 -0.67 -0.89 10.52
N ALA A 59 -0.37 -2.06 11.06
CA ALA A 59 -0.63 -2.32 12.47
C ALA A 59 0.59 -1.92 13.30
N GLU A 60 1.69 -1.69 12.60
CA GLU A 60 2.92 -1.29 13.26
C GLU A 60 3.09 0.23 13.21
N TYR A 61 2.28 0.85 12.38
CA TYR A 61 2.33 2.30 12.23
C TYR A 61 1.69 3.00 13.43
N ASP A 62 1.92 4.30 13.51
CA ASP A 62 1.37 5.09 14.59
C ASP A 62 -0.05 5.52 14.24
N PRO A 63 -0.66 6.30 15.17
CA PRO A 63 -2.02 6.79 14.98
C PRO A 63 -2.06 7.92 13.94
N LYS A 64 -1.22 8.92 14.19
CA LYS A 64 -1.15 10.06 13.29
C LYS A 64 -0.60 9.60 11.93
N ALA A 65 0.14 8.51 11.96
CA ALA A 65 0.72 7.96 10.74
C ALA A 65 -0.41 7.54 9.79
N LEU A 66 -1.22 6.60 10.27
CA LEU A 66 -2.33 6.10 9.48
C LEU A 66 -3.07 7.29 8.85
N MET A 67 -3.30 8.30 9.67
CA MET A 67 -4.00 9.49 9.22
C MET A 67 -3.17 10.24 8.17
N ALA A 68 -1.86 10.13 8.31
CA ALA A 68 -0.96 10.79 7.38
C ALA A 68 -0.82 9.94 6.12
N ILE A 69 -1.16 8.67 6.25
CA ILE A 69 -1.08 7.75 5.13
C ILE A 69 -2.31 7.92 4.24
N LEU A 70 -3.46 8.06 4.90
CA LEU A 70 -4.72 8.23 4.17
C LEU A 70 -4.75 9.63 3.55
N GLU A 71 -3.99 10.54 4.16
CA GLU A 71 -3.92 11.90 3.67
C GLU A 71 -2.84 12.03 2.60
N HIS A 72 -1.80 11.23 2.76
CA HIS A 72 -0.69 11.24 1.82
C HIS A 72 -0.92 10.18 0.74
N SER A 73 -1.91 9.34 0.98
CA SER A 73 -2.24 8.29 0.04
C SER A 73 -2.33 8.86 -1.37
N HIS A 74 -2.70 10.12 -1.44
CA HIS A 74 -2.83 10.80 -2.73
C HIS A 74 -1.50 10.73 -3.48
N ARG A 75 -0.44 10.44 -2.73
CA ARG A 75 0.88 10.33 -3.31
C ARG A 75 1.36 8.88 -3.31
N ILE A 76 1.01 8.17 -2.24
CA ILE A 76 1.39 6.79 -2.10
C ILE A 76 1.19 6.07 -3.44
N ARG A 77 2.28 5.50 -3.94
CA ARG A 77 2.24 4.78 -5.20
C ARG A 77 3.18 3.57 -5.16
N PHE A 78 2.62 2.43 -5.51
CA PHE A 78 3.38 1.19 -5.53
C PHE A 78 4.21 1.07 -6.81
N LYS A 79 5.33 0.37 -6.69
CA LYS A 79 6.21 0.16 -7.82
C LYS A 79 6.63 -1.31 -7.89
N LEU A 80 6.22 -1.97 -8.95
CA LEU A 80 6.54 -3.37 -9.14
C LEU A 80 7.83 -3.49 -9.95
N LYS A 81 8.56 -4.57 -9.70
CA LYS A 81 9.81 -4.81 -10.40
C LYS A 81 9.58 -4.65 -11.90
N ARG A 82 10.67 -4.73 -12.65
CA ARG A 82 10.61 -4.60 -14.09
C ARG A 82 9.37 -5.32 -14.64
N PRO A 83 8.67 -4.61 -15.56
CA PRO A 83 7.45 -5.15 -16.15
C PRO A 83 7.79 -6.22 -17.20
N SER A 84 6.82 -7.08 -17.46
CA SER A 84 7.00 -8.15 -18.42
C SER A 84 5.72 -8.99 -18.51
N SER A 85 4.78 -8.48 -19.28
CA SER A 85 3.51 -9.17 -19.46
C SER A 85 2.72 -9.17 -18.14
N GLY A 86 1.48 -8.73 -18.25
CA GLY A 86 0.61 -8.68 -17.08
C GLY A 86 -0.68 -7.92 -17.39
N PRO A 87 -1.77 -8.34 -16.70
CA PRO A 87 -3.07 -7.71 -16.89
C PRO A 87 -3.12 -6.34 -16.21
N SER A 88 -4.29 -5.71 -16.31
CA SER A 88 -4.48 -4.40 -15.71
C SER A 88 -5.76 -4.39 -14.87
N SER A 89 -6.86 -4.70 -15.52
CA SER A 89 -8.15 -4.74 -14.85
C SER A 89 -8.47 -3.36 -14.26
N GLY A 90 -9.42 -2.69 -14.89
CA GLY A 90 -9.84 -1.37 -14.44
C GLY A 90 -8.71 -0.35 -14.64
N GLY A 1 -15.26 -9.79 -2.92
CA GLY A 1 -14.97 -8.83 -1.88
C GLY A 1 -15.90 -7.61 -1.98
N SER A 2 -16.62 -7.36 -0.90
CA SER A 2 -17.55 -6.24 -0.86
C SER A 2 -17.63 -5.68 0.56
N SER A 3 -18.20 -4.48 0.65
CA SER A 3 -18.34 -3.82 1.94
C SER A 3 -16.97 -3.51 2.54
N GLY A 4 -16.92 -2.43 3.28
CA GLY A 4 -15.67 -2.01 3.91
C GLY A 4 -15.77 -2.09 5.44
N SER A 5 -15.16 -1.11 6.08
CA SER A 5 -15.17 -1.06 7.54
C SER A 5 -14.37 0.15 8.02
N SER A 6 -14.53 0.45 9.31
CA SER A 6 -13.83 1.57 9.91
C SER A 6 -12.50 1.11 10.50
N GLY A 7 -11.75 2.08 11.02
CA GLY A 7 -10.46 1.78 11.61
C GLY A 7 -9.32 2.42 10.82
N LEU A 8 -8.57 3.27 11.49
CA LEU A 8 -7.46 3.95 10.86
C LEU A 8 -6.56 2.92 10.16
N ARG A 9 -6.11 1.95 10.94
CA ARG A 9 -5.25 0.91 10.42
C ARG A 9 -6.01 0.05 9.41
N LYS A 10 -7.31 -0.10 9.66
CA LYS A 10 -8.16 -0.89 8.80
C LYS A 10 -8.35 -0.16 7.48
N MET A 11 -8.23 1.16 7.53
CA MET A 11 -8.38 1.99 6.35
C MET A 11 -7.17 1.84 5.42
N VAL A 12 -6.00 2.01 6.00
CA VAL A 12 -4.76 1.90 5.24
C VAL A 12 -4.53 0.43 4.87
N GLU A 13 -5.12 -0.45 5.67
CA GLU A 13 -4.97 -1.88 5.44
C GLU A 13 -5.38 -2.22 4.00
N GLU A 14 -6.50 -1.66 3.59
CA GLU A 14 -7.00 -1.91 2.24
C GLU A 14 -6.21 -1.09 1.22
N VAL A 15 -5.87 0.13 1.62
CA VAL A 15 -5.11 1.02 0.76
C VAL A 15 -3.92 0.26 0.17
N PHE A 16 -2.95 -0.01 1.02
CA PHE A 16 -1.76 -0.73 0.59
C PHE A 16 -2.13 -1.96 -0.24
N ASP A 17 -3.25 -2.56 0.13
CA ASP A 17 -3.72 -3.74 -0.57
C ASP A 17 -4.16 -3.36 -1.99
N VAL A 18 -5.17 -2.52 -2.06
CA VAL A 18 -5.68 -2.05 -3.34
C VAL A 18 -4.52 -1.59 -4.21
N LEU A 19 -3.81 -0.59 -3.70
CA LEU A 19 -2.67 -0.04 -4.42
C LEU A 19 -1.83 -1.18 -5.00
N TYR A 20 -1.41 -2.07 -4.12
CA TYR A 20 -0.60 -3.21 -4.53
C TYR A 20 -1.32 -4.02 -5.62
N SER A 21 -2.64 -4.02 -5.53
CA SER A 21 -3.45 -4.75 -6.50
C SER A 21 -3.46 -4.00 -7.83
N GLU A 22 -3.79 -2.73 -7.75
CA GLU A 22 -3.85 -1.91 -8.95
C GLU A 22 -2.57 -2.06 -9.77
N ALA A 23 -1.45 -2.16 -9.06
CA ALA A 23 -0.17 -2.33 -9.70
C ALA A 23 -0.07 -3.74 -10.30
N LEU A 24 -0.83 -4.64 -9.70
CA LEU A 24 -0.84 -6.02 -10.16
C LEU A 24 -1.80 -6.17 -11.33
N GLY A 25 -2.92 -5.44 -11.23
CA GLY A 25 -3.91 -5.49 -12.28
C GLY A 25 -4.64 -6.82 -12.30
N ARG A 26 -5.15 -7.21 -11.14
CA ARG A 26 -5.86 -8.47 -11.00
C ARG A 26 -7.38 -8.21 -10.96
N ALA A 27 -8.12 -9.31 -10.83
CA ALA A 27 -9.57 -9.22 -10.77
C ALA A 27 -10.02 -9.24 -9.32
N SER A 28 -9.08 -9.58 -8.44
CA SER A 28 -9.38 -9.64 -7.02
C SER A 28 -8.26 -8.94 -6.23
N VAL A 29 -8.66 -8.39 -5.09
CA VAL A 29 -7.72 -7.69 -4.23
C VAL A 29 -6.91 -8.70 -3.43
N VAL A 30 -5.59 -8.58 -3.53
CA VAL A 30 -4.69 -9.48 -2.83
C VAL A 30 -4.06 -8.74 -1.65
N PRO A 31 -3.65 -9.53 -0.63
CA PRO A 31 -3.03 -8.96 0.56
C PRO A 31 -1.60 -8.53 0.27
N LEU A 32 -1.05 -7.75 1.18
CA LEU A 32 0.32 -7.27 1.05
C LEU A 32 1.21 -7.96 2.07
N PRO A 33 1.96 -8.98 1.58
CA PRO A 33 2.86 -9.73 2.44
C PRO A 33 4.12 -8.92 2.77
N TYR A 34 3.93 -7.93 3.61
CA TYR A 34 5.05 -7.07 4.01
C TYR A 34 6.27 -7.91 4.38
N GLU A 35 6.07 -8.83 5.32
CA GLU A 35 7.14 -9.69 5.77
C GLU A 35 8.01 -10.12 4.59
N ARG A 36 7.38 -10.21 3.43
CA ARG A 36 8.08 -10.61 2.22
C ARG A 36 8.57 -9.38 1.47
N LEU A 37 7.62 -8.62 0.95
CA LEU A 37 7.93 -7.41 0.21
C LEU A 37 9.03 -6.64 0.93
N LEU A 38 9.01 -6.75 2.26
CA LEU A 38 10.00 -6.06 3.09
C LEU A 38 11.37 -6.69 2.84
N ARG A 39 11.40 -8.01 2.87
CA ARG A 39 12.64 -8.73 2.66
C ARG A 39 13.31 -8.27 1.37
N GLU A 40 12.49 -8.07 0.34
CA GLU A 40 12.99 -7.63 -0.94
C GLU A 40 12.31 -6.32 -1.36
N PRO A 41 13.06 -5.20 -1.22
CA PRO A 41 12.55 -3.89 -1.57
C PRO A 41 12.50 -3.71 -3.09
N GLY A 42 13.41 -4.40 -3.76
CA GLY A 42 13.49 -4.32 -5.21
C GLY A 42 12.26 -4.97 -5.86
N LEU A 43 11.73 -5.97 -5.17
CA LEU A 43 10.56 -6.68 -5.66
C LEU A 43 9.38 -5.70 -5.79
N LEU A 44 9.26 -4.84 -4.78
CA LEU A 44 8.19 -3.86 -4.76
C LEU A 44 8.60 -2.68 -3.87
N ALA A 45 8.82 -1.54 -4.50
CA ALA A 45 9.21 -0.34 -3.78
C ALA A 45 8.00 0.57 -3.62
N VAL A 46 7.78 0.99 -2.38
CA VAL A 46 6.66 1.86 -2.08
C VAL A 46 7.12 3.32 -2.19
N GLN A 47 6.41 4.06 -3.04
CA GLN A 47 6.73 5.46 -3.25
C GLN A 47 5.52 6.33 -2.92
N GLY A 48 5.77 7.63 -2.81
CA GLY A 48 4.72 8.57 -2.50
C GLY A 48 4.17 8.35 -1.10
N LEU A 49 5.05 7.87 -0.23
CA LEU A 49 4.68 7.61 1.15
C LEU A 49 4.59 8.94 1.91
N PRO A 50 3.96 8.87 3.12
CA PRO A 50 3.80 10.05 3.95
C PRO A 50 5.11 10.43 4.62
N GLU A 51 5.76 11.44 4.07
CA GLU A 51 7.03 11.91 4.60
C GLU A 51 7.07 11.71 6.11
N GLY A 52 8.26 11.42 6.61
CA GLY A 52 8.45 11.21 8.04
C GLY A 52 7.84 9.88 8.48
N LEU A 53 8.13 8.85 7.68
CA LEU A 53 7.62 7.53 7.98
C LEU A 53 8.51 6.48 7.31
N ALA A 54 8.02 5.24 7.32
CA ALA A 54 8.77 4.15 6.71
C ALA A 54 7.79 3.04 6.32
N PHE A 55 8.05 2.46 5.15
CA PHE A 55 7.21 1.38 4.65
C PHE A 55 7.19 0.20 5.62
N ARG A 56 6.02 0.00 6.22
CA ARG A 56 5.86 -1.09 7.17
C ARG A 56 4.36 -1.36 7.41
N ARG A 57 4.10 -2.52 7.99
CA ARG A 57 2.72 -2.91 8.28
C ARG A 57 1.93 -1.71 8.80
N PRO A 58 0.61 -1.71 8.47
CA PRO A 58 -0.27 -0.64 8.90
C PRO A 58 -0.60 -0.75 10.39
N ALA A 59 -0.41 -1.94 10.92
CA ALA A 59 -0.67 -2.19 12.33
C ALA A 59 0.57 -1.86 13.14
N GLU A 60 1.67 -1.65 12.43
CA GLU A 60 2.93 -1.33 13.07
C GLU A 60 3.17 0.18 13.03
N TYR A 61 2.36 0.85 12.23
CA TYR A 61 2.48 2.30 12.09
C TYR A 61 1.91 3.02 13.31
N ASP A 62 2.11 4.33 13.33
CA ASP A 62 1.61 5.14 14.43
C ASP A 62 0.17 5.56 14.14
N PRO A 63 -0.40 6.35 15.09
CA PRO A 63 -1.76 6.83 14.95
C PRO A 63 -1.85 7.94 13.91
N LYS A 64 -1.05 8.97 14.13
CA LYS A 64 -1.03 10.12 13.23
C LYS A 64 -0.50 9.66 11.86
N ALA A 65 0.25 8.58 11.88
CA ALA A 65 0.82 8.04 10.65
C ALA A 65 -0.32 7.58 9.73
N LEU A 66 -1.09 6.63 10.22
CA LEU A 66 -2.20 6.09 9.46
C LEU A 66 -2.99 7.26 8.84
N MET A 67 -3.27 8.25 9.68
CA MET A 67 -4.00 9.42 9.23
C MET A 67 -3.22 10.19 8.17
N ALA A 68 -1.90 10.11 8.28
CA ALA A 68 -1.03 10.78 7.33
C ALA A 68 -0.90 9.95 6.06
N ILE A 69 -1.25 8.68 6.19
CA ILE A 69 -1.18 7.77 5.07
C ILE A 69 -2.45 7.89 4.22
N LEU A 70 -3.58 7.94 4.93
CA LEU A 70 -4.87 8.07 4.27
C LEU A 70 -4.95 9.43 3.58
N GLU A 71 -4.15 10.36 4.07
CA GLU A 71 -4.13 11.70 3.52
C GLU A 71 -3.09 11.80 2.40
N HIS A 72 -1.92 11.22 2.68
CA HIS A 72 -0.83 11.24 1.71
C HIS A 72 -1.07 10.15 0.66
N SER A 73 -2.03 9.29 0.95
CA SER A 73 -2.35 8.21 0.04
C SER A 73 -2.38 8.71 -1.40
N HIS A 74 -3.08 9.83 -1.58
CA HIS A 74 -3.19 10.44 -2.90
C HIS A 74 -1.83 10.39 -3.61
N ARG A 75 -0.78 10.40 -2.80
CA ARG A 75 0.57 10.36 -3.33
C ARG A 75 1.09 8.92 -3.34
N ILE A 76 0.77 8.20 -2.28
CA ILE A 76 1.22 6.82 -2.16
C ILE A 76 1.07 6.12 -3.51
N ARG A 77 2.18 5.60 -3.99
CA ARG A 77 2.20 4.91 -5.27
C ARG A 77 3.13 3.69 -5.21
N PHE A 78 2.58 2.55 -5.59
CA PHE A 78 3.35 1.32 -5.58
C PHE A 78 4.16 1.16 -6.87
N LYS A 79 5.25 0.42 -6.76
CA LYS A 79 6.12 0.19 -7.91
C LYS A 79 6.54 -1.29 -7.93
N LEU A 80 6.13 -1.96 -8.99
CA LEU A 80 6.45 -3.37 -9.15
C LEU A 80 7.76 -3.50 -9.94
N LYS A 81 8.56 -4.49 -9.56
CA LYS A 81 9.83 -4.72 -10.22
C LYS A 81 9.62 -4.72 -11.73
N ARG A 82 10.59 -4.15 -12.43
CA ARG A 82 10.52 -4.08 -13.88
C ARG A 82 9.27 -3.32 -14.32
N PRO A 83 9.24 -2.97 -15.63
CA PRO A 83 8.11 -2.24 -16.18
C PRO A 83 6.90 -3.16 -16.36
N SER A 84 7.11 -4.20 -17.15
CA SER A 84 6.04 -5.16 -17.42
C SER A 84 4.90 -4.47 -18.16
N SER A 85 4.01 -5.30 -18.71
CA SER A 85 2.87 -4.79 -19.45
C SER A 85 1.61 -5.57 -19.07
N GLY A 86 0.49 -4.86 -19.07
CA GLY A 86 -0.78 -5.46 -18.72
C GLY A 86 -1.83 -4.39 -18.37
N PRO A 87 -2.96 -4.43 -19.12
CA PRO A 87 -4.03 -3.47 -18.89
C PRO A 87 -4.80 -3.82 -17.61
N SER A 88 -5.54 -2.82 -17.12
CA SER A 88 -6.32 -3.00 -15.90
C SER A 88 -7.81 -3.08 -16.26
N SER A 89 -8.50 -3.98 -15.57
CA SER A 89 -9.92 -4.16 -15.80
C SER A 89 -10.22 -4.12 -17.30
N GLY A 90 -10.00 -5.26 -17.95
CA GLY A 90 -10.24 -5.36 -19.38
C GLY A 90 -11.39 -6.33 -19.68
N GLY A 1 -10.95 -9.67 2.28
CA GLY A 1 -10.85 -8.22 2.29
C GLY A 1 -11.98 -7.59 1.46
N SER A 2 -11.67 -7.31 0.21
CA SER A 2 -12.65 -6.70 -0.68
C SER A 2 -12.87 -5.24 -0.31
N SER A 3 -13.46 -5.04 0.85
CA SER A 3 -13.72 -3.70 1.34
C SER A 3 -13.68 -3.67 2.86
N GLY A 4 -13.38 -2.48 3.40
CA GLY A 4 -13.30 -2.31 4.84
C GLY A 4 -14.21 -1.18 5.31
N SER A 5 -14.00 -0.77 6.55
CA SER A 5 -14.80 0.31 7.13
C SER A 5 -14.31 0.61 8.54
N SER A 6 -14.14 1.90 8.80
CA SER A 6 -13.67 2.34 10.12
C SER A 6 -12.30 1.74 10.41
N GLY A 7 -11.66 2.28 11.43
CA GLY A 7 -10.35 1.81 11.83
C GLY A 7 -9.25 2.44 10.97
N LEU A 8 -8.47 3.31 11.61
CA LEU A 8 -7.39 4.00 10.92
C LEU A 8 -6.51 2.96 10.21
N ARG A 9 -6.04 1.99 11.00
CA ARG A 9 -5.19 0.94 10.45
C ARG A 9 -5.98 0.08 9.47
N LYS A 10 -7.25 -0.12 9.78
CA LYS A 10 -8.12 -0.92 8.94
C LYS A 10 -8.35 -0.18 7.62
N MET A 11 -8.28 1.14 7.70
CA MET A 11 -8.49 1.96 6.52
C MET A 11 -7.33 1.82 5.54
N VAL A 12 -6.12 2.00 6.06
CA VAL A 12 -4.92 1.89 5.25
C VAL A 12 -4.67 0.42 4.91
N GLU A 13 -5.16 -0.45 5.79
CA GLU A 13 -4.99 -1.87 5.60
C GLU A 13 -5.39 -2.27 4.17
N GLU A 14 -6.48 -1.69 3.71
CA GLU A 14 -6.97 -1.97 2.37
C GLU A 14 -6.19 -1.16 1.34
N VAL A 15 -5.92 0.08 1.69
CA VAL A 15 -5.18 0.97 0.82
C VAL A 15 -4.01 0.21 0.18
N PHE A 16 -3.02 -0.09 1.00
CA PHE A 16 -1.86 -0.81 0.54
C PHE A 16 -2.26 -2.05 -0.28
N ASP A 17 -3.31 -2.69 0.18
CA ASP A 17 -3.81 -3.89 -0.50
C ASP A 17 -4.26 -3.50 -1.91
N VAL A 18 -5.11 -2.47 -1.97
CA VAL A 18 -5.62 -2.01 -3.25
C VAL A 18 -4.46 -1.55 -4.13
N LEU A 19 -3.76 -0.54 -3.64
CA LEU A 19 -2.62 0.01 -4.37
C LEU A 19 -1.82 -1.14 -4.98
N TYR A 20 -1.44 -2.06 -4.12
CA TYR A 20 -0.67 -3.22 -4.56
C TYR A 20 -1.31 -3.88 -5.78
N SER A 21 -2.60 -4.17 -5.64
CA SER A 21 -3.35 -4.80 -6.71
C SER A 21 -3.32 -3.92 -7.96
N GLU A 22 -3.62 -2.65 -7.76
CA GLU A 22 -3.63 -1.70 -8.85
C GLU A 22 -2.39 -1.87 -9.72
N ALA A 23 -1.24 -1.85 -9.05
CA ALA A 23 0.03 -2.00 -9.74
C ALA A 23 0.11 -3.40 -10.36
N LEU A 24 -0.49 -4.36 -9.65
CA LEU A 24 -0.49 -5.73 -10.11
C LEU A 24 -1.45 -5.87 -11.30
N GLY A 25 -2.32 -4.88 -11.43
CA GLY A 25 -3.30 -4.87 -12.51
C GLY A 25 -4.22 -6.08 -12.43
N ARG A 26 -4.62 -6.40 -11.20
CA ARG A 26 -5.50 -7.52 -10.97
C ARG A 26 -6.96 -7.05 -10.92
N ALA A 27 -7.85 -8.02 -10.73
CA ALA A 27 -9.27 -7.72 -10.65
C ALA A 27 -9.69 -7.64 -9.19
N SER A 28 -9.26 -8.63 -8.43
CA SER A 28 -9.58 -8.69 -7.01
C SER A 28 -8.51 -7.97 -6.20
N VAL A 29 -8.84 -7.69 -4.95
CA VAL A 29 -7.92 -7.01 -4.06
C VAL A 29 -7.11 -8.04 -3.28
N VAL A 30 -5.86 -8.21 -3.70
CA VAL A 30 -4.98 -9.17 -3.04
C VAL A 30 -4.31 -8.50 -1.85
N PRO A 31 -3.87 -9.36 -0.88
CA PRO A 31 -3.22 -8.87 0.32
C PRO A 31 -1.78 -8.42 0.01
N LEU A 32 -1.17 -7.77 0.99
CA LEU A 32 0.19 -7.30 0.85
C LEU A 32 1.09 -8.00 1.87
N PRO A 33 1.84 -9.02 1.36
CA PRO A 33 2.74 -9.77 2.22
C PRO A 33 4.00 -8.96 2.56
N TYR A 34 3.84 -8.08 3.53
CA TYR A 34 4.95 -7.23 3.95
C TYR A 34 6.17 -8.09 4.34
N GLU A 35 5.94 -9.02 5.24
CA GLU A 35 7.00 -9.89 5.70
C GLU A 35 7.90 -10.29 4.53
N ARG A 36 7.29 -10.38 3.36
CA ARG A 36 8.03 -10.75 2.16
C ARG A 36 8.55 -9.49 1.46
N LEU A 37 7.62 -8.72 0.93
CA LEU A 37 7.98 -7.50 0.23
C LEU A 37 9.06 -6.76 1.02
N LEU A 38 8.90 -6.78 2.33
CA LEU A 38 9.86 -6.11 3.20
C LEU A 38 11.25 -6.70 2.97
N ARG A 39 11.29 -8.02 2.94
CA ARG A 39 12.55 -8.72 2.73
C ARG A 39 13.27 -8.16 1.51
N GLU A 40 12.50 -7.94 0.45
CA GLU A 40 13.05 -7.41 -0.78
C GLU A 40 12.34 -6.10 -1.16
N PRO A 41 13.06 -4.98 -0.93
CA PRO A 41 12.51 -3.66 -1.24
C PRO A 41 12.53 -3.41 -2.75
N GLY A 42 13.39 -4.15 -3.43
CA GLY A 42 13.52 -4.00 -4.87
C GLY A 42 12.34 -4.68 -5.59
N LEU A 43 11.81 -5.71 -4.95
CA LEU A 43 10.69 -6.44 -5.51
C LEU A 43 9.49 -5.51 -5.65
N LEU A 44 9.28 -4.69 -4.61
CA LEU A 44 8.18 -3.76 -4.61
C LEU A 44 8.56 -2.53 -3.77
N ALA A 45 8.74 -1.41 -4.45
CA ALA A 45 9.10 -0.18 -3.78
C ALA A 45 7.86 0.70 -3.64
N VAL A 46 7.69 1.23 -2.44
CA VAL A 46 6.55 2.09 -2.15
C VAL A 46 6.96 3.55 -2.34
N GLN A 47 6.14 4.26 -3.12
CA GLN A 47 6.40 5.67 -3.39
C GLN A 47 5.19 6.51 -3.02
N GLY A 48 5.41 7.82 -2.94
CA GLY A 48 4.36 8.74 -2.60
C GLY A 48 3.96 8.60 -1.13
N LEU A 49 4.95 8.25 -0.31
CA LEU A 49 4.71 8.08 1.11
C LEU A 49 4.35 9.42 1.73
N PRO A 50 3.83 9.36 2.99
CA PRO A 50 3.43 10.57 3.70
C PRO A 50 4.67 11.32 4.22
N GLU A 51 5.83 10.84 3.80
CA GLU A 51 7.08 11.46 4.20
C GLU A 51 7.25 11.36 5.72
N GLY A 52 8.49 11.19 6.13
CA GLY A 52 8.81 11.09 7.56
C GLY A 52 8.27 9.78 8.13
N LEU A 53 8.21 8.77 7.28
CA LEU A 53 7.73 7.47 7.70
C LEU A 53 8.60 6.38 7.07
N ALA A 54 8.15 5.14 7.21
CA ALA A 54 8.87 4.01 6.68
C ALA A 54 7.88 2.94 6.22
N PHE A 55 8.13 2.41 5.02
CA PHE A 55 7.26 1.38 4.48
C PHE A 55 7.22 0.16 5.39
N ARG A 56 6.07 -0.03 6.02
CA ARG A 56 5.89 -1.15 6.92
C ARG A 56 4.40 -1.36 7.21
N ARG A 57 4.10 -2.51 7.81
CA ARG A 57 2.73 -2.84 8.15
C ARG A 57 1.97 -1.60 8.61
N PRO A 58 0.64 -1.61 8.36
CA PRO A 58 -0.21 -0.49 8.75
C PRO A 58 -0.45 -0.47 10.26
N ALA A 59 -0.21 -1.63 10.87
CA ALA A 59 -0.39 -1.76 12.30
C ALA A 59 0.89 -1.34 13.02
N GLU A 60 2.00 -1.52 12.33
CA GLU A 60 3.30 -1.17 12.89
C GLU A 60 3.49 0.35 12.85
N TYR A 61 2.59 1.01 12.14
CA TYR A 61 2.65 2.45 12.02
C TYR A 61 2.05 3.15 13.24
N ASP A 62 2.24 4.45 13.30
CA ASP A 62 1.72 5.23 14.41
C ASP A 62 0.27 5.63 14.11
N PRO A 63 -0.33 6.37 15.08
CA PRO A 63 -1.71 6.82 14.93
C PRO A 63 -1.81 7.97 13.93
N LYS A 64 -0.96 8.97 14.15
CA LYS A 64 -0.94 10.13 13.27
C LYS A 64 -0.45 9.72 11.88
N ALA A 65 0.30 8.62 11.86
CA ALA A 65 0.84 8.11 10.61
C ALA A 65 -0.31 7.66 9.71
N LEU A 66 -1.02 6.65 10.19
CA LEU A 66 -2.15 6.11 9.43
C LEU A 66 -2.96 7.28 8.85
N MET A 67 -3.18 8.29 9.68
CA MET A 67 -3.94 9.45 9.26
C MET A 67 -3.20 10.22 8.16
N ALA A 68 -1.89 10.29 8.32
CA ALA A 68 -1.06 10.99 7.34
C ALA A 68 -0.96 10.15 6.07
N ILE A 69 -1.18 8.86 6.24
CA ILE A 69 -1.11 7.94 5.11
C ILE A 69 -2.40 8.06 4.28
N LEU A 70 -3.51 7.74 4.92
CA LEU A 70 -4.80 7.81 4.25
C LEU A 70 -4.92 9.16 3.52
N GLU A 71 -4.14 10.11 3.99
CA GLU A 71 -4.14 11.43 3.38
C GLU A 71 -3.16 11.49 2.22
N HIS A 72 -1.90 11.24 2.53
CA HIS A 72 -0.85 11.26 1.52
C HIS A 72 -1.04 10.08 0.57
N SER A 73 -1.93 9.19 0.95
CA SER A 73 -2.22 8.01 0.15
C SER A 73 -2.65 8.43 -1.25
N HIS A 74 -3.09 9.67 -1.35
CA HIS A 74 -3.54 10.21 -2.63
C HIS A 74 -2.37 10.23 -3.62
N ARG A 75 -1.17 10.16 -3.06
CA ARG A 75 0.04 10.16 -3.88
C ARG A 75 0.71 8.79 -3.85
N ILE A 76 0.54 8.12 -2.71
CA ILE A 76 1.13 6.80 -2.54
C ILE A 76 0.97 6.00 -3.84
N ARG A 77 2.10 5.51 -4.33
CA ARG A 77 2.11 4.74 -5.56
C ARG A 77 3.09 3.56 -5.44
N PHE A 78 2.59 2.38 -5.80
CA PHE A 78 3.40 1.18 -5.74
C PHE A 78 4.25 1.03 -7.01
N LYS A 79 5.39 0.37 -6.85
CA LYS A 79 6.29 0.14 -7.96
C LYS A 79 6.76 -1.31 -7.95
N LEU A 80 6.41 -2.02 -9.01
CA LEU A 80 6.78 -3.42 -9.13
C LEU A 80 8.10 -3.53 -9.90
N LYS A 81 8.91 -4.49 -9.50
CA LYS A 81 10.20 -4.70 -10.13
C LYS A 81 9.99 -4.82 -11.65
N ARG A 82 9.07 -5.69 -12.04
CA ARG A 82 8.78 -5.89 -13.44
C ARG A 82 7.64 -4.97 -13.89
N PRO A 83 7.65 -4.64 -15.20
CA PRO A 83 6.63 -3.78 -15.77
C PRO A 83 5.30 -4.52 -15.92
N SER A 84 4.22 -3.79 -15.72
CA SER A 84 2.88 -4.36 -15.83
C SER A 84 1.83 -3.29 -15.57
N SER A 85 0.77 -3.34 -16.35
CA SER A 85 -0.32 -2.39 -16.22
C SER A 85 -1.66 -3.12 -16.17
N GLY A 86 -2.63 -2.48 -15.53
CA GLY A 86 -3.96 -3.06 -15.41
C GLY A 86 -5.04 -1.99 -15.56
N PRO A 87 -6.30 -2.46 -15.69
CA PRO A 87 -7.44 -1.56 -15.84
C PRO A 87 -7.79 -0.89 -14.52
N SER A 88 -8.00 0.41 -14.58
CA SER A 88 -8.34 1.18 -13.40
C SER A 88 -9.85 1.11 -13.15
N SER A 89 -10.21 1.04 -11.88
CA SER A 89 -11.60 0.97 -11.49
C SER A 89 -11.77 1.46 -10.05
N GLY A 90 -12.95 2.01 -9.79
CA GLY A 90 -13.26 2.52 -8.46
C GLY A 90 -13.31 4.05 -8.46
N GLY A 1 -10.26 -8.63 2.88
CA GLY A 1 -10.26 -7.71 4.00
C GLY A 1 -10.77 -6.33 3.58
N SER A 2 -12.05 -6.25 3.31
CA SER A 2 -12.67 -5.00 2.89
C SER A 2 -14.09 -4.91 3.46
N SER A 3 -14.22 -4.09 4.50
CA SER A 3 -15.52 -3.91 5.13
C SER A 3 -16.24 -2.71 4.51
N GLY A 4 -15.67 -1.53 4.74
CA GLY A 4 -16.25 -0.31 4.20
C GLY A 4 -15.91 0.89 5.09
N SER A 5 -14.62 1.23 5.09
CA SER A 5 -14.15 2.35 5.89
C SER A 5 -14.55 2.16 7.35
N SER A 6 -13.57 1.75 8.15
CA SER A 6 -13.81 1.52 9.57
C SER A 6 -12.49 1.16 10.26
N GLY A 7 -11.85 2.18 10.81
CA GLY A 7 -10.58 1.98 11.50
C GLY A 7 -9.42 2.60 10.71
N LEU A 8 -8.65 3.41 11.41
CA LEU A 8 -7.51 4.07 10.79
C LEU A 8 -6.60 3.01 10.16
N ARG A 9 -6.16 2.08 11.00
CA ARG A 9 -5.29 1.02 10.54
C ARG A 9 -6.01 0.13 9.52
N LYS A 10 -7.32 0.01 9.71
CA LYS A 10 -8.14 -0.79 8.83
C LYS A 10 -8.30 -0.08 7.49
N MET A 11 -8.24 1.25 7.57
CA MET A 11 -8.39 2.06 6.37
C MET A 11 -7.17 1.91 5.45
N VAL A 12 -6.00 2.15 6.03
CA VAL A 12 -4.76 2.04 5.29
C VAL A 12 -4.54 0.58 4.87
N GLU A 13 -4.92 -0.32 5.78
CA GLU A 13 -4.78 -1.74 5.52
C GLU A 13 -5.09 -2.06 4.06
N GLU A 14 -6.17 -1.46 3.58
CA GLU A 14 -6.60 -1.67 2.20
C GLU A 14 -5.77 -0.81 1.26
N VAL A 15 -5.49 0.41 1.70
CA VAL A 15 -4.71 1.34 0.91
C VAL A 15 -3.47 0.62 0.36
N PHE A 16 -3.07 -0.41 1.08
CA PHE A 16 -1.90 -1.19 0.69
C PHE A 16 -2.31 -2.44 -0.07
N ASP A 17 -3.54 -2.88 0.17
CA ASP A 17 -4.06 -4.06 -0.48
C ASP A 17 -4.72 -3.66 -1.81
N VAL A 18 -4.89 -2.34 -1.97
CA VAL A 18 -5.49 -1.81 -3.17
C VAL A 18 -4.40 -1.44 -4.17
N LEU A 19 -3.73 -0.33 -3.88
CA LEU A 19 -2.65 0.14 -4.74
C LEU A 19 -1.85 -1.05 -5.26
N TYR A 20 -1.62 -2.00 -4.36
CA TYR A 20 -0.86 -3.19 -4.71
C TYR A 20 -1.55 -3.96 -5.84
N SER A 21 -2.76 -4.42 -5.55
CA SER A 21 -3.53 -5.17 -6.53
C SER A 21 -3.59 -4.40 -7.85
N GLU A 22 -3.70 -3.08 -7.72
CA GLU A 22 -3.77 -2.21 -8.88
C GLU A 22 -2.48 -2.32 -9.70
N ALA A 23 -1.36 -2.12 -9.02
CA ALA A 23 -0.07 -2.19 -9.67
C ALA A 23 0.17 -3.61 -10.19
N LEU A 24 -0.43 -4.57 -9.48
CA LEU A 24 -0.29 -5.96 -9.85
C LEU A 24 -1.17 -6.26 -11.06
N GLY A 25 -2.16 -5.39 -11.26
CA GLY A 25 -3.07 -5.54 -12.38
C GLY A 25 -3.94 -6.79 -12.22
N ARG A 26 -4.41 -7.00 -11.00
CA ARG A 26 -5.24 -8.15 -10.71
C ARG A 26 -6.72 -7.77 -10.77
N ALA A 27 -7.57 -8.78 -10.63
CA ALA A 27 -9.01 -8.56 -10.67
C ALA A 27 -9.51 -8.29 -9.25
N SER A 28 -9.12 -9.16 -8.34
CA SER A 28 -9.53 -9.02 -6.95
C SER A 28 -8.44 -8.31 -6.16
N VAL A 29 -8.76 -8.03 -4.90
CA VAL A 29 -7.82 -7.35 -4.02
C VAL A 29 -7.03 -8.38 -3.21
N VAL A 30 -5.71 -8.32 -3.35
CA VAL A 30 -4.84 -9.24 -2.65
C VAL A 30 -4.16 -8.50 -1.49
N PRO A 31 -3.74 -9.30 -0.47
CA PRO A 31 -3.06 -8.74 0.69
C PRO A 31 -1.62 -8.33 0.35
N LEU A 32 -1.03 -7.58 1.26
CA LEU A 32 0.33 -7.11 1.07
C LEU A 32 1.25 -7.83 2.07
N PRO A 33 1.98 -8.85 1.55
CA PRO A 33 2.90 -9.62 2.38
C PRO A 33 4.16 -8.82 2.69
N TYR A 34 4.02 -7.88 3.61
CA TYR A 34 5.14 -7.04 3.99
C TYR A 34 6.37 -7.89 4.33
N GLU A 35 6.15 -8.86 5.22
CA GLU A 35 7.23 -9.74 5.63
C GLU A 35 8.07 -10.15 4.43
N ARG A 36 7.42 -10.21 3.28
CA ARG A 36 8.09 -10.59 2.04
C ARG A 36 8.58 -9.34 1.30
N LEU A 37 7.63 -8.57 0.81
CA LEU A 37 7.94 -7.35 0.09
C LEU A 37 9.06 -6.60 0.82
N LEU A 38 9.00 -6.67 2.14
CA LEU A 38 10.00 -6.01 2.97
C LEU A 38 11.37 -6.64 2.71
N ARG A 39 11.39 -7.96 2.71
CA ARG A 39 12.63 -8.68 2.47
C ARG A 39 13.29 -8.21 1.18
N GLU A 40 12.47 -8.10 0.14
CA GLU A 40 12.95 -7.66 -1.16
C GLU A 40 12.25 -6.38 -1.58
N PRO A 41 13.01 -5.25 -1.48
CA PRO A 41 12.47 -3.94 -1.85
C PRO A 41 12.38 -3.80 -3.37
N GLY A 42 13.25 -4.54 -4.06
CA GLY A 42 13.27 -4.50 -5.51
C GLY A 42 12.01 -5.13 -6.10
N LEU A 43 11.47 -6.10 -5.37
CA LEU A 43 10.27 -6.78 -5.80
C LEU A 43 9.12 -5.79 -5.89
N LEU A 44 9.03 -4.93 -4.88
CA LEU A 44 7.99 -3.92 -4.83
C LEU A 44 8.43 -2.77 -3.92
N ALA A 45 8.68 -1.63 -4.55
CA ALA A 45 9.11 -0.45 -3.81
C ALA A 45 7.92 0.49 -3.62
N VAL A 46 7.75 0.95 -2.39
CA VAL A 46 6.66 1.85 -2.07
C VAL A 46 7.17 3.30 -2.12
N GLN A 47 6.65 4.04 -3.08
CA GLN A 47 7.05 5.43 -3.24
C GLN A 47 5.86 6.36 -2.94
N GLY A 48 6.19 7.63 -2.74
CA GLY A 48 5.17 8.61 -2.44
C GLY A 48 4.56 8.38 -1.05
N LEU A 49 5.39 7.87 -0.15
CA LEU A 49 4.96 7.60 1.21
C LEU A 49 4.86 8.90 1.98
N PRO A 50 4.18 8.83 3.16
CA PRO A 50 4.01 10.00 4.00
C PRO A 50 5.31 10.35 4.73
N GLU A 51 5.98 11.38 4.23
CA GLU A 51 7.23 11.81 4.83
C GLU A 51 7.20 11.59 6.33
N GLY A 52 8.37 11.29 6.88
CA GLY A 52 8.50 11.06 8.30
C GLY A 52 7.87 9.71 8.69
N LEU A 53 8.11 8.72 7.86
CA LEU A 53 7.59 7.39 8.10
C LEU A 53 8.49 6.35 7.42
N ALA A 54 8.01 5.12 7.41
CA ALA A 54 8.74 4.04 6.78
C ALA A 54 7.78 2.94 6.35
N PHE A 55 8.00 2.42 5.15
CA PHE A 55 7.16 1.37 4.61
C PHE A 55 7.15 0.15 5.54
N ARG A 56 6.01 -0.06 6.17
CA ARG A 56 5.85 -1.17 7.09
C ARG A 56 4.37 -1.42 7.37
N ARG A 57 4.10 -2.60 7.93
CA ARG A 57 2.73 -2.97 8.27
C ARG A 57 1.97 -1.76 8.81
N PRO A 58 0.64 -1.73 8.50
CA PRO A 58 -0.21 -0.65 8.96
C PRO A 58 -0.51 -0.77 10.45
N ALA A 59 -0.32 -1.97 10.97
CA ALA A 59 -0.56 -2.23 12.38
C ALA A 59 0.68 -1.86 13.18
N GLU A 60 1.76 -1.59 12.46
CA GLU A 60 3.01 -1.22 13.10
C GLU A 60 3.20 0.29 13.07
N TYR A 61 2.35 0.95 12.29
CA TYR A 61 2.40 2.39 12.16
C TYR A 61 1.77 3.07 13.37
N ASP A 62 1.97 4.37 13.45
CA ASP A 62 1.41 5.15 14.55
C ASP A 62 -0.03 5.53 14.23
N PRO A 63 -0.64 6.30 15.16
CA PRO A 63 -2.02 6.73 14.98
C PRO A 63 -2.12 7.86 13.96
N LYS A 64 -1.38 8.93 14.23
CA LYS A 64 -1.37 10.07 13.34
C LYS A 64 -0.80 9.66 11.98
N ALA A 65 0.04 8.63 12.01
CA ALA A 65 0.66 8.12 10.81
C ALA A 65 -0.43 7.69 9.83
N LEU A 66 -1.20 6.70 10.25
CA LEU A 66 -2.28 6.17 9.43
C LEU A 66 -3.05 7.34 8.81
N MET A 67 -3.44 8.28 9.67
CA MET A 67 -4.18 9.44 9.21
C MET A 67 -3.41 10.19 8.13
N ALA A 68 -2.09 10.20 8.28
CA ALA A 68 -1.23 10.88 7.33
C ALA A 68 -1.10 10.02 6.07
N ILE A 69 -1.19 8.71 6.27
CA ILE A 69 -1.08 7.77 5.16
C ILE A 69 -2.33 7.87 4.29
N LEU A 70 -3.48 7.89 4.96
CA LEU A 70 -4.75 7.98 4.27
C LEU A 70 -4.88 9.36 3.62
N GLU A 71 -4.12 10.31 4.15
CA GLU A 71 -4.14 11.65 3.62
C GLU A 71 -3.04 11.83 2.56
N HIS A 72 -1.92 11.18 2.81
CA HIS A 72 -0.79 11.26 1.89
C HIS A 72 -0.96 10.21 0.79
N SER A 73 -1.93 9.33 1.00
CA SER A 73 -2.20 8.28 0.04
C SER A 73 -2.21 8.87 -1.38
N HIS A 74 -2.64 10.12 -1.47
CA HIS A 74 -2.70 10.80 -2.75
C HIS A 74 -1.34 10.71 -3.45
N ARG A 75 -0.32 10.46 -2.65
CA ARG A 75 1.03 10.35 -3.17
C ARG A 75 1.46 8.88 -3.23
N ILE A 76 1.08 8.16 -2.19
CA ILE A 76 1.41 6.75 -2.11
C ILE A 76 1.28 6.11 -3.50
N ARG A 77 2.37 5.49 -3.93
CA ARG A 77 2.38 4.84 -5.24
C ARG A 77 3.24 3.57 -5.18
N PHE A 78 2.64 2.48 -5.66
CA PHE A 78 3.32 1.20 -5.67
C PHE A 78 4.13 1.02 -6.96
N LYS A 79 5.28 0.36 -6.81
CA LYS A 79 6.15 0.12 -7.95
C LYS A 79 6.56 -1.35 -7.96
N LEU A 80 6.15 -2.04 -9.01
CA LEU A 80 6.48 -3.45 -9.16
C LEU A 80 7.79 -3.59 -9.94
N LYS A 81 8.54 -4.61 -9.58
CA LYS A 81 9.82 -4.87 -10.23
C LYS A 81 9.62 -4.79 -11.75
N ARG A 82 10.64 -4.24 -12.41
CA ARG A 82 10.60 -4.10 -13.85
C ARG A 82 9.44 -3.18 -14.27
N PRO A 83 9.51 -2.71 -15.54
CA PRO A 83 8.49 -1.82 -16.07
C PRO A 83 7.21 -2.60 -16.39
N SER A 84 6.12 -2.18 -15.75
CA SER A 84 4.84 -2.83 -15.94
C SER A 84 3.77 -2.13 -15.11
N SER A 85 2.63 -1.88 -15.76
CA SER A 85 1.53 -1.21 -15.09
C SER A 85 0.20 -1.65 -15.71
N GLY A 86 -0.89 -1.34 -15.01
CA GLY A 86 -2.21 -1.69 -15.49
C GLY A 86 -3.14 -0.48 -15.44
N PRO A 87 -3.93 -0.41 -14.32
CA PRO A 87 -4.87 0.68 -14.14
C PRO A 87 -4.13 1.97 -13.75
N SER A 88 -4.92 3.01 -13.53
CA SER A 88 -4.37 4.31 -13.16
C SER A 88 -3.43 4.81 -14.25
N SER A 89 -3.27 6.12 -14.29
CA SER A 89 -2.39 6.74 -15.27
C SER A 89 -2.99 6.57 -16.67
N GLY A 90 -3.68 7.62 -17.12
CA GLY A 90 -4.29 7.59 -18.44
C GLY A 90 -5.38 8.67 -18.55
N GLY A 1 -14.00 -10.76 -1.37
CA GLY A 1 -13.73 -9.33 -1.28
C GLY A 1 -14.72 -8.64 -0.34
N SER A 2 -14.27 -8.44 0.89
CA SER A 2 -15.11 -7.79 1.88
C SER A 2 -14.89 -6.27 1.85
N SER A 3 -15.91 -5.56 1.41
CA SER A 3 -15.84 -4.11 1.31
C SER A 3 -16.44 -3.48 2.57
N GLY A 4 -15.71 -2.55 3.14
CA GLY A 4 -16.16 -1.86 4.34
C GLY A 4 -15.00 -1.11 5.01
N SER A 5 -15.25 0.17 5.29
CA SER A 5 -14.25 0.99 5.92
C SER A 5 -14.63 1.25 7.38
N SER A 6 -13.68 0.98 8.27
CA SER A 6 -13.89 1.16 9.69
C SER A 6 -12.57 1.08 10.44
N GLY A 7 -12.12 2.24 10.91
CA GLY A 7 -10.87 2.31 11.65
C GLY A 7 -9.80 3.04 10.83
N LEU A 8 -8.65 3.25 11.47
CA LEU A 8 -7.55 3.92 10.83
C LEU A 8 -6.63 2.89 10.16
N ARG A 9 -6.18 1.95 10.98
CA ARG A 9 -5.31 0.90 10.48
C ARG A 9 -6.04 0.01 9.47
N LYS A 10 -7.35 -0.07 9.66
CA LYS A 10 -8.18 -0.87 8.77
C LYS A 10 -8.30 -0.17 7.41
N MET A 11 -8.40 1.15 7.47
CA MET A 11 -8.51 1.94 6.26
C MET A 11 -7.27 1.81 5.39
N VAL A 12 -6.13 2.14 5.99
CA VAL A 12 -4.87 2.06 5.28
C VAL A 12 -4.62 0.60 4.84
N GLU A 13 -4.95 -0.31 5.73
CA GLU A 13 -4.78 -1.73 5.46
C GLU A 13 -5.11 -2.02 4.00
N GLU A 14 -6.22 -1.47 3.54
CA GLU A 14 -6.66 -1.66 2.18
C GLU A 14 -5.83 -0.80 1.23
N VAL A 15 -5.56 0.42 1.67
CA VAL A 15 -4.78 1.36 0.88
C VAL A 15 -3.52 0.64 0.35
N PHE A 16 -3.10 -0.36 1.10
CA PHE A 16 -1.91 -1.12 0.72
C PHE A 16 -2.31 -2.39 -0.03
N ASP A 17 -3.54 -2.82 0.19
CA ASP A 17 -4.05 -4.01 -0.46
C ASP A 17 -4.69 -3.64 -1.79
N VAL A 18 -4.88 -2.34 -1.98
CA VAL A 18 -5.48 -1.83 -3.20
C VAL A 18 -4.37 -1.47 -4.20
N LEU A 19 -3.72 -0.35 -3.92
CA LEU A 19 -2.64 0.12 -4.78
C LEU A 19 -1.83 -1.09 -5.27
N TYR A 20 -1.61 -2.02 -4.35
CA TYR A 20 -0.84 -3.21 -4.67
C TYR A 20 -1.48 -3.96 -5.85
N SER A 21 -2.68 -4.46 -5.62
CA SER A 21 -3.40 -5.20 -6.64
C SER A 21 -3.46 -4.38 -7.93
N GLU A 22 -3.69 -3.08 -7.77
CA GLU A 22 -3.77 -2.18 -8.90
C GLU A 22 -2.50 -2.27 -9.74
N ALA A 23 -1.37 -2.27 -9.05
CA ALA A 23 -0.09 -2.36 -9.72
C ALA A 23 0.16 -3.79 -10.18
N LEU A 24 -0.41 -4.73 -9.44
CA LEU A 24 -0.27 -6.14 -9.77
C LEU A 24 -1.10 -6.44 -11.01
N GLY A 25 -2.06 -5.58 -11.27
CA GLY A 25 -2.93 -5.75 -12.42
C GLY A 25 -3.83 -6.98 -12.25
N ARG A 26 -4.33 -7.14 -11.04
CA ARG A 26 -5.21 -8.27 -10.74
C ARG A 26 -6.67 -7.84 -10.80
N ALA A 27 -7.55 -8.81 -10.64
CA ALA A 27 -8.98 -8.55 -10.67
C ALA A 27 -9.48 -8.29 -9.26
N SER A 28 -9.09 -9.18 -8.35
CA SER A 28 -9.49 -9.06 -6.96
C SER A 28 -8.39 -8.37 -6.16
N VAL A 29 -8.73 -8.01 -4.92
CA VAL A 29 -7.78 -7.35 -4.05
C VAL A 29 -7.01 -8.39 -3.25
N VAL A 30 -5.69 -8.36 -3.39
CA VAL A 30 -4.84 -9.29 -2.69
C VAL A 30 -4.15 -8.58 -1.52
N PRO A 31 -3.73 -9.40 -0.52
CA PRO A 31 -3.06 -8.85 0.66
C PRO A 31 -1.62 -8.44 0.33
N LEU A 32 -1.04 -7.67 1.23
CA LEU A 32 0.33 -7.21 1.06
C LEU A 32 1.24 -7.90 2.07
N PRO A 33 1.97 -8.94 1.56
CA PRO A 33 2.88 -9.69 2.42
C PRO A 33 4.14 -8.88 2.72
N TYR A 34 4.03 -8.00 3.71
CA TYR A 34 5.14 -7.18 4.10
C TYR A 34 6.37 -8.03 4.44
N GLU A 35 6.17 -8.96 5.36
CA GLU A 35 7.24 -9.84 5.77
C GLU A 35 8.10 -10.25 4.57
N ARG A 36 7.45 -10.29 3.41
CA ARG A 36 8.14 -10.65 2.19
C ARG A 36 8.60 -9.41 1.45
N LEU A 37 7.63 -8.65 0.95
CA LEU A 37 7.92 -7.43 0.22
C LEU A 37 9.02 -6.66 0.95
N LEU A 38 8.97 -6.74 2.27
CA LEU A 38 9.94 -6.04 3.10
C LEU A 38 11.34 -6.60 2.82
N ARG A 39 11.41 -7.93 2.79
CA ARG A 39 12.67 -8.60 2.53
C ARG A 39 13.31 -8.05 1.25
N GLU A 40 12.49 -7.96 0.22
CA GLU A 40 12.96 -7.46 -1.06
C GLU A 40 12.27 -6.13 -1.41
N PRO A 41 13.03 -5.02 -1.21
CA PRO A 41 12.51 -3.70 -1.49
C PRO A 41 12.45 -3.43 -2.99
N GLY A 42 13.27 -4.17 -3.72
CA GLY A 42 13.33 -4.04 -5.17
C GLY A 42 12.10 -4.67 -5.83
N LEU A 43 11.65 -5.76 -5.22
CA LEU A 43 10.49 -6.47 -5.74
C LEU A 43 9.31 -5.52 -5.83
N LEU A 44 9.15 -4.70 -4.79
CA LEU A 44 8.07 -3.74 -4.75
C LEU A 44 8.48 -2.56 -3.87
N ALA A 45 8.69 -1.42 -4.52
CA ALA A 45 9.08 -0.21 -3.81
C ALA A 45 7.86 0.70 -3.65
N VAL A 46 7.63 1.11 -2.40
CA VAL A 46 6.52 1.98 -2.10
C VAL A 46 6.98 3.44 -2.14
N GLN A 47 6.34 4.19 -3.03
CA GLN A 47 6.67 5.59 -3.19
C GLN A 47 5.46 6.47 -2.84
N GLY A 48 5.73 7.75 -2.68
CA GLY A 48 4.68 8.69 -2.33
C GLY A 48 4.14 8.44 -0.93
N LEU A 49 5.02 7.95 -0.07
CA LEU A 49 4.64 7.66 1.30
C LEU A 49 4.55 8.97 2.09
N PRO A 50 3.92 8.87 3.30
CA PRO A 50 3.77 10.03 4.15
C PRO A 50 5.09 10.40 4.83
N GLU A 51 5.71 11.45 4.31
CA GLU A 51 6.98 11.91 4.85
C GLU A 51 7.03 11.67 6.36
N GLY A 52 8.23 11.37 6.84
CA GLY A 52 8.43 11.11 8.26
C GLY A 52 7.84 9.76 8.66
N LEU A 53 8.09 8.77 7.82
CA LEU A 53 7.60 7.43 8.07
C LEU A 53 8.48 6.41 7.33
N ALA A 54 8.02 5.17 7.33
CA ALA A 54 8.75 4.11 6.67
C ALA A 54 7.78 3.01 6.25
N PHE A 55 8.02 2.45 5.08
CA PHE A 55 7.17 1.39 4.55
C PHE A 55 7.18 0.18 5.50
N ARG A 56 6.03 -0.02 6.13
CA ARG A 56 5.88 -1.13 7.06
C ARG A 56 4.40 -1.39 7.34
N ARG A 57 4.14 -2.54 7.96
CA ARG A 57 2.77 -2.92 8.29
C ARG A 57 1.98 -1.69 8.74
N PRO A 58 0.65 -1.74 8.47
CA PRO A 58 -0.24 -0.65 8.85
C PRO A 58 -0.50 -0.64 10.36
N ALA A 59 -0.22 -1.78 10.98
CA ALA A 59 -0.43 -1.92 12.40
C ALA A 59 0.82 -1.43 13.15
N GLU A 60 1.96 -1.60 12.49
CA GLU A 60 3.23 -1.18 13.06
C GLU A 60 3.34 0.35 13.05
N TYR A 61 2.53 0.96 12.21
CA TYR A 61 2.52 2.40 12.10
C TYR A 61 1.88 3.06 13.32
N ASP A 62 2.07 4.36 13.43
CA ASP A 62 1.51 5.11 14.54
C ASP A 62 0.07 5.50 14.22
N PRO A 63 -0.55 6.25 15.17
CA PRO A 63 -1.93 6.70 15.00
C PRO A 63 -2.01 7.85 14.00
N LYS A 64 -1.17 8.86 14.23
CA LYS A 64 -1.15 10.01 13.35
C LYS A 64 -0.60 9.60 11.99
N ALA A 65 0.18 8.53 11.99
CA ALA A 65 0.77 8.02 10.76
C ALA A 65 -0.35 7.56 9.82
N LEU A 66 -1.10 6.57 10.29
CA LEU A 66 -2.20 6.04 9.50
C LEU A 66 -2.97 7.18 8.86
N MET A 67 -3.23 8.21 9.66
CA MET A 67 -3.96 9.36 9.19
C MET A 67 -3.17 10.11 8.11
N ALA A 68 -1.85 10.12 8.28
CA ALA A 68 -0.98 10.79 7.34
C ALA A 68 -0.88 9.94 6.06
N ILE A 69 -1.23 8.68 6.20
CA ILE A 69 -1.19 7.76 5.07
C ILE A 69 -2.45 7.95 4.22
N LEU A 70 -3.56 8.14 4.91
CA LEU A 70 -4.84 8.33 4.24
C LEU A 70 -4.83 9.69 3.52
N GLU A 71 -4.05 10.60 4.06
CA GLU A 71 -3.93 11.93 3.48
C GLU A 71 -2.86 11.96 2.41
N HIS A 72 -1.76 11.28 2.69
CA HIS A 72 -0.65 11.22 1.76
C HIS A 72 -0.90 10.12 0.73
N SER A 73 -1.92 9.32 1.01
CA SER A 73 -2.29 8.23 0.12
C SER A 73 -2.32 8.73 -1.33
N HIS A 74 -2.90 9.91 -1.51
CA HIS A 74 -3.00 10.51 -2.83
C HIS A 74 -1.64 10.46 -3.52
N ARG A 75 -0.60 10.38 -2.70
CA ARG A 75 0.76 10.33 -3.21
C ARG A 75 1.25 8.88 -3.29
N ILE A 76 0.89 8.12 -2.26
CA ILE A 76 1.27 6.72 -2.19
C ILE A 76 1.15 6.09 -3.59
N ARG A 77 2.24 5.49 -4.03
CA ARG A 77 2.27 4.85 -5.33
C ARG A 77 3.12 3.57 -5.27
N PHE A 78 2.49 2.47 -5.70
CA PHE A 78 3.17 1.20 -5.70
C PHE A 78 3.98 1.00 -6.98
N LYS A 79 5.16 0.41 -6.82
CA LYS A 79 6.04 0.17 -7.96
C LYS A 79 6.49 -1.29 -7.94
N LEU A 80 6.09 -2.01 -8.97
CA LEU A 80 6.44 -3.42 -9.09
C LEU A 80 7.76 -3.54 -9.86
N LYS A 81 8.42 -4.67 -9.66
CA LYS A 81 9.69 -4.92 -10.32
C LYS A 81 9.42 -5.40 -11.75
N ARG A 82 9.28 -6.72 -11.87
CA ARG A 82 9.03 -7.31 -13.18
C ARG A 82 7.97 -6.51 -13.93
N PRO A 83 7.86 -6.81 -15.26
CA PRO A 83 6.89 -6.12 -16.10
C PRO A 83 5.47 -6.61 -15.82
N SER A 84 4.64 -5.69 -15.35
CA SER A 84 3.26 -6.00 -15.04
C SER A 84 2.53 -4.75 -14.55
N SER A 85 1.60 -4.29 -15.37
CA SER A 85 0.82 -3.11 -15.05
C SER A 85 -0.59 -3.23 -15.63
N GLY A 86 -1.50 -2.44 -15.08
CA GLY A 86 -2.88 -2.44 -15.54
C GLY A 86 -3.51 -1.06 -15.37
N PRO A 87 -4.86 -1.07 -15.25
CA PRO A 87 -5.61 0.17 -15.09
C PRO A 87 -5.45 0.73 -13.67
N SER A 88 -6.08 1.87 -13.44
CA SER A 88 -6.01 2.51 -12.13
C SER A 88 -7.08 3.60 -12.04
N SER A 89 -7.57 3.79 -10.81
CA SER A 89 -8.60 4.79 -10.58
C SER A 89 -8.21 5.65 -9.37
N GLY A 90 -7.55 6.76 -9.65
CA GLY A 90 -7.12 7.67 -8.60
C GLY A 90 -8.27 8.57 -8.15
N GLY A 1 -17.22 -7.65 -5.17
CA GLY A 1 -17.97 -7.14 -4.04
C GLY A 1 -17.04 -6.62 -2.94
N SER A 2 -17.30 -5.41 -2.49
CA SER A 2 -16.50 -4.81 -1.44
C SER A 2 -17.15 -3.50 -0.98
N SER A 3 -17.24 -3.36 0.34
CA SER A 3 -17.83 -2.17 0.92
C SER A 3 -17.77 -2.25 2.44
N GLY A 4 -17.51 -1.10 3.06
CA GLY A 4 -17.42 -1.03 4.51
C GLY A 4 -16.08 -0.44 4.94
N SER A 5 -15.30 -1.25 5.64
CA SER A 5 -13.99 -0.83 6.12
C SER A 5 -14.16 0.26 7.18
N SER A 6 -13.64 -0.03 8.36
CA SER A 6 -13.72 0.91 9.47
C SER A 6 -12.48 0.78 10.36
N GLY A 7 -11.84 1.91 10.61
CA GLY A 7 -10.66 1.94 11.45
C GLY A 7 -9.47 2.56 10.70
N LEU A 8 -8.78 3.46 11.40
CA LEU A 8 -7.63 4.13 10.82
C LEU A 8 -6.73 3.10 10.15
N ARG A 9 -6.33 2.10 10.92
CA ARG A 9 -5.47 1.05 10.41
C ARG A 9 -6.21 0.19 9.39
N LYS A 10 -7.51 0.00 9.66
CA LYS A 10 -8.34 -0.80 8.79
C LYS A 10 -8.50 -0.08 7.44
N MET A 11 -8.28 1.23 7.48
CA MET A 11 -8.39 2.05 6.27
C MET A 11 -7.14 1.91 5.41
N VAL A 12 -5.99 2.07 6.05
CA VAL A 12 -4.72 1.96 5.35
C VAL A 12 -4.44 0.49 5.02
N GLU A 13 -5.10 -0.38 5.76
CA GLU A 13 -4.94 -1.81 5.56
C GLU A 13 -5.29 -2.18 4.12
N GLU A 14 -6.33 -1.55 3.61
CA GLU A 14 -6.77 -1.81 2.25
C GLU A 14 -5.97 -0.96 1.26
N VAL A 15 -5.70 0.26 1.68
CA VAL A 15 -4.95 1.19 0.85
C VAL A 15 -3.70 0.47 0.30
N PHE A 16 -3.18 -0.44 1.11
CA PHE A 16 -2.01 -1.19 0.72
C PHE A 16 -2.39 -2.44 -0.08
N ASP A 17 -3.63 -2.86 0.12
CA ASP A 17 -4.13 -4.04 -0.58
C ASP A 17 -4.75 -3.62 -1.91
N VAL A 18 -4.92 -2.31 -2.06
CA VAL A 18 -5.49 -1.77 -3.28
C VAL A 18 -4.38 -1.39 -4.25
N LEU A 19 -3.70 -0.29 -3.92
CA LEU A 19 -2.61 0.19 -4.74
C LEU A 19 -1.79 -1.00 -5.25
N TYR A 20 -1.66 -2.00 -4.38
CA TYR A 20 -0.91 -3.19 -4.73
C TYR A 20 -1.59 -3.95 -5.86
N SER A 21 -2.78 -4.45 -5.56
CA SER A 21 -3.55 -5.20 -6.55
C SER A 21 -3.63 -4.42 -7.85
N GLU A 22 -3.61 -3.11 -7.72
CA GLU A 22 -3.70 -2.23 -8.87
C GLU A 22 -2.42 -2.34 -9.71
N ALA A 23 -1.29 -2.17 -9.03
CA ALA A 23 0.00 -2.25 -9.69
C ALA A 23 0.21 -3.66 -10.23
N LEU A 24 -0.38 -4.62 -9.52
CA LEU A 24 -0.26 -6.01 -9.90
C LEU A 24 -1.17 -6.28 -11.11
N GLY A 25 -2.20 -5.46 -11.22
CA GLY A 25 -3.15 -5.60 -12.32
C GLY A 25 -3.97 -6.88 -12.16
N ARG A 26 -4.52 -7.06 -10.97
CA ARG A 26 -5.32 -8.23 -10.69
C ARG A 26 -6.81 -7.87 -10.72
N ALA A 27 -7.64 -8.89 -10.56
CA ALA A 27 -9.09 -8.70 -10.58
C ALA A 27 -9.57 -8.41 -9.16
N SER A 28 -9.18 -9.30 -8.25
CA SER A 28 -9.56 -9.16 -6.86
C SER A 28 -8.47 -8.42 -6.08
N VAL A 29 -8.78 -8.14 -4.83
CA VAL A 29 -7.83 -7.45 -3.96
C VAL A 29 -7.03 -8.47 -3.16
N VAL A 30 -5.71 -8.38 -3.29
CA VAL A 30 -4.83 -9.29 -2.58
C VAL A 30 -4.14 -8.53 -1.45
N PRO A 31 -3.69 -9.32 -0.43
CA PRO A 31 -3.01 -8.73 0.72
C PRO A 31 -1.58 -8.33 0.37
N LEU A 32 -0.99 -7.53 1.25
CA LEU A 32 0.37 -7.06 1.04
C LEU A 32 1.29 -7.75 2.04
N PRO A 33 2.02 -8.78 1.55
CA PRO A 33 2.94 -9.52 2.39
C PRO A 33 4.22 -8.71 2.64
N TYR A 34 4.11 -7.78 3.58
CA TYR A 34 5.25 -6.94 3.93
C TYR A 34 6.47 -7.78 4.28
N GLU A 35 6.26 -8.71 5.21
CA GLU A 35 7.33 -9.59 5.64
C GLU A 35 8.19 -10.02 4.45
N ARG A 36 7.53 -10.12 3.30
CA ARG A 36 8.21 -10.53 2.08
C ARG A 36 8.71 -9.29 1.32
N LEU A 37 7.75 -8.53 0.81
CA LEU A 37 8.07 -7.33 0.06
C LEU A 37 9.19 -6.57 0.77
N LEU A 38 9.12 -6.59 2.10
CA LEU A 38 10.11 -5.90 2.90
C LEU A 38 11.48 -6.53 2.64
N ARG A 39 11.52 -7.85 2.67
CA ARG A 39 12.76 -8.57 2.43
C ARG A 39 13.37 -8.14 1.10
N GLU A 40 12.53 -8.10 0.08
CA GLU A 40 12.96 -7.71 -1.24
C GLU A 40 12.28 -6.42 -1.68
N PRO A 41 13.06 -5.31 -1.64
CA PRO A 41 12.54 -4.01 -2.03
C PRO A 41 12.40 -3.90 -3.55
N GLY A 42 13.25 -4.65 -4.24
CA GLY A 42 13.24 -4.66 -5.70
C GLY A 42 11.96 -5.31 -6.23
N LEU A 43 11.45 -6.26 -5.46
CA LEU A 43 10.24 -6.96 -5.85
C LEU A 43 9.09 -5.97 -5.96
N LEU A 44 9.04 -5.06 -4.99
CA LEU A 44 8.00 -4.05 -4.96
C LEU A 44 8.40 -2.93 -4.01
N ALA A 45 8.70 -1.78 -4.60
CA ALA A 45 9.10 -0.62 -3.81
C ALA A 45 7.89 0.31 -3.62
N VAL A 46 7.76 0.81 -2.40
CA VAL A 46 6.67 1.71 -2.08
C VAL A 46 7.16 3.15 -2.13
N GLN A 47 6.59 3.91 -3.05
CA GLN A 47 6.96 5.30 -3.23
C GLN A 47 5.77 6.21 -2.94
N GLY A 48 6.06 7.49 -2.76
CA GLY A 48 5.02 8.46 -2.48
C GLY A 48 4.44 8.25 -1.07
N LEU A 49 5.28 7.74 -0.18
CA LEU A 49 4.86 7.48 1.18
C LEU A 49 4.79 8.81 1.94
N PRO A 50 4.12 8.75 3.13
CA PRO A 50 3.97 9.93 3.96
C PRO A 50 5.29 10.26 4.68
N GLU A 51 5.99 11.25 4.13
CA GLU A 51 7.25 11.67 4.71
C GLU A 51 7.24 11.48 6.23
N GLY A 52 8.41 11.15 6.76
CA GLY A 52 8.55 10.93 8.20
C GLY A 52 7.89 9.62 8.61
N LEU A 53 8.13 8.60 7.80
CA LEU A 53 7.58 7.28 8.08
C LEU A 53 8.45 6.21 7.40
N ALA A 54 7.94 4.99 7.41
CA ALA A 54 8.66 3.88 6.80
C ALA A 54 7.66 2.80 6.38
N PHE A 55 7.87 2.26 5.19
CA PHE A 55 7.01 1.23 4.66
C PHE A 55 6.98 0.02 5.59
N ARG A 56 5.83 -0.18 6.21
CA ARG A 56 5.66 -1.30 7.14
C ARG A 56 4.17 -1.54 7.41
N ARG A 57 3.90 -2.61 8.13
CA ARG A 57 2.53 -2.96 8.48
C ARG A 57 1.79 -1.73 9.03
N PRO A 58 0.47 -1.66 8.72
CA PRO A 58 -0.34 -0.56 9.18
C PRO A 58 -0.67 -0.70 10.66
N ALA A 59 -0.47 -1.91 11.17
CA ALA A 59 -0.74 -2.19 12.57
C ALA A 59 0.46 -1.77 13.42
N GLU A 60 1.59 -1.61 12.74
CA GLU A 60 2.82 -1.22 13.41
C GLU A 60 2.97 0.31 13.37
N TYR A 61 2.26 0.92 12.44
CA TYR A 61 2.31 2.37 12.29
C TYR A 61 1.67 3.07 13.49
N ASP A 62 1.92 4.36 13.58
CA ASP A 62 1.37 5.15 14.67
C ASP A 62 -0.06 5.57 14.33
N PRO A 63 -0.67 6.34 15.26
CA PRO A 63 -2.03 6.82 15.08
C PRO A 63 -2.08 7.95 14.04
N LYS A 64 -1.25 8.96 14.29
CA LYS A 64 -1.19 10.11 13.40
C LYS A 64 -0.65 9.66 12.04
N ALA A 65 0.09 8.56 12.07
CA ALA A 65 0.68 8.01 10.85
C ALA A 65 -0.44 7.60 9.89
N LEU A 66 -1.24 6.65 10.35
CA LEU A 66 -2.35 6.15 9.56
C LEU A 66 -3.10 7.33 8.93
N MET A 67 -3.37 8.32 9.77
CA MET A 67 -4.08 9.51 9.31
C MET A 67 -3.24 10.28 8.28
N ALA A 68 -1.94 10.16 8.41
CA ALA A 68 -1.02 10.83 7.50
C ALA A 68 -0.89 10.01 6.22
N ILE A 69 -1.21 8.73 6.33
CA ILE A 69 -1.13 7.83 5.20
C ILE A 69 -2.40 7.97 4.36
N LEU A 70 -3.52 8.08 5.05
CA LEU A 70 -4.81 8.23 4.39
C LEU A 70 -4.86 9.58 3.67
N GLU A 71 -4.01 10.49 4.12
CA GLU A 71 -3.95 11.81 3.53
C GLU A 71 -2.89 11.86 2.44
N HIS A 72 -1.77 11.18 2.71
CA HIS A 72 -0.68 11.13 1.76
C HIS A 72 -0.94 10.03 0.73
N SER A 73 -1.94 9.22 1.02
CA SER A 73 -2.29 8.12 0.13
C SER A 73 -2.35 8.63 -1.32
N HIS A 74 -2.90 9.82 -1.48
CA HIS A 74 -3.01 10.42 -2.80
C HIS A 74 -1.65 10.38 -3.51
N ARG A 75 -0.60 10.27 -2.70
CA ARG A 75 0.74 10.22 -3.23
C ARG A 75 1.25 8.77 -3.26
N ILE A 76 0.88 8.03 -2.22
CA ILE A 76 1.30 6.64 -2.12
C ILE A 76 1.17 5.98 -3.50
N ARG A 77 2.31 5.51 -4.00
CA ARG A 77 2.35 4.87 -5.29
C ARG A 77 3.20 3.60 -5.22
N PHE A 78 2.61 2.49 -5.65
CA PHE A 78 3.30 1.21 -5.65
C PHE A 78 4.12 1.03 -6.92
N LYS A 79 5.27 0.39 -6.75
CA LYS A 79 6.16 0.14 -7.87
C LYS A 79 6.56 -1.34 -7.90
N LEU A 80 6.17 -2.01 -8.96
CA LEU A 80 6.47 -3.42 -9.11
C LEU A 80 7.81 -3.57 -9.84
N LYS A 81 8.44 -4.71 -9.64
CA LYS A 81 9.71 -5.00 -10.26
C LYS A 81 9.59 -4.80 -11.78
N ARG A 82 8.34 -4.86 -12.25
CA ARG A 82 8.07 -4.68 -13.66
C ARG A 82 7.42 -3.32 -13.91
N PRO A 83 7.76 -2.72 -15.08
CA PRO A 83 7.22 -1.43 -15.46
C PRO A 83 5.76 -1.56 -15.91
N SER A 84 5.46 -2.71 -16.51
CA SER A 84 4.12 -2.97 -17.00
C SER A 84 3.13 -3.00 -15.83
N SER A 85 2.15 -2.11 -15.91
CA SER A 85 1.14 -2.01 -14.86
C SER A 85 0.02 -1.08 -15.31
N GLY A 86 -1.20 -1.46 -14.95
CA GLY A 86 -2.36 -0.67 -15.31
C GLY A 86 -2.88 -1.05 -16.70
N PRO A 87 -3.59 -2.21 -16.75
CA PRO A 87 -4.14 -2.69 -18.01
C PRO A 87 -5.37 -1.89 -18.41
N SER A 88 -6.26 -1.70 -17.45
CA SER A 88 -7.48 -0.95 -17.68
C SER A 88 -7.15 0.38 -18.37
N SER A 89 -8.10 0.84 -19.18
CA SER A 89 -7.93 2.09 -19.91
C SER A 89 -6.55 2.11 -20.57
N GLY A 90 -6.52 1.61 -21.81
CA GLY A 90 -5.29 1.57 -22.57
C GLY A 90 -5.57 1.48 -24.06
#